data_6FIT
# 
_entry.id   6FIT 
# 
_audit_conform.dict_name       mmcif_pdbx.dic 
_audit_conform.dict_version    5.387 
_audit_conform.dict_location   http://mmcif.pdb.org/dictionaries/ascii/mmcif_pdbx.dic 
# 
loop_
_database_2.database_id 
_database_2.database_code 
_database_2.pdbx_database_accession 
_database_2.pdbx_DOI 
PDB   6FIT         pdb_00006fit 10.2210/pdb6fit/pdb 
WWPDB D_1000179819 ?            ?                   
# 
loop_
_pdbx_audit_revision_history.ordinal 
_pdbx_audit_revision_history.data_content_type 
_pdbx_audit_revision_history.major_revision 
_pdbx_audit_revision_history.minor_revision 
_pdbx_audit_revision_history.revision_date 
1 'Structure model' 1 0 1998-03-25 
2 'Structure model' 1 1 2008-03-25 
3 'Structure model' 1 2 2011-07-13 
4 'Structure model' 1 3 2024-03-13 
# 
_pdbx_audit_revision_details.ordinal             1 
_pdbx_audit_revision_details.revision_ordinal    1 
_pdbx_audit_revision_details.data_content_type   'Structure model' 
_pdbx_audit_revision_details.provider            repository 
_pdbx_audit_revision_details.type                'Initial release' 
_pdbx_audit_revision_details.description         ? 
_pdbx_audit_revision_details.details             ? 
# 
loop_
_pdbx_audit_revision_group.ordinal 
_pdbx_audit_revision_group.revision_ordinal 
_pdbx_audit_revision_group.data_content_type 
_pdbx_audit_revision_group.group 
1 2 'Structure model' 'Version format compliance' 
2 3 'Structure model' 'Version format compliance' 
3 4 'Structure model' 'Data collection'           
4 4 'Structure model' 'Database references'       
5 4 'Structure model' 'Derived calculations'      
6 4 'Structure model' Other                       
# 
loop_
_pdbx_audit_revision_category.ordinal 
_pdbx_audit_revision_category.revision_ordinal 
_pdbx_audit_revision_category.data_content_type 
_pdbx_audit_revision_category.category 
1 4 'Structure model' chem_comp_atom       
2 4 'Structure model' chem_comp_bond       
3 4 'Structure model' database_2           
4 4 'Structure model' pdbx_database_status 
5 4 'Structure model' struct_conn          
6 4 'Structure model' struct_site          
# 
loop_
_pdbx_audit_revision_item.ordinal 
_pdbx_audit_revision_item.revision_ordinal 
_pdbx_audit_revision_item.data_content_type 
_pdbx_audit_revision_item.item 
1  4 'Structure model' '_database_2.pdbx_DOI'                
2  4 'Structure model' '_database_2.pdbx_database_accession' 
3  4 'Structure model' '_pdbx_database_status.process_site'  
4  4 'Structure model' '_struct_conn.ptnr1_auth_comp_id'     
5  4 'Structure model' '_struct_conn.ptnr1_auth_seq_id'      
6  4 'Structure model' '_struct_conn.ptnr1_label_asym_id'    
7  4 'Structure model' '_struct_conn.ptnr1_label_atom_id'    
8  4 'Structure model' '_struct_conn.ptnr1_label_comp_id'    
9  4 'Structure model' '_struct_conn.ptnr1_label_seq_id'     
10 4 'Structure model' '_struct_conn.ptnr2_auth_comp_id'     
11 4 'Structure model' '_struct_conn.ptnr2_auth_seq_id'      
12 4 'Structure model' '_struct_conn.ptnr2_label_asym_id'    
13 4 'Structure model' '_struct_conn.ptnr2_label_atom_id'    
14 4 'Structure model' '_struct_conn.ptnr2_label_comp_id'    
15 4 'Structure model' '_struct_conn.ptnr2_label_seq_id'     
16 4 'Structure model' '_struct_site.pdbx_auth_asym_id'      
17 4 'Structure model' '_struct_site.pdbx_auth_comp_id'      
18 4 'Structure model' '_struct_site.pdbx_auth_seq_id'       
# 
_pdbx_database_status.status_code                     REL 
_pdbx_database_status.entry_id                        6FIT 
_pdbx_database_status.recvd_initial_deposition_date   1997-09-25 
_pdbx_database_status.deposit_site                    ? 
_pdbx_database_status.process_site                    BNL 
_pdbx_database_status.SG_entry                        . 
_pdbx_database_status.pdb_format_compatible           Y 
_pdbx_database_status.status_code_mr                  ? 
_pdbx_database_status.status_code_sf                  ? 
_pdbx_database_status.status_code_cs                  ? 
_pdbx_database_status.status_code_nmr_data            ? 
_pdbx_database_status.methods_development_category    ? 
# 
loop_
_audit_author.name 
_audit_author.pdbx_ordinal 
'Lima, C.D.'        1 
'Klein, M.G.'       2 
'Hendrickson, W.A.' 3 
# 
loop_
_citation.id 
_citation.title 
_citation.journal_abbrev 
_citation.journal_volume 
_citation.page_first 
_citation.page_last 
_citation.year 
_citation.journal_id_ASTM 
_citation.country 
_citation.journal_id_ISSN 
_citation.journal_id_CSD 
_citation.book_publisher 
_citation.pdbx_database_id_PubMed 
_citation.pdbx_database_id_DOI 
primary 'Structure-based analysis of catalysis and substrate definition in the HIT protein family.' Science   278 286 290 1997 
SCIEAS US 0036-8075 0038 ? 9323207 10.1126/science.278.5336.286 
1       'MAD Analysis of Fhit, a Putative Human Tumor Suppressor from the Hit Protein Family'       Structure 5   763 ?   1997 
STRUE6 UK 0969-2126 2005 ? ?       ?                            
# 
loop_
_citation_author.citation_id 
_citation_author.name 
_citation_author.ordinal 
_citation_author.identifier_ORCID 
primary 'Lima, C.D.'        1 ? 
primary 'Klein, M.G.'       2 ? 
primary 'Hendrickson, W.A.' 3 ? 
1       'Lima, C.D.'        4 ? 
1       
;D'Amico, K.L.
;
5 ? 
1       'Naday, I.'         6 ? 
1       'Rosenbaum, G.'     7 ? 
1       'Westbrook, E.M.'   8 ? 
1       'Hendrickson, W.A.' 9 ? 
# 
loop_
_entity.id 
_entity.type 
_entity.src_method 
_entity.pdbx_description 
_entity.formula_weight 
_entity.pdbx_number_of_molecules 
_entity.pdbx_ec 
_entity.pdbx_mutation 
_entity.pdbx_fragment 
_entity.details 
1 polymer     man 'FRAGILE HISTIDINE TRIAD PROTEIN' 16886.203 1  3.6.1.29 ? ? ? 
2 non-polymer syn 'ADENOSINE MONOTUNGSTATE'         500.087   1  ?        ? ? ? 
3 water       nat water                             18.015    59 ?        ? ? ? 
# 
_entity_name_com.entity_id   1 
_entity_name_com.name        FHIT 
# 
_entity_poly.entity_id                      1 
_entity_poly.type                           'polypeptide(L)' 
_entity_poly.nstd_linkage                   no 
_entity_poly.nstd_monomer                   no 
_entity_poly.pdbx_seq_one_letter_code       
;MSFRFGQHLIKPSVVFLKTELSFALVNRKPVVPGHVLVCPLRPVERFHDLRPDEVADLFQTTQRVGTVVEKHFHGTSLTF
SMQDGPEAGQTVKHVHVHVLPRKAGDFHRNDSIYEELQKHDKEDFPASWRSEEEMAAEAAALRVYFQ
;
_entity_poly.pdbx_seq_one_letter_code_can   
;MSFRFGQHLIKPSVVFLKTELSFALVNRKPVVPGHVLVCPLRPVERFHDLRPDEVADLFQTTQRVGTVVEKHFHGTSLTF
SMQDGPEAGQTVKHVHVHVLPRKAGDFHRNDSIYEELQKHDKEDFPASWRSEEEMAAEAAALRVYFQ
;
_entity_poly.pdbx_strand_id                 A 
_entity_poly.pdbx_target_identifier         ? 
# 
loop_
_pdbx_entity_nonpoly.entity_id 
_pdbx_entity_nonpoly.name 
_pdbx_entity_nonpoly.comp_id 
2 'ADENOSINE MONOTUNGSTATE' AMW 
3 water                     HOH 
# 
loop_
_entity_poly_seq.entity_id 
_entity_poly_seq.num 
_entity_poly_seq.mon_id 
_entity_poly_seq.hetero 
1 1   MET n 
1 2   SER n 
1 3   PHE n 
1 4   ARG n 
1 5   PHE n 
1 6   GLY n 
1 7   GLN n 
1 8   HIS n 
1 9   LEU n 
1 10  ILE n 
1 11  LYS n 
1 12  PRO n 
1 13  SER n 
1 14  VAL n 
1 15  VAL n 
1 16  PHE n 
1 17  LEU n 
1 18  LYS n 
1 19  THR n 
1 20  GLU n 
1 21  LEU n 
1 22  SER n 
1 23  PHE n 
1 24  ALA n 
1 25  LEU n 
1 26  VAL n 
1 27  ASN n 
1 28  ARG n 
1 29  LYS n 
1 30  PRO n 
1 31  VAL n 
1 32  VAL n 
1 33  PRO n 
1 34  GLY n 
1 35  HIS n 
1 36  VAL n 
1 37  LEU n 
1 38  VAL n 
1 39  CYS n 
1 40  PRO n 
1 41  LEU n 
1 42  ARG n 
1 43  PRO n 
1 44  VAL n 
1 45  GLU n 
1 46  ARG n 
1 47  PHE n 
1 48  HIS n 
1 49  ASP n 
1 50  LEU n 
1 51  ARG n 
1 52  PRO n 
1 53  ASP n 
1 54  GLU n 
1 55  VAL n 
1 56  ALA n 
1 57  ASP n 
1 58  LEU n 
1 59  PHE n 
1 60  GLN n 
1 61  THR n 
1 62  THR n 
1 63  GLN n 
1 64  ARG n 
1 65  VAL n 
1 66  GLY n 
1 67  THR n 
1 68  VAL n 
1 69  VAL n 
1 70  GLU n 
1 71  LYS n 
1 72  HIS n 
1 73  PHE n 
1 74  HIS n 
1 75  GLY n 
1 76  THR n 
1 77  SER n 
1 78  LEU n 
1 79  THR n 
1 80  PHE n 
1 81  SER n 
1 82  MET n 
1 83  GLN n 
1 84  ASP n 
1 85  GLY n 
1 86  PRO n 
1 87  GLU n 
1 88  ALA n 
1 89  GLY n 
1 90  GLN n 
1 91  THR n 
1 92  VAL n 
1 93  LYS n 
1 94  HIS n 
1 95  VAL n 
1 96  HIS n 
1 97  VAL n 
1 98  HIS n 
1 99  VAL n 
1 100 LEU n 
1 101 PRO n 
1 102 ARG n 
1 103 LYS n 
1 104 ALA n 
1 105 GLY n 
1 106 ASP n 
1 107 PHE n 
1 108 HIS n 
1 109 ARG n 
1 110 ASN n 
1 111 ASP n 
1 112 SER n 
1 113 ILE n 
1 114 TYR n 
1 115 GLU n 
1 116 GLU n 
1 117 LEU n 
1 118 GLN n 
1 119 LYS n 
1 120 HIS n 
1 121 ASP n 
1 122 LYS n 
1 123 GLU n 
1 124 ASP n 
1 125 PHE n 
1 126 PRO n 
1 127 ALA n 
1 128 SER n 
1 129 TRP n 
1 130 ARG n 
1 131 SER n 
1 132 GLU n 
1 133 GLU n 
1 134 GLU n 
1 135 MET n 
1 136 ALA n 
1 137 ALA n 
1 138 GLU n 
1 139 ALA n 
1 140 ALA n 
1 141 ALA n 
1 142 LEU n 
1 143 ARG n 
1 144 VAL n 
1 145 TYR n 
1 146 PHE n 
1 147 GLN n 
# 
_entity_src_gen.entity_id                          1 
_entity_src_gen.pdbx_src_id                        1 
_entity_src_gen.pdbx_alt_source_flag               sample 
_entity_src_gen.pdbx_seq_type                      ? 
_entity_src_gen.pdbx_beg_seq_num                   ? 
_entity_src_gen.pdbx_end_seq_num                   ? 
_entity_src_gen.gene_src_common_name               human 
_entity_src_gen.gene_src_genus                     Homo 
_entity_src_gen.pdbx_gene_src_gene                 FHIT 
_entity_src_gen.gene_src_species                   ? 
_entity_src_gen.gene_src_strain                    ? 
_entity_src_gen.gene_src_tissue                    ? 
_entity_src_gen.gene_src_tissue_fraction           ? 
_entity_src_gen.gene_src_details                   ? 
_entity_src_gen.pdbx_gene_src_fragment             ? 
_entity_src_gen.pdbx_gene_src_scientific_name      'Homo sapiens' 
_entity_src_gen.pdbx_gene_src_ncbi_taxonomy_id     9606 
_entity_src_gen.pdbx_gene_src_variant              ? 
_entity_src_gen.pdbx_gene_src_cell_line            ? 
_entity_src_gen.pdbx_gene_src_atcc                 ? 
_entity_src_gen.pdbx_gene_src_organ                ? 
_entity_src_gen.pdbx_gene_src_organelle            ? 
_entity_src_gen.pdbx_gene_src_cell                 ? 
_entity_src_gen.pdbx_gene_src_cellular_location    ? 
_entity_src_gen.host_org_common_name               ? 
_entity_src_gen.pdbx_host_org_scientific_name      'Escherichia coli' 
_entity_src_gen.pdbx_host_org_ncbi_taxonomy_id     562 
_entity_src_gen.host_org_genus                     Escherichia 
_entity_src_gen.pdbx_host_org_gene                 FHIT 
_entity_src_gen.pdbx_host_org_organ                ? 
_entity_src_gen.host_org_species                   ? 
_entity_src_gen.pdbx_host_org_tissue               ? 
_entity_src_gen.pdbx_host_org_tissue_fraction      ? 
_entity_src_gen.pdbx_host_org_strain               DH5-ALPHA 
_entity_src_gen.pdbx_host_org_variant              ? 
_entity_src_gen.pdbx_host_org_cell_line            ? 
_entity_src_gen.pdbx_host_org_atcc                 ? 
_entity_src_gen.pdbx_host_org_culture_collection   ? 
_entity_src_gen.pdbx_host_org_cell                 ? 
_entity_src_gen.pdbx_host_org_organelle            ? 
_entity_src_gen.pdbx_host_org_cellular_location    ? 
_entity_src_gen.pdbx_host_org_vector_type          ? 
_entity_src_gen.pdbx_host_org_vector               ? 
_entity_src_gen.host_org_details                   ? 
_entity_src_gen.expression_system_id               ? 
_entity_src_gen.plasmid_name                       PGEX-2T 
_entity_src_gen.plasmid_details                    ? 
_entity_src_gen.pdbx_description                   'EXPRESSED AS FUSION PROTEIN WITH GLUTATHIONE-S-TRANSFERASE IN ESCHERICHIA COLI' 
# 
loop_
_chem_comp.id 
_chem_comp.type 
_chem_comp.mon_nstd_flag 
_chem_comp.name 
_chem_comp.pdbx_synonyms 
_chem_comp.formula 
_chem_comp.formula_weight 
ALA 'L-peptide linking' y ALANINE                   ? 'C3 H7 N O2'      89.093  
AMW non-polymer         . 'ADENOSINE MONOTUNGSTATE' ? 'C10 H14 N5 O7 W' 500.087 
ARG 'L-peptide linking' y ARGININE                  ? 'C6 H15 N4 O2 1'  175.209 
ASN 'L-peptide linking' y ASPARAGINE                ? 'C4 H8 N2 O3'     132.118 
ASP 'L-peptide linking' y 'ASPARTIC ACID'           ? 'C4 H7 N O4'      133.103 
CYS 'L-peptide linking' y CYSTEINE                  ? 'C3 H7 N O2 S'    121.158 
GLN 'L-peptide linking' y GLUTAMINE                 ? 'C5 H10 N2 O3'    146.144 
GLU 'L-peptide linking' y 'GLUTAMIC ACID'           ? 'C5 H9 N O4'      147.129 
GLY 'peptide linking'   y GLYCINE                   ? 'C2 H5 N O2'      75.067  
HIS 'L-peptide linking' y HISTIDINE                 ? 'C6 H10 N3 O2 1'  156.162 
HOH non-polymer         . WATER                     ? 'H2 O'            18.015  
ILE 'L-peptide linking' y ISOLEUCINE                ? 'C6 H13 N O2'     131.173 
LEU 'L-peptide linking' y LEUCINE                   ? 'C6 H13 N O2'     131.173 
LYS 'L-peptide linking' y LYSINE                    ? 'C6 H15 N2 O2 1'  147.195 
MET 'L-peptide linking' y METHIONINE                ? 'C5 H11 N O2 S'   149.211 
PHE 'L-peptide linking' y PHENYLALANINE             ? 'C9 H11 N O2'     165.189 
PRO 'L-peptide linking' y PROLINE                   ? 'C5 H9 N O2'      115.130 
SER 'L-peptide linking' y SERINE                    ? 'C3 H7 N O3'      105.093 
THR 'L-peptide linking' y THREONINE                 ? 'C4 H9 N O3'      119.119 
TRP 'L-peptide linking' y TRYPTOPHAN                ? 'C11 H12 N2 O2'   204.225 
TYR 'L-peptide linking' y TYROSINE                  ? 'C9 H11 N O3'     181.189 
VAL 'L-peptide linking' y VALINE                    ? 'C5 H11 N O2'     117.146 
# 
loop_
_pdbx_poly_seq_scheme.asym_id 
_pdbx_poly_seq_scheme.entity_id 
_pdbx_poly_seq_scheme.seq_id 
_pdbx_poly_seq_scheme.mon_id 
_pdbx_poly_seq_scheme.ndb_seq_num 
_pdbx_poly_seq_scheme.pdb_seq_num 
_pdbx_poly_seq_scheme.auth_seq_num 
_pdbx_poly_seq_scheme.pdb_mon_id 
_pdbx_poly_seq_scheme.auth_mon_id 
_pdbx_poly_seq_scheme.pdb_strand_id 
_pdbx_poly_seq_scheme.pdb_ins_code 
_pdbx_poly_seq_scheme.hetero 
A 1 1   MET 1   1   ?   ?   ?   A . n 
A 1 2   SER 2   2   2   SER SER A . n 
A 1 3   PHE 3   3   3   PHE PHE A . n 
A 1 4   ARG 4   4   4   ARG ARG A . n 
A 1 5   PHE 5   5   5   PHE PHE A . n 
A 1 6   GLY 6   6   6   GLY GLY A . n 
A 1 7   GLN 7   7   7   GLN GLN A . n 
A 1 8   HIS 8   8   8   HIS HIS A . n 
A 1 9   LEU 9   9   9   LEU LEU A . n 
A 1 10  ILE 10  10  10  ILE ILE A . n 
A 1 11  LYS 11  11  11  LYS LYS A . n 
A 1 12  PRO 12  12  12  PRO PRO A . n 
A 1 13  SER 13  13  13  SER SER A . n 
A 1 14  VAL 14  14  14  VAL VAL A . n 
A 1 15  VAL 15  15  15  VAL VAL A . n 
A 1 16  PHE 16  16  16  PHE PHE A . n 
A 1 17  LEU 17  17  17  LEU LEU A . n 
A 1 18  LYS 18  18  18  LYS LYS A . n 
A 1 19  THR 19  19  19  THR THR A . n 
A 1 20  GLU 20  20  20  GLU GLU A . n 
A 1 21  LEU 21  21  21  LEU LEU A . n 
A 1 22  SER 22  22  22  SER SER A . n 
A 1 23  PHE 23  23  23  PHE PHE A . n 
A 1 24  ALA 24  24  24  ALA ALA A . n 
A 1 25  LEU 25  25  25  LEU LEU A . n 
A 1 26  VAL 26  26  26  VAL VAL A . n 
A 1 27  ASN 27  27  27  ASN ASN A . n 
A 1 28  ARG 28  28  28  ARG ARG A . n 
A 1 29  LYS 29  29  29  LYS LYS A . n 
A 1 30  PRO 30  30  30  PRO PRO A . n 
A 1 31  VAL 31  31  31  VAL VAL A . n 
A 1 32  VAL 32  32  32  VAL VAL A . n 
A 1 33  PRO 33  33  33  PRO PRO A . n 
A 1 34  GLY 34  34  34  GLY GLY A . n 
A 1 35  HIS 35  35  35  HIS HIS A . n 
A 1 36  VAL 36  36  36  VAL VAL A . n 
A 1 37  LEU 37  37  37  LEU LEU A . n 
A 1 38  VAL 38  38  38  VAL VAL A . n 
A 1 39  CYS 39  39  39  CYS CYS A . n 
A 1 40  PRO 40  40  40  PRO PRO A . n 
A 1 41  LEU 41  41  41  LEU LEU A . n 
A 1 42  ARG 42  42  42  ARG ARG A . n 
A 1 43  PRO 43  43  43  PRO PRO A . n 
A 1 44  VAL 44  44  44  VAL VAL A . n 
A 1 45  GLU 45  45  45  GLU GLU A . n 
A 1 46  ARG 46  46  46  ARG ARG A . n 
A 1 47  PHE 47  47  47  PHE PHE A . n 
A 1 48  HIS 48  48  48  HIS HIS A . n 
A 1 49  ASP 49  49  49  ASP ASP A . n 
A 1 50  LEU 50  50  50  LEU LEU A . n 
A 1 51  ARG 51  51  51  ARG ARG A . n 
A 1 52  PRO 52  52  52  PRO PRO A . n 
A 1 53  ASP 53  53  53  ASP ASP A . n 
A 1 54  GLU 54  54  54  GLU GLU A . n 
A 1 55  VAL 55  55  55  VAL VAL A . n 
A 1 56  ALA 56  56  56  ALA ALA A . n 
A 1 57  ASP 57  57  57  ASP ASP A . n 
A 1 58  LEU 58  58  58  LEU LEU A . n 
A 1 59  PHE 59  59  59  PHE PHE A . n 
A 1 60  GLN 60  60  60  GLN GLN A . n 
A 1 61  THR 61  61  61  THR THR A . n 
A 1 62  THR 62  62  62  THR THR A . n 
A 1 63  GLN 63  63  63  GLN GLN A . n 
A 1 64  ARG 64  64  64  ARG ARG A . n 
A 1 65  VAL 65  65  65  VAL VAL A . n 
A 1 66  GLY 66  66  66  GLY GLY A . n 
A 1 67  THR 67  67  67  THR THR A . n 
A 1 68  VAL 68  68  68  VAL VAL A . n 
A 1 69  VAL 69  69  69  VAL VAL A . n 
A 1 70  GLU 70  70  70  GLU GLU A . n 
A 1 71  LYS 71  71  71  LYS LYS A . n 
A 1 72  HIS 72  72  72  HIS HIS A . n 
A 1 73  PHE 73  73  73  PHE PHE A . n 
A 1 74  HIS 74  74  74  HIS HIS A . n 
A 1 75  GLY 75  75  75  GLY GLY A . n 
A 1 76  THR 76  76  76  THR THR A . n 
A 1 77  SER 77  77  77  SER SER A . n 
A 1 78  LEU 78  78  78  LEU LEU A . n 
A 1 79  THR 79  79  79  THR THR A . n 
A 1 80  PHE 80  80  80  PHE PHE A . n 
A 1 81  SER 81  81  81  SER SER A . n 
A 1 82  MET 82  82  82  MET MET A . n 
A 1 83  GLN 83  83  83  GLN GLN A . n 
A 1 84  ASP 84  84  84  ASP ASP A . n 
A 1 85  GLY 85  85  85  GLY GLY A . n 
A 1 86  PRO 86  86  86  PRO PRO A . n 
A 1 87  GLU 87  87  87  GLU GLU A . n 
A 1 88  ALA 88  88  88  ALA ALA A . n 
A 1 89  GLY 89  89  89  GLY GLY A . n 
A 1 90  GLN 90  90  90  GLN GLN A . n 
A 1 91  THR 91  91  91  THR THR A . n 
A 1 92  VAL 92  92  92  VAL VAL A . n 
A 1 93  LYS 93  93  93  LYS LYS A . n 
A 1 94  HIS 94  94  94  HIS HIS A . n 
A 1 95  VAL 95  95  95  VAL VAL A . n 
A 1 96  HIS 96  96  96  HIS HIS A . n 
A 1 97  VAL 97  97  97  VAL VAL A . n 
A 1 98  HIS 98  98  98  HIS HIS A . n 
A 1 99  VAL 99  99  99  VAL VAL A . n 
A 1 100 LEU 100 100 100 LEU LEU A . n 
A 1 101 PRO 101 101 101 PRO PRO A . n 
A 1 102 ARG 102 102 102 ARG ARG A . n 
A 1 103 LYS 103 103 103 LYS LYS A . n 
A 1 104 ALA 104 104 104 ALA ALA A . n 
A 1 105 GLY 105 105 105 GLY GLY A . n 
A 1 106 ASP 106 106 106 ASP ASP A . n 
A 1 107 PHE 107 107 107 PHE PHE A . n 
A 1 108 HIS 108 108 ?   ?   ?   A . n 
A 1 109 ARG 109 109 ?   ?   ?   A . n 
A 1 110 ASN 110 110 ?   ?   ?   A . n 
A 1 111 ASP 111 111 ?   ?   ?   A . n 
A 1 112 SER 112 112 ?   ?   ?   A . n 
A 1 113 ILE 113 113 ?   ?   ?   A . n 
A 1 114 TYR 114 114 ?   ?   ?   A . n 
A 1 115 GLU 115 115 ?   ?   ?   A . n 
A 1 116 GLU 116 116 ?   ?   ?   A . n 
A 1 117 LEU 117 117 ?   ?   ?   A . n 
A 1 118 GLN 118 118 ?   ?   ?   A . n 
A 1 119 LYS 119 119 ?   ?   ?   A . n 
A 1 120 HIS 120 120 ?   ?   ?   A . n 
A 1 121 ASP 121 121 ?   ?   ?   A . n 
A 1 122 LYS 122 122 ?   ?   ?   A . n 
A 1 123 GLU 123 123 ?   ?   ?   A . n 
A 1 124 ASP 124 124 ?   ?   ?   A . n 
A 1 125 PHE 125 125 ?   ?   ?   A . n 
A 1 126 PRO 126 126 ?   ?   ?   A . n 
A 1 127 ALA 127 127 ?   ?   ?   A . n 
A 1 128 SER 128 128 ?   ?   ?   A . n 
A 1 129 TRP 129 129 129 TRP TRP A . n 
A 1 130 ARG 130 130 130 ARG ARG A . n 
A 1 131 SER 131 131 131 SER SER A . n 
A 1 132 GLU 132 132 132 GLU GLU A . n 
A 1 133 GLU 133 133 133 GLU GLU A . n 
A 1 134 GLU 134 134 134 GLU GLU A . n 
A 1 135 MET 135 135 135 MET MET A . n 
A 1 136 ALA 136 136 136 ALA ALA A . n 
A 1 137 ALA 137 137 137 ALA ALA A . n 
A 1 138 GLU 138 138 138 GLU GLU A . n 
A 1 139 ALA 139 139 139 ALA ALA A . n 
A 1 140 ALA 140 140 140 ALA ALA A . n 
A 1 141 ALA 141 141 141 ALA ALA A . n 
A 1 142 LEU 142 142 142 LEU LEU A . n 
A 1 143 ARG 143 143 143 ARG ARG A . n 
A 1 144 VAL 144 144 144 VAL VAL A . n 
A 1 145 TYR 145 145 145 TYR TYR A . n 
A 1 146 PHE 146 146 146 PHE PHE A . n 
A 1 147 GLN 147 147 147 GLN GLN A . n 
# 
loop_
_pdbx_nonpoly_scheme.asym_id 
_pdbx_nonpoly_scheme.entity_id 
_pdbx_nonpoly_scheme.mon_id 
_pdbx_nonpoly_scheme.ndb_seq_num 
_pdbx_nonpoly_scheme.pdb_seq_num 
_pdbx_nonpoly_scheme.auth_seq_num 
_pdbx_nonpoly_scheme.pdb_mon_id 
_pdbx_nonpoly_scheme.auth_mon_id 
_pdbx_nonpoly_scheme.pdb_strand_id 
_pdbx_nonpoly_scheme.pdb_ins_code 
B 2 AMW 1  148 96 AMW AMW A . 
C 3 HOH 1  149 1  HOH HOH A . 
C 3 HOH 2  150 2  HOH HOH A . 
C 3 HOH 3  151 3  HOH HOH A . 
C 3 HOH 4  152 4  HOH HOH A . 
C 3 HOH 5  153 5  HOH HOH A . 
C 3 HOH 6  154 6  HOH HOH A . 
C 3 HOH 7  155 7  HOH HOH A . 
C 3 HOH 8  156 8  HOH HOH A . 
C 3 HOH 9  157 9  HOH HOH A . 
C 3 HOH 10 158 10 HOH HOH A . 
C 3 HOH 11 159 11 HOH HOH A . 
C 3 HOH 12 160 12 HOH HOH A . 
C 3 HOH 13 161 13 HOH HOH A . 
C 3 HOH 14 162 14 HOH HOH A . 
C 3 HOH 15 163 15 HOH HOH A . 
C 3 HOH 16 164 16 HOH HOH A . 
C 3 HOH 17 165 17 HOH HOH A . 
C 3 HOH 18 166 18 HOH HOH A . 
C 3 HOH 19 167 19 HOH HOH A . 
C 3 HOH 20 168 20 HOH HOH A . 
C 3 HOH 21 169 21 HOH HOH A . 
C 3 HOH 22 170 22 HOH HOH A . 
C 3 HOH 23 171 23 HOH HOH A . 
C 3 HOH 24 172 24 HOH HOH A . 
C 3 HOH 25 173 25 HOH HOH A . 
C 3 HOH 26 174 26 HOH HOH A . 
C 3 HOH 27 175 27 HOH HOH A . 
C 3 HOH 28 176 28 HOH HOH A . 
C 3 HOH 29 177 29 HOH HOH A . 
C 3 HOH 30 178 30 HOH HOH A . 
C 3 HOH 31 179 31 HOH HOH A . 
C 3 HOH 32 180 32 HOH HOH A . 
C 3 HOH 33 181 33 HOH HOH A . 
C 3 HOH 34 182 34 HOH HOH A . 
C 3 HOH 35 183 35 HOH HOH A . 
C 3 HOH 36 184 36 HOH HOH A . 
C 3 HOH 37 185 37 HOH HOH A . 
C 3 HOH 38 186 38 HOH HOH A . 
C 3 HOH 39 187 39 HOH HOH A . 
C 3 HOH 40 188 40 HOH HOH A . 
C 3 HOH 41 189 41 HOH HOH A . 
C 3 HOH 42 190 42 HOH HOH A . 
C 3 HOH 43 191 43 HOH HOH A . 
C 3 HOH 44 192 44 HOH HOH A . 
C 3 HOH 45 193 45 HOH HOH A . 
C 3 HOH 46 194 46 HOH HOH A . 
C 3 HOH 47 195 47 HOH HOH A . 
C 3 HOH 48 196 48 HOH HOH A . 
C 3 HOH 49 197 49 HOH HOH A . 
C 3 HOH 50 198 50 HOH HOH A . 
C 3 HOH 51 199 51 HOH HOH A . 
C 3 HOH 52 200 52 HOH HOH A . 
C 3 HOH 53 201 53 HOH HOH A . 
C 3 HOH 54 202 54 HOH HOH A . 
C 3 HOH 55 203 55 HOH HOH A . 
C 3 HOH 56 204 56 HOH HOH A . 
C 3 HOH 57 205 57 HOH HOH A . 
C 3 HOH 58 206 58 HOH HOH A . 
C 3 HOH 59 207 59 HOH HOH A . 
# 
loop_
_pdbx_unobs_or_zero_occ_atoms.id 
_pdbx_unobs_or_zero_occ_atoms.PDB_model_num 
_pdbx_unobs_or_zero_occ_atoms.polymer_flag 
_pdbx_unobs_or_zero_occ_atoms.occupancy_flag 
_pdbx_unobs_or_zero_occ_atoms.auth_asym_id 
_pdbx_unobs_or_zero_occ_atoms.auth_comp_id 
_pdbx_unobs_or_zero_occ_atoms.auth_seq_id 
_pdbx_unobs_or_zero_occ_atoms.PDB_ins_code 
_pdbx_unobs_or_zero_occ_atoms.auth_atom_id 
_pdbx_unobs_or_zero_occ_atoms.label_alt_id 
_pdbx_unobs_or_zero_occ_atoms.label_asym_id 
_pdbx_unobs_or_zero_occ_atoms.label_comp_id 
_pdbx_unobs_or_zero_occ_atoms.label_seq_id 
_pdbx_unobs_or_zero_occ_atoms.label_atom_id 
1  1 Y 1 A PHE 107 ? CG  ? A PHE 107 CG  
2  1 Y 1 A PHE 107 ? CD1 ? A PHE 107 CD1 
3  1 Y 1 A PHE 107 ? CD2 ? A PHE 107 CD2 
4  1 Y 1 A PHE 107 ? CE1 ? A PHE 107 CE1 
5  1 Y 1 A PHE 107 ? CE2 ? A PHE 107 CE2 
6  1 Y 1 A PHE 107 ? CZ  ? A PHE 107 CZ  
7  1 Y 1 A TRP 129 ? CG  ? A TRP 129 CG  
8  1 Y 1 A TRP 129 ? CD1 ? A TRP 129 CD1 
9  1 Y 1 A TRP 129 ? CD2 ? A TRP 129 CD2 
10 1 Y 1 A TRP 129 ? NE1 ? A TRP 129 NE1 
11 1 Y 1 A TRP 129 ? CE2 ? A TRP 129 CE2 
12 1 Y 1 A TRP 129 ? CE3 ? A TRP 129 CE3 
13 1 Y 1 A TRP 129 ? CZ2 ? A TRP 129 CZ2 
14 1 Y 1 A TRP 129 ? CZ3 ? A TRP 129 CZ3 
15 1 Y 1 A TRP 129 ? CH2 ? A TRP 129 CH2 
# 
loop_
_software.name 
_software.classification 
_software.version 
_software.citation_id 
_software.pdbx_ordinal 
X-PLOR    'model building' 3.1 ? 1 
X-PLOR    refinement       3.1 ? 2 
DENZO     'data reduction' .   ? 3 
SCALEPACK 'data scaling'   .   ? 4 
X-PLOR    phasing          3.1 ? 5 
# 
_cell.entry_id           6FIT 
_cell.length_a           50.700 
_cell.length_b           50.700 
_cell.length_c           267.000 
_cell.angle_alpha        90.00 
_cell.angle_beta         90.00 
_cell.angle_gamma        120.00 
_cell.Z_PDB              12 
_cell.pdbx_unique_axis   ? 
# 
_symmetry.entry_id                         6FIT 
_symmetry.space_group_name_H-M             'P 61 2 2' 
_symmetry.pdbx_full_space_group_name_H-M   ? 
_symmetry.cell_setting                     ? 
_symmetry.Int_Tables_number                178 
# 
_exptl.entry_id          6FIT 
_exptl.method            'X-RAY DIFFRACTION' 
_exptl.crystals_number   1 
# 
_exptl_crystal.id                    1 
_exptl_crystal.density_meas          ? 
_exptl_crystal.density_Matthews      2.93 
_exptl_crystal.density_percent_sol   58.04 
_exptl_crystal.description           ? 
# 
_exptl_crystal_grow.crystal_id      1 
_exptl_crystal_grow.method          ? 
_exptl_crystal_grow.temp            ? 
_exptl_crystal_grow.temp_details    ? 
_exptl_crystal_grow.pH              6.5 
_exptl_crystal_grow.pdbx_pH_range   ? 
_exptl_crystal_grow.pdbx_details    'GROWN FROM AMMONIUM SULFATE, PH 6.5' 
# 
_diffrn.id                     1 
_diffrn.ambient_temp           110 
_diffrn.ambient_temp_details   ? 
_diffrn.crystal_id             1 
# 
_diffrn_detector.diffrn_id              1 
_diffrn_detector.detector               'IMAGE PLATE' 
_diffrn_detector.type                   FUJI 
_diffrn_detector.pdbx_collection_date   1996-11-15 
_diffrn_detector.details                ? 
# 
_diffrn_radiation.diffrn_id                        1 
_diffrn_radiation.wavelength_id                    1 
_diffrn_radiation.pdbx_monochromatic_or_laue_m_l   M 
_diffrn_radiation.monochromator                    ? 
_diffrn_radiation.pdbx_diffrn_protocol             ? 
_diffrn_radiation.pdbx_scattering_type             x-ray 
# 
_diffrn_radiation_wavelength.id           1 
_diffrn_radiation_wavelength.wavelength   1.0740 
_diffrn_radiation_wavelength.wt           1.0 
# 
_diffrn_source.diffrn_id                   1 
_diffrn_source.source                      SYNCHROTRON 
_diffrn_source.type                        'NSLS BEAMLINE X4A' 
_diffrn_source.pdbx_synchrotron_site       NSLS 
_diffrn_source.pdbx_synchrotron_beamline   X4A 
_diffrn_source.pdbx_wavelength             1.0740 
_diffrn_source.pdbx_wavelength_list        ? 
# 
_reflns.entry_id                     6FIT 
_reflns.observed_criterion_sigma_I   2. 
_reflns.observed_criterion_sigma_F   ? 
_reflns.d_resolution_low             20.0 
_reflns.d_resolution_high            2.1 
_reflns.number_obs                   17675 
_reflns.number_all                   ? 
_reflns.percent_possible_obs         79.6 
_reflns.pdbx_Rmerge_I_obs            0.0640000 
_reflns.pdbx_Rsym_value              ? 
_reflns.pdbx_netI_over_sigmaI        ? 
_reflns.B_iso_Wilson_estimate        ? 
_reflns.pdbx_redundancy              8.0 
_reflns.pdbx_diffrn_id               1 
_reflns.pdbx_ordinal                 1 
# 
_refine.entry_id                                 6FIT 
_refine.ls_number_reflns_obs                     10338 
_refine.ls_number_reflns_all                     ? 
_refine.pdbx_ls_sigma_I                          ? 
_refine.pdbx_ls_sigma_F                          2. 
_refine.pdbx_data_cutoff_high_absF               100000. 
_refine.pdbx_data_cutoff_low_absF                0.1 
_refine.pdbx_data_cutoff_high_rms_absF           ? 
_refine.ls_d_res_low                             10. 
_refine.ls_d_res_high                            2.6 
_refine.ls_percent_reflns_obs                    90.4 
_refine.ls_R_factor_obs                          0.2280000 
_refine.ls_R_factor_all                          ? 
_refine.ls_R_factor_R_work                       0.2280000 
_refine.ls_R_factor_R_free                       0.2910000 
_refine.ls_R_factor_R_free_error                 ? 
_refine.ls_R_factor_R_free_error_details         ? 
_refine.ls_percent_reflns_R_free                 5.00 
_refine.ls_number_reflns_R_free                  ? 
_refine.ls_number_parameters                     ? 
_refine.ls_number_restraints                     ? 
_refine.occupancy_min                            ? 
_refine.occupancy_max                            ? 
_refine.B_iso_mean                               42.9 
_refine.aniso_B[1][1]                            ? 
_refine.aniso_B[2][2]                            ? 
_refine.aniso_B[3][3]                            ? 
_refine.aniso_B[1][2]                            ? 
_refine.aniso_B[1][3]                            ? 
_refine.aniso_B[2][3]                            ? 
_refine.solvent_model_details                    ? 
_refine.solvent_model_param_ksol                 ? 
_refine.solvent_model_param_bsol                 ? 
_refine.pdbx_ls_cross_valid_method               ? 
_refine.details                                  ? 
_refine.pdbx_starting_model                      ? 
_refine.pdbx_method_to_determine_struct          ? 
_refine.pdbx_isotropic_thermal_model             ? 
_refine.pdbx_stereochemistry_target_values       ? 
_refine.pdbx_stereochem_target_val_spec_case     ? 
_refine.pdbx_R_Free_selection_details            ? 
_refine.pdbx_overall_ESU_R                       ? 
_refine.pdbx_overall_ESU_R_Free                  ? 
_refine.overall_SU_ML                            ? 
_refine.overall_SU_B                             ? 
_refine.pdbx_refine_id                           'X-RAY DIFFRACTION' 
_refine.pdbx_diffrn_id                           1 
_refine.pdbx_TLS_residual_ADP_flag               ? 
_refine.correlation_coeff_Fo_to_Fc               ? 
_refine.correlation_coeff_Fo_to_Fc_free          ? 
_refine.pdbx_solvent_vdw_probe_radii             ? 
_refine.pdbx_solvent_ion_probe_radii             ? 
_refine.pdbx_solvent_shrinkage_radii             ? 
_refine.pdbx_overall_phase_error                 ? 
_refine.overall_SU_R_Cruickshank_DPI             ? 
_refine.pdbx_overall_SU_R_free_Cruickshank_DPI   ? 
_refine.pdbx_overall_SU_R_Blow_DPI               ? 
_refine.pdbx_overall_SU_R_free_Blow_DPI          ? 
# 
_refine_hist.pdbx_refine_id                   'X-RAY DIFFRACTION' 
_refine_hist.cycle_id                         LAST 
_refine_hist.pdbx_number_atoms_protein        989 
_refine_hist.pdbx_number_atoms_nucleic_acid   23 
_refine_hist.pdbx_number_atoms_ligand         0 
_refine_hist.number_atoms_solvent             59 
_refine_hist.number_atoms_total               1071 
_refine_hist.d_res_high                       2.6 
_refine_hist.d_res_low                        10. 
# 
loop_
_refine_ls_restr.type 
_refine_ls_restr.dev_ideal 
_refine_ls_restr.dev_ideal_target 
_refine_ls_restr.weight 
_refine_ls_restr.number 
_refine_ls_restr.pdbx_refine_id 
_refine_ls_restr.pdbx_restraint_function 
x_bond_d                0.014 ? ? ? 'X-RAY DIFFRACTION' ? 
x_bond_d_na             ?     ? ? ? 'X-RAY DIFFRACTION' ? 
x_bond_d_prot           ?     ? ? ? 'X-RAY DIFFRACTION' ? 
x_angle_d               ?     ? ? ? 'X-RAY DIFFRACTION' ? 
x_angle_d_na            ?     ? ? ? 'X-RAY DIFFRACTION' ? 
x_angle_d_prot          ?     ? ? ? 'X-RAY DIFFRACTION' ? 
x_angle_deg             2.241 ? ? ? 'X-RAY DIFFRACTION' ? 
x_angle_deg_na          ?     ? ? ? 'X-RAY DIFFRACTION' ? 
x_angle_deg_prot        ?     ? ? ? 'X-RAY DIFFRACTION' ? 
x_dihedral_angle_d      28.10 ? ? ? 'X-RAY DIFFRACTION' ? 
x_dihedral_angle_d_na   ?     ? ? ? 'X-RAY DIFFRACTION' ? 
x_dihedral_angle_d_prot ?     ? ? ? 'X-RAY DIFFRACTION' ? 
x_improper_angle_d      1.77  ? ? ? 'X-RAY DIFFRACTION' ? 
x_improper_angle_d_na   ?     ? ? ? 'X-RAY DIFFRACTION' ? 
x_improper_angle_d_prot ?     ? ? ? 'X-RAY DIFFRACTION' ? 
x_mcbond_it             ?     ? ? ? 'X-RAY DIFFRACTION' ? 
x_mcangle_it            ?     ? ? ? 'X-RAY DIFFRACTION' ? 
x_scbond_it             ?     ? ? ? 'X-RAY DIFFRACTION' ? 
x_scangle_it            ?     ? ? ? 'X-RAY DIFFRACTION' ? 
# 
_struct.entry_id                  6FIT 
_struct.title                     'FHIT-TRANSITION STATE ANALOG' 
_struct.pdbx_model_details        ? 
_struct.pdbx_CASP_flag            ? 
_struct.pdbx_model_type_details   ? 
# 
_struct_keywords.entry_id        6FIT 
_struct_keywords.pdbx_keywords   HYDROLASE 
_struct_keywords.text            
;HYDROLASE, FRAGILE HISTIDINE TRIAD PROTEIN, FHIT, PUTATIVE TUMOR SUPPRESSOR, HIT PROTEIN FAMILY, HISTIDINE TRIAD PROTEIN FAMILY, NUCLEOTIDYL HYDROLASE, NUCLEOTIDYL TRANSFERASE
;
# 
loop_
_struct_asym.id 
_struct_asym.pdbx_blank_PDB_chainid_flag 
_struct_asym.pdbx_modified 
_struct_asym.entity_id 
_struct_asym.details 
A N N 1 ? 
B N N 2 ? 
C N N 3 ? 
# 
_struct_ref.id                         1 
_struct_ref.db_name                    UNP 
_struct_ref.db_code                    FHIT_HUMAN 
_struct_ref.entity_id                  1 
_struct_ref.pdbx_db_accession          P49789 
_struct_ref.pdbx_align_begin           1 
_struct_ref.pdbx_seq_one_letter_code   
;MSFRFGQHLIKPSVVFLKTELSFALVNRKPVVPGHVLVCPLRPVERFHDLRPDEVADLFQTTQRVGTVVEKHFHGTSLTF
SMQDGPEAGQTVKHVHVHVLPRKAGDFHRNDSIYEELQKHDKEDFPASWRSEEEMAAEAAALRVYFQ
;
_struct_ref.pdbx_db_isoform            ? 
# 
_struct_ref_seq.align_id                      1 
_struct_ref_seq.ref_id                        1 
_struct_ref_seq.pdbx_PDB_id_code              6FIT 
_struct_ref_seq.pdbx_strand_id                A 
_struct_ref_seq.seq_align_beg                 1 
_struct_ref_seq.pdbx_seq_align_beg_ins_code   ? 
_struct_ref_seq.seq_align_end                 147 
_struct_ref_seq.pdbx_seq_align_end_ins_code   ? 
_struct_ref_seq.pdbx_db_accession             P49789 
_struct_ref_seq.db_align_beg                  1 
_struct_ref_seq.pdbx_db_align_beg_ins_code    ? 
_struct_ref_seq.db_align_end                  147 
_struct_ref_seq.pdbx_db_align_end_ins_code    ? 
_struct_ref_seq.pdbx_auth_seq_align_beg       1 
_struct_ref_seq.pdbx_auth_seq_align_end       147 
# 
_pdbx_struct_assembly.id                   1 
_pdbx_struct_assembly.details              author_defined_assembly 
_pdbx_struct_assembly.method_details       ? 
_pdbx_struct_assembly.oligomeric_details   dimeric 
_pdbx_struct_assembly.oligomeric_count     2 
# 
_pdbx_struct_assembly_gen.assembly_id       1 
_pdbx_struct_assembly_gen.oper_expression   1,2 
_pdbx_struct_assembly_gen.asym_id_list      A,B,C 
# 
loop_
_pdbx_struct_oper_list.id 
_pdbx_struct_oper_list.type 
_pdbx_struct_oper_list.name 
_pdbx_struct_oper_list.symmetry_operation 
_pdbx_struct_oper_list.matrix[1][1] 
_pdbx_struct_oper_list.matrix[1][2] 
_pdbx_struct_oper_list.matrix[1][3] 
_pdbx_struct_oper_list.vector[1] 
_pdbx_struct_oper_list.matrix[2][1] 
_pdbx_struct_oper_list.matrix[2][2] 
_pdbx_struct_oper_list.matrix[2][3] 
_pdbx_struct_oper_list.vector[2] 
_pdbx_struct_oper_list.matrix[3][1] 
_pdbx_struct_oper_list.matrix[3][2] 
_pdbx_struct_oper_list.matrix[3][3] 
_pdbx_struct_oper_list.vector[3] 
1 'identity operation'         1_555  x,y,z        1.0000000000  0.0000000000  0.0000000000  0.0000000000  0.0000000000  1.0000000000  0.0000000000 0.0000000000  0.0000000000  0.0000000000 1.0000000000 0.0000000000   
2 'crystal symmetry operation' 12_555 x,x-y,-z+1/6 -0.1814600685 -0.2009465945 -0.9626487987 -9.9222700679 -0.2009465945 -0.9506688284 0.2363244484 17.0904065289 -0.9626487987 0.2363244484 0.1321288969 -12.0044124779 
# 
_struct_biol.id   1 
# 
loop_
_struct_conf.conf_type_id 
_struct_conf.id 
_struct_conf.pdbx_PDB_helix_id 
_struct_conf.beg_label_comp_id 
_struct_conf.beg_label_asym_id 
_struct_conf.beg_label_seq_id 
_struct_conf.pdbx_beg_PDB_ins_code 
_struct_conf.end_label_comp_id 
_struct_conf.end_label_asym_id 
_struct_conf.end_label_seq_id 
_struct_conf.pdbx_end_PDB_ins_code 
_struct_conf.beg_auth_comp_id 
_struct_conf.beg_auth_asym_id 
_struct_conf.beg_auth_seq_id 
_struct_conf.end_auth_comp_id 
_struct_conf.end_auth_asym_id 
_struct_conf.end_auth_seq_id 
_struct_conf.pdbx_PDB_helix_class 
_struct_conf.details 
_struct_conf.pdbx_PDB_helix_length 
HELX_P HELX_P1 1 PHE A 47  ? ASP A 49  ? PHE A 47  ASP A 49  5 ? 3  
HELX_P HELX_P2 2 PRO A 52  ? HIS A 72  ? PRO A 52  HIS A 72  1 ? 21 
HELX_P HELX_P3 3 MET A 135 ? TYR A 145 ? MET A 135 TYR A 145 1 ? 11 
# 
_struct_conf_type.id          HELX_P 
_struct_conf_type.criteria    ? 
_struct_conf_type.reference   ? 
# 
_struct_conn.id                            metalc1 
_struct_conn.conn_type_id                  metalc 
_struct_conn.pdbx_leaving_atom_flag        ? 
_struct_conn.pdbx_PDB_id                   ? 
_struct_conn.ptnr1_label_asym_id           A 
_struct_conn.ptnr1_label_comp_id           HIS 
_struct_conn.ptnr1_label_seq_id            96 
_struct_conn.ptnr1_label_atom_id           NE2 
_struct_conn.pdbx_ptnr1_label_alt_id       ? 
_struct_conn.pdbx_ptnr1_PDB_ins_code       ? 
_struct_conn.pdbx_ptnr1_standard_comp_id   ? 
_struct_conn.ptnr1_symmetry                1_555 
_struct_conn.ptnr2_label_asym_id           B 
_struct_conn.ptnr2_label_comp_id           AMW 
_struct_conn.ptnr2_label_seq_id            . 
_struct_conn.ptnr2_label_atom_id           W 
_struct_conn.pdbx_ptnr2_label_alt_id       ? 
_struct_conn.pdbx_ptnr2_PDB_ins_code       ? 
_struct_conn.ptnr1_auth_asym_id            A 
_struct_conn.ptnr1_auth_comp_id            HIS 
_struct_conn.ptnr1_auth_seq_id             96 
_struct_conn.ptnr2_auth_asym_id            A 
_struct_conn.ptnr2_auth_comp_id            AMW 
_struct_conn.ptnr2_auth_seq_id             148 
_struct_conn.ptnr2_symmetry                1_555 
_struct_conn.pdbx_ptnr3_label_atom_id      ? 
_struct_conn.pdbx_ptnr3_label_seq_id       ? 
_struct_conn.pdbx_ptnr3_label_comp_id      ? 
_struct_conn.pdbx_ptnr3_label_asym_id      ? 
_struct_conn.pdbx_ptnr3_label_alt_id       ? 
_struct_conn.pdbx_ptnr3_PDB_ins_code       ? 
_struct_conn.details                       ? 
_struct_conn.pdbx_dist_value               2.530 
_struct_conn.pdbx_value_order              ? 
_struct_conn.pdbx_role                     ? 
# 
_struct_conn_type.id          metalc 
_struct_conn_type.criteria    ? 
_struct_conn_type.reference   ? 
# 
loop_
_pdbx_struct_conn_angle.id 
_pdbx_struct_conn_angle.ptnr1_label_atom_id 
_pdbx_struct_conn_angle.ptnr1_label_alt_id 
_pdbx_struct_conn_angle.ptnr1_label_asym_id 
_pdbx_struct_conn_angle.ptnr1_label_comp_id 
_pdbx_struct_conn_angle.ptnr1_label_seq_id 
_pdbx_struct_conn_angle.ptnr1_auth_atom_id 
_pdbx_struct_conn_angle.ptnr1_auth_asym_id 
_pdbx_struct_conn_angle.ptnr1_auth_comp_id 
_pdbx_struct_conn_angle.ptnr1_auth_seq_id 
_pdbx_struct_conn_angle.ptnr1_PDB_ins_code 
_pdbx_struct_conn_angle.ptnr1_symmetry 
_pdbx_struct_conn_angle.ptnr2_label_atom_id 
_pdbx_struct_conn_angle.ptnr2_label_alt_id 
_pdbx_struct_conn_angle.ptnr2_label_asym_id 
_pdbx_struct_conn_angle.ptnr2_label_comp_id 
_pdbx_struct_conn_angle.ptnr2_label_seq_id 
_pdbx_struct_conn_angle.ptnr2_auth_atom_id 
_pdbx_struct_conn_angle.ptnr2_auth_asym_id 
_pdbx_struct_conn_angle.ptnr2_auth_comp_id 
_pdbx_struct_conn_angle.ptnr2_auth_seq_id 
_pdbx_struct_conn_angle.ptnr2_PDB_ins_code 
_pdbx_struct_conn_angle.ptnr2_symmetry 
_pdbx_struct_conn_angle.ptnr3_label_atom_id 
_pdbx_struct_conn_angle.ptnr3_label_alt_id 
_pdbx_struct_conn_angle.ptnr3_label_asym_id 
_pdbx_struct_conn_angle.ptnr3_label_comp_id 
_pdbx_struct_conn_angle.ptnr3_label_seq_id 
_pdbx_struct_conn_angle.ptnr3_auth_atom_id 
_pdbx_struct_conn_angle.ptnr3_auth_asym_id 
_pdbx_struct_conn_angle.ptnr3_auth_comp_id 
_pdbx_struct_conn_angle.ptnr3_auth_seq_id 
_pdbx_struct_conn_angle.ptnr3_PDB_ins_code 
_pdbx_struct_conn_angle.ptnr3_symmetry 
_pdbx_struct_conn_angle.value 
_pdbx_struct_conn_angle.value_esd 
1  NE2 ? A HIS 96 ? A HIS 96  ? 1_555 W ? B AMW . ? A AMW 148 ? 1_555 O1W   ? B AMW . ? A AMW 148 ? 1_555 88.7  ? 
2  NE2 ? A HIS 96 ? A HIS 96  ? 1_555 W ? B AMW . ? A AMW 148 ? 1_555 O2W   ? B AMW . ? A AMW 148 ? 1_555 88.2  ? 
3  O1W ? B AMW .  ? A AMW 148 ? 1_555 W ? B AMW . ? A AMW 148 ? 1_555 O2W   ? B AMW . ? A AMW 148 ? 1_555 119.7 ? 
4  NE2 ? A HIS 96 ? A HIS 96  ? 1_555 W ? B AMW . ? A AMW 148 ? 1_555 O3W   ? B AMW . ? A AMW 148 ? 1_555 177.9 ? 
5  O1W ? B AMW .  ? A AMW 148 ? 1_555 W ? B AMW . ? A AMW 148 ? 1_555 O3W   ? B AMW . ? A AMW 148 ? 1_555 92.6  ? 
6  O2W ? B AMW .  ? A AMW 148 ? 1_555 W ? B AMW . ? A AMW 148 ? 1_555 O3W   ? B AMW . ? A AMW 148 ? 1_555 89.7  ? 
7  NE2 ? A HIS 96 ? A HIS 96  ? 1_555 W ? B AMW . ? A AMW 148 ? 1_555 "O5'" ? B AMW . ? A AMW 148 ? 1_555 93.9  ? 
8  O1W ? B AMW .  ? A AMW 148 ? 1_555 W ? B AMW . ? A AMW 148 ? 1_555 "O5'" ? B AMW . ? A AMW 148 ? 1_555 119.0 ? 
9  O2W ? B AMW .  ? A AMW 148 ? 1_555 W ? B AMW . ? A AMW 148 ? 1_555 "O5'" ? B AMW . ? A AMW 148 ? 1_555 121.3 ? 
10 O3W ? B AMW .  ? A AMW 148 ? 1_555 W ? B AMW . ? A AMW 148 ? 1_555 "O5'" ? B AMW . ? A AMW 148 ? 1_555 87.0  ? 
# 
loop_
_struct_sheet.id 
_struct_sheet.type 
_struct_sheet.number_strands 
_struct_sheet.details 
A ? 2 ? 
B ? 5 ? 
# 
loop_
_struct_sheet_order.sheet_id 
_struct_sheet_order.range_id_1 
_struct_sheet_order.range_id_2 
_struct_sheet_order.offset 
_struct_sheet_order.sense 
A 1 2 ? anti-parallel 
B 1 2 ? anti-parallel 
B 2 3 ? anti-parallel 
B 3 4 ? anti-parallel 
B 4 5 ? anti-parallel 
# 
loop_
_struct_sheet_range.sheet_id 
_struct_sheet_range.id 
_struct_sheet_range.beg_label_comp_id 
_struct_sheet_range.beg_label_asym_id 
_struct_sheet_range.beg_label_seq_id 
_struct_sheet_range.pdbx_beg_PDB_ins_code 
_struct_sheet_range.end_label_comp_id 
_struct_sheet_range.end_label_asym_id 
_struct_sheet_range.end_label_seq_id 
_struct_sheet_range.pdbx_end_PDB_ins_code 
_struct_sheet_range.beg_auth_comp_id 
_struct_sheet_range.beg_auth_asym_id 
_struct_sheet_range.beg_auth_seq_id 
_struct_sheet_range.end_auth_comp_id 
_struct_sheet_range.end_auth_asym_id 
_struct_sheet_range.end_auth_seq_id 
A 1 PHE A 3  ? PHE A 5   ? PHE A 3  PHE A 5   
A 2 HIS A 8  ? ILE A 10  ? HIS A 8  ILE A 10  
B 1 SER A 77 ? MET A 82  ? SER A 77 MET A 82  
B 2 HIS A 96 ? ARG A 102 ? HIS A 96 ARG A 102 
B 3 VAL A 36 ? PRO A 40  ? VAL A 36 PRO A 40  
B 4 SER A 22 ? VAL A 26  ? SER A 22 VAL A 26  
B 5 VAL A 15 ? LYS A 18  ? VAL A 15 LYS A 18  
# 
loop_
_pdbx_struct_sheet_hbond.sheet_id 
_pdbx_struct_sheet_hbond.range_id_1 
_pdbx_struct_sheet_hbond.range_id_2 
_pdbx_struct_sheet_hbond.range_1_label_atom_id 
_pdbx_struct_sheet_hbond.range_1_label_comp_id 
_pdbx_struct_sheet_hbond.range_1_label_asym_id 
_pdbx_struct_sheet_hbond.range_1_label_seq_id 
_pdbx_struct_sheet_hbond.range_1_PDB_ins_code 
_pdbx_struct_sheet_hbond.range_1_auth_atom_id 
_pdbx_struct_sheet_hbond.range_1_auth_comp_id 
_pdbx_struct_sheet_hbond.range_1_auth_asym_id 
_pdbx_struct_sheet_hbond.range_1_auth_seq_id 
_pdbx_struct_sheet_hbond.range_2_label_atom_id 
_pdbx_struct_sheet_hbond.range_2_label_comp_id 
_pdbx_struct_sheet_hbond.range_2_label_asym_id 
_pdbx_struct_sheet_hbond.range_2_label_seq_id 
_pdbx_struct_sheet_hbond.range_2_PDB_ins_code 
_pdbx_struct_sheet_hbond.range_2_auth_atom_id 
_pdbx_struct_sheet_hbond.range_2_auth_comp_id 
_pdbx_struct_sheet_hbond.range_2_auth_asym_id 
_pdbx_struct_sheet_hbond.range_2_auth_seq_id 
A 1 2 O PHE A 3  ? O PHE A 3  N ILE A 10  ? N ILE A 10  
B 1 2 O SER A 77 ? O SER A 77 N ARG A 102 ? N ARG A 102 
B 2 3 O VAL A 97 ? O VAL A 97 N VAL A 38  ? N VAL A 38  
B 3 4 O LEU A 37 ? O LEU A 37 N LEU A 25  ? N LEU A 25  
B 4 5 O ALA A 24 ? O ALA A 24 N LEU A 17  ? N LEU A 17  
# 
loop_
_struct_site.id 
_struct_site.pdbx_evidence_code 
_struct_site.pdbx_auth_asym_id 
_struct_site.pdbx_auth_comp_id 
_struct_site.pdbx_auth_seq_id 
_struct_site.pdbx_auth_ins_code 
_struct_site.pdbx_num_residues 
_struct_site.details 
HNE Unknown  ? ?   ?   ? 3  'HISTIDINE TRIAD FOR WHICH THIS FAMILY WAS NAMED.' 
AVE Unknown  ? ?   ?   ? 1  
;ACTIVE SITE HISTIDINE RESPONSIBLE FOR FORMING THE TRANSIENT NUCLEOTIDYL PHOSPHOHISTIDYL ENZYME INTERMEDIATE DURING CATALYSIS. IN THIS STRUCTURE, IT IS COVALENTLY ASSOCIATED WITH THE AMW RESIDUE WHICH CONSISTS OF AN ADENOSINE BASE AND A PENTACOVALENT TUNGSTATE ION.
;
AC1 Software A AMW 148 ? 16 'BINDING SITE FOR RESIDUE AMW A 148' 
# 
loop_
_struct_site_gen.id 
_struct_site_gen.site_id 
_struct_site_gen.pdbx_num_res 
_struct_site_gen.label_comp_id 
_struct_site_gen.label_asym_id 
_struct_site_gen.label_seq_id 
_struct_site_gen.pdbx_auth_ins_code 
_struct_site_gen.auth_comp_id 
_struct_site_gen.auth_asym_id 
_struct_site_gen.auth_seq_id 
_struct_site_gen.label_atom_id 
_struct_site_gen.label_alt_id 
_struct_site_gen.symmetry 
_struct_site_gen.details 
1  HNE 3  HIS A 35 ? HIS A 35  . ? 1_555 ? 
2  HNE 3  HIS A 96 ? HIS A 96  . ? 1_555 ? 
3  HNE 3  HIS A 98 ? HIS A 98  . ? 1_555 ? 
4  AVE 1  HIS A 96 ? HIS A 96  . ? 1_555 ? 
5  AC1 16 PHE A 5  ? PHE A 5   . ? 1_555 ? 
6  AC1 16 HIS A 8  ? HIS A 8   . ? 1_555 ? 
7  AC1 16 ILE A 10 ? ILE A 10  . ? 1_555 ? 
8  AC1 16 LEU A 25 ? LEU A 25  . ? 1_555 ? 
9  AC1 16 VAL A 26 ? VAL A 26  . ? 1_555 ? 
10 AC1 16 ASN A 27 ? ASN A 27  . ? 1_555 ? 
11 AC1 16 ARG A 28 ? ARG A 28  . ? 1_555 ? 
12 AC1 16 GLN A 83 ? GLN A 83  . ? 1_555 ? 
13 AC1 16 GLY A 89 ? GLY A 89  . ? 1_555 ? 
14 AC1 16 GLN A 90 ? GLN A 90  . ? 1_555 ? 
15 AC1 16 THR A 91 ? THR A 91  . ? 1_555 ? 
16 AC1 16 VAL A 92 ? VAL A 92  . ? 1_555 ? 
17 AC1 16 HIS A 96 ? HIS A 96  . ? 1_555 ? 
18 AC1 16 HIS A 98 ? HIS A 98  . ? 1_555 ? 
19 AC1 16 HOH C .  ? HOH A 150 . ? 1_555 ? 
20 AC1 16 HOH C .  ? HOH A 172 . ? 1_555 ? 
# 
loop_
_pdbx_validate_torsion.id 
_pdbx_validate_torsion.PDB_model_num 
_pdbx_validate_torsion.auth_comp_id 
_pdbx_validate_torsion.auth_asym_id 
_pdbx_validate_torsion.auth_seq_id 
_pdbx_validate_torsion.PDB_ins_code 
_pdbx_validate_torsion.label_alt_id 
_pdbx_validate_torsion.phi 
_pdbx_validate_torsion.psi 
1 1 VAL A 14 ? ? -178.34 -28.92 
2 1 LEU A 17 ? ? -177.46 141.37 
3 1 LYS A 29 ? ? 169.64  63.45  
4 1 PRO A 86 ? ? -59.29  171.56 
5 1 GLU A 87 ? ? 69.65   -19.81 
# 
_pdbx_validate_planes.id              1 
_pdbx_validate_planes.PDB_model_num   1 
_pdbx_validate_planes.auth_comp_id    HIS 
_pdbx_validate_planes.auth_asym_id    A 
_pdbx_validate_planes.auth_seq_id     96 
_pdbx_validate_planes.PDB_ins_code    ? 
_pdbx_validate_planes.label_alt_id    ? 
_pdbx_validate_planes.rmsd            0.093 
_pdbx_validate_planes.type            'SIDE CHAIN' 
# 
loop_
_pdbx_unobs_or_zero_occ_residues.id 
_pdbx_unobs_or_zero_occ_residues.PDB_model_num 
_pdbx_unobs_or_zero_occ_residues.polymer_flag 
_pdbx_unobs_or_zero_occ_residues.occupancy_flag 
_pdbx_unobs_or_zero_occ_residues.auth_asym_id 
_pdbx_unobs_or_zero_occ_residues.auth_comp_id 
_pdbx_unobs_or_zero_occ_residues.auth_seq_id 
_pdbx_unobs_or_zero_occ_residues.PDB_ins_code 
_pdbx_unobs_or_zero_occ_residues.label_asym_id 
_pdbx_unobs_or_zero_occ_residues.label_comp_id 
_pdbx_unobs_or_zero_occ_residues.label_seq_id 
1  1 Y 1 A MET 1   ? A MET 1   
2  1 Y 1 A HIS 108 ? A HIS 108 
3  1 Y 1 A ARG 109 ? A ARG 109 
4  1 Y 1 A ASN 110 ? A ASN 110 
5  1 Y 1 A ASP 111 ? A ASP 111 
6  1 Y 1 A SER 112 ? A SER 112 
7  1 Y 1 A ILE 113 ? A ILE 113 
8  1 Y 1 A TYR 114 ? A TYR 114 
9  1 Y 1 A GLU 115 ? A GLU 115 
10 1 Y 1 A GLU 116 ? A GLU 116 
11 1 Y 1 A LEU 117 ? A LEU 117 
12 1 Y 1 A GLN 118 ? A GLN 118 
13 1 Y 1 A LYS 119 ? A LYS 119 
14 1 Y 1 A HIS 120 ? A HIS 120 
15 1 Y 1 A ASP 121 ? A ASP 121 
16 1 Y 1 A LYS 122 ? A LYS 122 
17 1 Y 1 A GLU 123 ? A GLU 123 
18 1 Y 1 A ASP 124 ? A ASP 124 
19 1 Y 1 A PHE 125 ? A PHE 125 
20 1 Y 1 A PRO 126 ? A PRO 126 
21 1 Y 1 A ALA 127 ? A ALA 127 
22 1 Y 1 A SER 128 ? A SER 128 
# 
loop_
_chem_comp_atom.comp_id 
_chem_comp_atom.atom_id 
_chem_comp_atom.type_symbol 
_chem_comp_atom.pdbx_aromatic_flag 
_chem_comp_atom.pdbx_stereo_config 
_chem_comp_atom.pdbx_ordinal 
ALA N      N N N 1   
ALA CA     C N S 2   
ALA C      C N N 3   
ALA O      O N N 4   
ALA CB     C N N 5   
ALA OXT    O N N 6   
ALA H      H N N 7   
ALA H2     H N N 8   
ALA HA     H N N 9   
ALA HB1    H N N 10  
ALA HB2    H N N 11  
ALA HB3    H N N 12  
ALA HXT    H N N 13  
AMW W      W N N 14  
AMW O1W    O N N 15  
AMW O2W    O N N 16  
AMW O3W    O N N 17  
AMW "O5'"  O N N 18  
AMW "C5'"  C N N 19  
AMW "C4'"  C N R 20  
AMW "O4'"  O N N 21  
AMW "C3'"  C N S 22  
AMW "O3'"  O N N 23  
AMW "C2'"  C N R 24  
AMW "O2'"  O N N 25  
AMW "C1'"  C N R 26  
AMW N9     N Y N 27  
AMW C8     C Y N 28  
AMW N7     N Y N 29  
AMW C5     C Y N 30  
AMW C6     C Y N 31  
AMW N6     N N N 32  
AMW N1     N Y N 33  
AMW C2     C Y N 34  
AMW N3     N Y N 35  
AMW C4     C Y N 36  
AMW HOW2   H N N 37  
AMW HOW3   H N N 38  
AMW "H5'1" H N N 39  
AMW "H5'2" H N N 40  
AMW "H4'"  H N N 41  
AMW "H3'"  H N N 42  
AMW "HO3'" H N N 43  
AMW "H2'"  H N N 44  
AMW "HO2'" H N N 45  
AMW "H1'"  H N N 46  
AMW H8     H N N 47  
AMW HN61   H N N 48  
AMW HN62   H N N 49  
AMW H2     H N N 50  
ARG N      N N N 51  
ARG CA     C N S 52  
ARG C      C N N 53  
ARG O      O N N 54  
ARG CB     C N N 55  
ARG CG     C N N 56  
ARG CD     C N N 57  
ARG NE     N N N 58  
ARG CZ     C N N 59  
ARG NH1    N N N 60  
ARG NH2    N N N 61  
ARG OXT    O N N 62  
ARG H      H N N 63  
ARG H2     H N N 64  
ARG HA     H N N 65  
ARG HB2    H N N 66  
ARG HB3    H N N 67  
ARG HG2    H N N 68  
ARG HG3    H N N 69  
ARG HD2    H N N 70  
ARG HD3    H N N 71  
ARG HE     H N N 72  
ARG HH11   H N N 73  
ARG HH12   H N N 74  
ARG HH21   H N N 75  
ARG HH22   H N N 76  
ARG HXT    H N N 77  
ASN N      N N N 78  
ASN CA     C N S 79  
ASN C      C N N 80  
ASN O      O N N 81  
ASN CB     C N N 82  
ASN CG     C N N 83  
ASN OD1    O N N 84  
ASN ND2    N N N 85  
ASN OXT    O N N 86  
ASN H      H N N 87  
ASN H2     H N N 88  
ASN HA     H N N 89  
ASN HB2    H N N 90  
ASN HB3    H N N 91  
ASN HD21   H N N 92  
ASN HD22   H N N 93  
ASN HXT    H N N 94  
ASP N      N N N 95  
ASP CA     C N S 96  
ASP C      C N N 97  
ASP O      O N N 98  
ASP CB     C N N 99  
ASP CG     C N N 100 
ASP OD1    O N N 101 
ASP OD2    O N N 102 
ASP OXT    O N N 103 
ASP H      H N N 104 
ASP H2     H N N 105 
ASP HA     H N N 106 
ASP HB2    H N N 107 
ASP HB3    H N N 108 
ASP HD2    H N N 109 
ASP HXT    H N N 110 
CYS N      N N N 111 
CYS CA     C N R 112 
CYS C      C N N 113 
CYS O      O N N 114 
CYS CB     C N N 115 
CYS SG     S N N 116 
CYS OXT    O N N 117 
CYS H      H N N 118 
CYS H2     H N N 119 
CYS HA     H N N 120 
CYS HB2    H N N 121 
CYS HB3    H N N 122 
CYS HG     H N N 123 
CYS HXT    H N N 124 
GLN N      N N N 125 
GLN CA     C N S 126 
GLN C      C N N 127 
GLN O      O N N 128 
GLN CB     C N N 129 
GLN CG     C N N 130 
GLN CD     C N N 131 
GLN OE1    O N N 132 
GLN NE2    N N N 133 
GLN OXT    O N N 134 
GLN H      H N N 135 
GLN H2     H N N 136 
GLN HA     H N N 137 
GLN HB2    H N N 138 
GLN HB3    H N N 139 
GLN HG2    H N N 140 
GLN HG3    H N N 141 
GLN HE21   H N N 142 
GLN HE22   H N N 143 
GLN HXT    H N N 144 
GLU N      N N N 145 
GLU CA     C N S 146 
GLU C      C N N 147 
GLU O      O N N 148 
GLU CB     C N N 149 
GLU CG     C N N 150 
GLU CD     C N N 151 
GLU OE1    O N N 152 
GLU OE2    O N N 153 
GLU OXT    O N N 154 
GLU H      H N N 155 
GLU H2     H N N 156 
GLU HA     H N N 157 
GLU HB2    H N N 158 
GLU HB3    H N N 159 
GLU HG2    H N N 160 
GLU HG3    H N N 161 
GLU HE2    H N N 162 
GLU HXT    H N N 163 
GLY N      N N N 164 
GLY CA     C N N 165 
GLY C      C N N 166 
GLY O      O N N 167 
GLY OXT    O N N 168 
GLY H      H N N 169 
GLY H2     H N N 170 
GLY HA2    H N N 171 
GLY HA3    H N N 172 
GLY HXT    H N N 173 
HIS N      N N N 174 
HIS CA     C N S 175 
HIS C      C N N 176 
HIS O      O N N 177 
HIS CB     C N N 178 
HIS CG     C Y N 179 
HIS ND1    N Y N 180 
HIS CD2    C Y N 181 
HIS CE1    C Y N 182 
HIS NE2    N Y N 183 
HIS OXT    O N N 184 
HIS H      H N N 185 
HIS H2     H N N 186 
HIS HA     H N N 187 
HIS HB2    H N N 188 
HIS HB3    H N N 189 
HIS HD1    H N N 190 
HIS HD2    H N N 191 
HIS HE1    H N N 192 
HIS HE2    H N N 193 
HIS HXT    H N N 194 
HOH O      O N N 195 
HOH H1     H N N 196 
HOH H2     H N N 197 
ILE N      N N N 198 
ILE CA     C N S 199 
ILE C      C N N 200 
ILE O      O N N 201 
ILE CB     C N S 202 
ILE CG1    C N N 203 
ILE CG2    C N N 204 
ILE CD1    C N N 205 
ILE OXT    O N N 206 
ILE H      H N N 207 
ILE H2     H N N 208 
ILE HA     H N N 209 
ILE HB     H N N 210 
ILE HG12   H N N 211 
ILE HG13   H N N 212 
ILE HG21   H N N 213 
ILE HG22   H N N 214 
ILE HG23   H N N 215 
ILE HD11   H N N 216 
ILE HD12   H N N 217 
ILE HD13   H N N 218 
ILE HXT    H N N 219 
LEU N      N N N 220 
LEU CA     C N S 221 
LEU C      C N N 222 
LEU O      O N N 223 
LEU CB     C N N 224 
LEU CG     C N N 225 
LEU CD1    C N N 226 
LEU CD2    C N N 227 
LEU OXT    O N N 228 
LEU H      H N N 229 
LEU H2     H N N 230 
LEU HA     H N N 231 
LEU HB2    H N N 232 
LEU HB3    H N N 233 
LEU HG     H N N 234 
LEU HD11   H N N 235 
LEU HD12   H N N 236 
LEU HD13   H N N 237 
LEU HD21   H N N 238 
LEU HD22   H N N 239 
LEU HD23   H N N 240 
LEU HXT    H N N 241 
LYS N      N N N 242 
LYS CA     C N S 243 
LYS C      C N N 244 
LYS O      O N N 245 
LYS CB     C N N 246 
LYS CG     C N N 247 
LYS CD     C N N 248 
LYS CE     C N N 249 
LYS NZ     N N N 250 
LYS OXT    O N N 251 
LYS H      H N N 252 
LYS H2     H N N 253 
LYS HA     H N N 254 
LYS HB2    H N N 255 
LYS HB3    H N N 256 
LYS HG2    H N N 257 
LYS HG3    H N N 258 
LYS HD2    H N N 259 
LYS HD3    H N N 260 
LYS HE2    H N N 261 
LYS HE3    H N N 262 
LYS HZ1    H N N 263 
LYS HZ2    H N N 264 
LYS HZ3    H N N 265 
LYS HXT    H N N 266 
MET N      N N N 267 
MET CA     C N S 268 
MET C      C N N 269 
MET O      O N N 270 
MET CB     C N N 271 
MET CG     C N N 272 
MET SD     S N N 273 
MET CE     C N N 274 
MET OXT    O N N 275 
MET H      H N N 276 
MET H2     H N N 277 
MET HA     H N N 278 
MET HB2    H N N 279 
MET HB3    H N N 280 
MET HG2    H N N 281 
MET HG3    H N N 282 
MET HE1    H N N 283 
MET HE2    H N N 284 
MET HE3    H N N 285 
MET HXT    H N N 286 
PHE N      N N N 287 
PHE CA     C N S 288 
PHE C      C N N 289 
PHE O      O N N 290 
PHE CB     C N N 291 
PHE CG     C Y N 292 
PHE CD1    C Y N 293 
PHE CD2    C Y N 294 
PHE CE1    C Y N 295 
PHE CE2    C Y N 296 
PHE CZ     C Y N 297 
PHE OXT    O N N 298 
PHE H      H N N 299 
PHE H2     H N N 300 
PHE HA     H N N 301 
PHE HB2    H N N 302 
PHE HB3    H N N 303 
PHE HD1    H N N 304 
PHE HD2    H N N 305 
PHE HE1    H N N 306 
PHE HE2    H N N 307 
PHE HZ     H N N 308 
PHE HXT    H N N 309 
PRO N      N N N 310 
PRO CA     C N S 311 
PRO C      C N N 312 
PRO O      O N N 313 
PRO CB     C N N 314 
PRO CG     C N N 315 
PRO CD     C N N 316 
PRO OXT    O N N 317 
PRO H      H N N 318 
PRO HA     H N N 319 
PRO HB2    H N N 320 
PRO HB3    H N N 321 
PRO HG2    H N N 322 
PRO HG3    H N N 323 
PRO HD2    H N N 324 
PRO HD3    H N N 325 
PRO HXT    H N N 326 
SER N      N N N 327 
SER CA     C N S 328 
SER C      C N N 329 
SER O      O N N 330 
SER CB     C N N 331 
SER OG     O N N 332 
SER OXT    O N N 333 
SER H      H N N 334 
SER H2     H N N 335 
SER HA     H N N 336 
SER HB2    H N N 337 
SER HB3    H N N 338 
SER HG     H N N 339 
SER HXT    H N N 340 
THR N      N N N 341 
THR CA     C N S 342 
THR C      C N N 343 
THR O      O N N 344 
THR CB     C N R 345 
THR OG1    O N N 346 
THR CG2    C N N 347 
THR OXT    O N N 348 
THR H      H N N 349 
THR H2     H N N 350 
THR HA     H N N 351 
THR HB     H N N 352 
THR HG1    H N N 353 
THR HG21   H N N 354 
THR HG22   H N N 355 
THR HG23   H N N 356 
THR HXT    H N N 357 
TRP N      N N N 358 
TRP CA     C N S 359 
TRP C      C N N 360 
TRP O      O N N 361 
TRP CB     C N N 362 
TRP CG     C Y N 363 
TRP CD1    C Y N 364 
TRP CD2    C Y N 365 
TRP NE1    N Y N 366 
TRP CE2    C Y N 367 
TRP CE3    C Y N 368 
TRP CZ2    C Y N 369 
TRP CZ3    C Y N 370 
TRP CH2    C Y N 371 
TRP OXT    O N N 372 
TRP H      H N N 373 
TRP H2     H N N 374 
TRP HA     H N N 375 
TRP HB2    H N N 376 
TRP HB3    H N N 377 
TRP HD1    H N N 378 
TRP HE1    H N N 379 
TRP HE3    H N N 380 
TRP HZ2    H N N 381 
TRP HZ3    H N N 382 
TRP HH2    H N N 383 
TRP HXT    H N N 384 
TYR N      N N N 385 
TYR CA     C N S 386 
TYR C      C N N 387 
TYR O      O N N 388 
TYR CB     C N N 389 
TYR CG     C Y N 390 
TYR CD1    C Y N 391 
TYR CD2    C Y N 392 
TYR CE1    C Y N 393 
TYR CE2    C Y N 394 
TYR CZ     C Y N 395 
TYR OH     O N N 396 
TYR OXT    O N N 397 
TYR H      H N N 398 
TYR H2     H N N 399 
TYR HA     H N N 400 
TYR HB2    H N N 401 
TYR HB3    H N N 402 
TYR HD1    H N N 403 
TYR HD2    H N N 404 
TYR HE1    H N N 405 
TYR HE2    H N N 406 
TYR HH     H N N 407 
TYR HXT    H N N 408 
VAL N      N N N 409 
VAL CA     C N S 410 
VAL C      C N N 411 
VAL O      O N N 412 
VAL CB     C N N 413 
VAL CG1    C N N 414 
VAL CG2    C N N 415 
VAL OXT    O N N 416 
VAL H      H N N 417 
VAL H2     H N N 418 
VAL HA     H N N 419 
VAL HB     H N N 420 
VAL HG11   H N N 421 
VAL HG12   H N N 422 
VAL HG13   H N N 423 
VAL HG21   H N N 424 
VAL HG22   H N N 425 
VAL HG23   H N N 426 
VAL HXT    H N N 427 
# 
loop_
_chem_comp_bond.comp_id 
_chem_comp_bond.atom_id_1 
_chem_comp_bond.atom_id_2 
_chem_comp_bond.value_order 
_chem_comp_bond.pdbx_aromatic_flag 
_chem_comp_bond.pdbx_stereo_config 
_chem_comp_bond.pdbx_ordinal 
ALA N     CA     sing N N 1   
ALA N     H      sing N N 2   
ALA N     H2     sing N N 3   
ALA CA    C      sing N N 4   
ALA CA    CB     sing N N 5   
ALA CA    HA     sing N N 6   
ALA C     O      doub N N 7   
ALA C     OXT    sing N N 8   
ALA CB    HB1    sing N N 9   
ALA CB    HB2    sing N N 10  
ALA CB    HB3    sing N N 11  
ALA OXT   HXT    sing N N 12  
AMW W     O1W    doub N N 13  
AMW W     O2W    sing N N 14  
AMW W     O3W    sing N N 15  
AMW W     "O5'"  sing N N 16  
AMW O2W   HOW2   sing N N 17  
AMW O3W   HOW3   sing N N 18  
AMW "O5'" "C5'"  sing N N 19  
AMW "C5'" "C4'"  sing N N 20  
AMW "C5'" "H5'1" sing N N 21  
AMW "C5'" "H5'2" sing N N 22  
AMW "C4'" "O4'"  sing N N 23  
AMW "C4'" "C3'"  sing N N 24  
AMW "C4'" "H4'"  sing N N 25  
AMW "O4'" "C1'"  sing N N 26  
AMW "C3'" "O3'"  sing N N 27  
AMW "C3'" "C2'"  sing N N 28  
AMW "C3'" "H3'"  sing N N 29  
AMW "O3'" "HO3'" sing N N 30  
AMW "C2'" "O2'"  sing N N 31  
AMW "C2'" "C1'"  sing N N 32  
AMW "C2'" "H2'"  sing N N 33  
AMW "O2'" "HO2'" sing N N 34  
AMW "C1'" N9     sing N N 35  
AMW "C1'" "H1'"  sing N N 36  
AMW N9    C8     sing Y N 37  
AMW N9    C4     sing Y N 38  
AMW C8    N7     doub Y N 39  
AMW C8    H8     sing N N 40  
AMW N7    C5     sing Y N 41  
AMW C5    C6     sing Y N 42  
AMW C5    C4     doub Y N 43  
AMW C6    N6     sing N N 44  
AMW C6    N1     doub Y N 45  
AMW N6    HN61   sing N N 46  
AMW N6    HN62   sing N N 47  
AMW N1    C2     sing Y N 48  
AMW C2    N3     doub Y N 49  
AMW C2    H2     sing N N 50  
AMW N3    C4     sing Y N 51  
ARG N     CA     sing N N 52  
ARG N     H      sing N N 53  
ARG N     H2     sing N N 54  
ARG CA    C      sing N N 55  
ARG CA    CB     sing N N 56  
ARG CA    HA     sing N N 57  
ARG C     O      doub N N 58  
ARG C     OXT    sing N N 59  
ARG CB    CG     sing N N 60  
ARG CB    HB2    sing N N 61  
ARG CB    HB3    sing N N 62  
ARG CG    CD     sing N N 63  
ARG CG    HG2    sing N N 64  
ARG CG    HG3    sing N N 65  
ARG CD    NE     sing N N 66  
ARG CD    HD2    sing N N 67  
ARG CD    HD3    sing N N 68  
ARG NE    CZ     sing N N 69  
ARG NE    HE     sing N N 70  
ARG CZ    NH1    sing N N 71  
ARG CZ    NH2    doub N N 72  
ARG NH1   HH11   sing N N 73  
ARG NH1   HH12   sing N N 74  
ARG NH2   HH21   sing N N 75  
ARG NH2   HH22   sing N N 76  
ARG OXT   HXT    sing N N 77  
ASN N     CA     sing N N 78  
ASN N     H      sing N N 79  
ASN N     H2     sing N N 80  
ASN CA    C      sing N N 81  
ASN CA    CB     sing N N 82  
ASN CA    HA     sing N N 83  
ASN C     O      doub N N 84  
ASN C     OXT    sing N N 85  
ASN CB    CG     sing N N 86  
ASN CB    HB2    sing N N 87  
ASN CB    HB3    sing N N 88  
ASN CG    OD1    doub N N 89  
ASN CG    ND2    sing N N 90  
ASN ND2   HD21   sing N N 91  
ASN ND2   HD22   sing N N 92  
ASN OXT   HXT    sing N N 93  
ASP N     CA     sing N N 94  
ASP N     H      sing N N 95  
ASP N     H2     sing N N 96  
ASP CA    C      sing N N 97  
ASP CA    CB     sing N N 98  
ASP CA    HA     sing N N 99  
ASP C     O      doub N N 100 
ASP C     OXT    sing N N 101 
ASP CB    CG     sing N N 102 
ASP CB    HB2    sing N N 103 
ASP CB    HB3    sing N N 104 
ASP CG    OD1    doub N N 105 
ASP CG    OD2    sing N N 106 
ASP OD2   HD2    sing N N 107 
ASP OXT   HXT    sing N N 108 
CYS N     CA     sing N N 109 
CYS N     H      sing N N 110 
CYS N     H2     sing N N 111 
CYS CA    C      sing N N 112 
CYS CA    CB     sing N N 113 
CYS CA    HA     sing N N 114 
CYS C     O      doub N N 115 
CYS C     OXT    sing N N 116 
CYS CB    SG     sing N N 117 
CYS CB    HB2    sing N N 118 
CYS CB    HB3    sing N N 119 
CYS SG    HG     sing N N 120 
CYS OXT   HXT    sing N N 121 
GLN N     CA     sing N N 122 
GLN N     H      sing N N 123 
GLN N     H2     sing N N 124 
GLN CA    C      sing N N 125 
GLN CA    CB     sing N N 126 
GLN CA    HA     sing N N 127 
GLN C     O      doub N N 128 
GLN C     OXT    sing N N 129 
GLN CB    CG     sing N N 130 
GLN CB    HB2    sing N N 131 
GLN CB    HB3    sing N N 132 
GLN CG    CD     sing N N 133 
GLN CG    HG2    sing N N 134 
GLN CG    HG3    sing N N 135 
GLN CD    OE1    doub N N 136 
GLN CD    NE2    sing N N 137 
GLN NE2   HE21   sing N N 138 
GLN NE2   HE22   sing N N 139 
GLN OXT   HXT    sing N N 140 
GLU N     CA     sing N N 141 
GLU N     H      sing N N 142 
GLU N     H2     sing N N 143 
GLU CA    C      sing N N 144 
GLU CA    CB     sing N N 145 
GLU CA    HA     sing N N 146 
GLU C     O      doub N N 147 
GLU C     OXT    sing N N 148 
GLU CB    CG     sing N N 149 
GLU CB    HB2    sing N N 150 
GLU CB    HB3    sing N N 151 
GLU CG    CD     sing N N 152 
GLU CG    HG2    sing N N 153 
GLU CG    HG3    sing N N 154 
GLU CD    OE1    doub N N 155 
GLU CD    OE2    sing N N 156 
GLU OE2   HE2    sing N N 157 
GLU OXT   HXT    sing N N 158 
GLY N     CA     sing N N 159 
GLY N     H      sing N N 160 
GLY N     H2     sing N N 161 
GLY CA    C      sing N N 162 
GLY CA    HA2    sing N N 163 
GLY CA    HA3    sing N N 164 
GLY C     O      doub N N 165 
GLY C     OXT    sing N N 166 
GLY OXT   HXT    sing N N 167 
HIS N     CA     sing N N 168 
HIS N     H      sing N N 169 
HIS N     H2     sing N N 170 
HIS CA    C      sing N N 171 
HIS CA    CB     sing N N 172 
HIS CA    HA     sing N N 173 
HIS C     O      doub N N 174 
HIS C     OXT    sing N N 175 
HIS CB    CG     sing N N 176 
HIS CB    HB2    sing N N 177 
HIS CB    HB3    sing N N 178 
HIS CG    ND1    sing Y N 179 
HIS CG    CD2    doub Y N 180 
HIS ND1   CE1    doub Y N 181 
HIS ND1   HD1    sing N N 182 
HIS CD2   NE2    sing Y N 183 
HIS CD2   HD2    sing N N 184 
HIS CE1   NE2    sing Y N 185 
HIS CE1   HE1    sing N N 186 
HIS NE2   HE2    sing N N 187 
HIS OXT   HXT    sing N N 188 
HOH O     H1     sing N N 189 
HOH O     H2     sing N N 190 
ILE N     CA     sing N N 191 
ILE N     H      sing N N 192 
ILE N     H2     sing N N 193 
ILE CA    C      sing N N 194 
ILE CA    CB     sing N N 195 
ILE CA    HA     sing N N 196 
ILE C     O      doub N N 197 
ILE C     OXT    sing N N 198 
ILE CB    CG1    sing N N 199 
ILE CB    CG2    sing N N 200 
ILE CB    HB     sing N N 201 
ILE CG1   CD1    sing N N 202 
ILE CG1   HG12   sing N N 203 
ILE CG1   HG13   sing N N 204 
ILE CG2   HG21   sing N N 205 
ILE CG2   HG22   sing N N 206 
ILE CG2   HG23   sing N N 207 
ILE CD1   HD11   sing N N 208 
ILE CD1   HD12   sing N N 209 
ILE CD1   HD13   sing N N 210 
ILE OXT   HXT    sing N N 211 
LEU N     CA     sing N N 212 
LEU N     H      sing N N 213 
LEU N     H2     sing N N 214 
LEU CA    C      sing N N 215 
LEU CA    CB     sing N N 216 
LEU CA    HA     sing N N 217 
LEU C     O      doub N N 218 
LEU C     OXT    sing N N 219 
LEU CB    CG     sing N N 220 
LEU CB    HB2    sing N N 221 
LEU CB    HB3    sing N N 222 
LEU CG    CD1    sing N N 223 
LEU CG    CD2    sing N N 224 
LEU CG    HG     sing N N 225 
LEU CD1   HD11   sing N N 226 
LEU CD1   HD12   sing N N 227 
LEU CD1   HD13   sing N N 228 
LEU CD2   HD21   sing N N 229 
LEU CD2   HD22   sing N N 230 
LEU CD2   HD23   sing N N 231 
LEU OXT   HXT    sing N N 232 
LYS N     CA     sing N N 233 
LYS N     H      sing N N 234 
LYS N     H2     sing N N 235 
LYS CA    C      sing N N 236 
LYS CA    CB     sing N N 237 
LYS CA    HA     sing N N 238 
LYS C     O      doub N N 239 
LYS C     OXT    sing N N 240 
LYS CB    CG     sing N N 241 
LYS CB    HB2    sing N N 242 
LYS CB    HB3    sing N N 243 
LYS CG    CD     sing N N 244 
LYS CG    HG2    sing N N 245 
LYS CG    HG3    sing N N 246 
LYS CD    CE     sing N N 247 
LYS CD    HD2    sing N N 248 
LYS CD    HD3    sing N N 249 
LYS CE    NZ     sing N N 250 
LYS CE    HE2    sing N N 251 
LYS CE    HE3    sing N N 252 
LYS NZ    HZ1    sing N N 253 
LYS NZ    HZ2    sing N N 254 
LYS NZ    HZ3    sing N N 255 
LYS OXT   HXT    sing N N 256 
MET N     CA     sing N N 257 
MET N     H      sing N N 258 
MET N     H2     sing N N 259 
MET CA    C      sing N N 260 
MET CA    CB     sing N N 261 
MET CA    HA     sing N N 262 
MET C     O      doub N N 263 
MET C     OXT    sing N N 264 
MET CB    CG     sing N N 265 
MET CB    HB2    sing N N 266 
MET CB    HB3    sing N N 267 
MET CG    SD     sing N N 268 
MET CG    HG2    sing N N 269 
MET CG    HG3    sing N N 270 
MET SD    CE     sing N N 271 
MET CE    HE1    sing N N 272 
MET CE    HE2    sing N N 273 
MET CE    HE3    sing N N 274 
MET OXT   HXT    sing N N 275 
PHE N     CA     sing N N 276 
PHE N     H      sing N N 277 
PHE N     H2     sing N N 278 
PHE CA    C      sing N N 279 
PHE CA    CB     sing N N 280 
PHE CA    HA     sing N N 281 
PHE C     O      doub N N 282 
PHE C     OXT    sing N N 283 
PHE CB    CG     sing N N 284 
PHE CB    HB2    sing N N 285 
PHE CB    HB3    sing N N 286 
PHE CG    CD1    doub Y N 287 
PHE CG    CD2    sing Y N 288 
PHE CD1   CE1    sing Y N 289 
PHE CD1   HD1    sing N N 290 
PHE CD2   CE2    doub Y N 291 
PHE CD2   HD2    sing N N 292 
PHE CE1   CZ     doub Y N 293 
PHE CE1   HE1    sing N N 294 
PHE CE2   CZ     sing Y N 295 
PHE CE2   HE2    sing N N 296 
PHE CZ    HZ     sing N N 297 
PHE OXT   HXT    sing N N 298 
PRO N     CA     sing N N 299 
PRO N     CD     sing N N 300 
PRO N     H      sing N N 301 
PRO CA    C      sing N N 302 
PRO CA    CB     sing N N 303 
PRO CA    HA     sing N N 304 
PRO C     O      doub N N 305 
PRO C     OXT    sing N N 306 
PRO CB    CG     sing N N 307 
PRO CB    HB2    sing N N 308 
PRO CB    HB3    sing N N 309 
PRO CG    CD     sing N N 310 
PRO CG    HG2    sing N N 311 
PRO CG    HG3    sing N N 312 
PRO CD    HD2    sing N N 313 
PRO CD    HD3    sing N N 314 
PRO OXT   HXT    sing N N 315 
SER N     CA     sing N N 316 
SER N     H      sing N N 317 
SER N     H2     sing N N 318 
SER CA    C      sing N N 319 
SER CA    CB     sing N N 320 
SER CA    HA     sing N N 321 
SER C     O      doub N N 322 
SER C     OXT    sing N N 323 
SER CB    OG     sing N N 324 
SER CB    HB2    sing N N 325 
SER CB    HB3    sing N N 326 
SER OG    HG     sing N N 327 
SER OXT   HXT    sing N N 328 
THR N     CA     sing N N 329 
THR N     H      sing N N 330 
THR N     H2     sing N N 331 
THR CA    C      sing N N 332 
THR CA    CB     sing N N 333 
THR CA    HA     sing N N 334 
THR C     O      doub N N 335 
THR C     OXT    sing N N 336 
THR CB    OG1    sing N N 337 
THR CB    CG2    sing N N 338 
THR CB    HB     sing N N 339 
THR OG1   HG1    sing N N 340 
THR CG2   HG21   sing N N 341 
THR CG2   HG22   sing N N 342 
THR CG2   HG23   sing N N 343 
THR OXT   HXT    sing N N 344 
TRP N     CA     sing N N 345 
TRP N     H      sing N N 346 
TRP N     H2     sing N N 347 
TRP CA    C      sing N N 348 
TRP CA    CB     sing N N 349 
TRP CA    HA     sing N N 350 
TRP C     O      doub N N 351 
TRP C     OXT    sing N N 352 
TRP CB    CG     sing N N 353 
TRP CB    HB2    sing N N 354 
TRP CB    HB3    sing N N 355 
TRP CG    CD1    doub Y N 356 
TRP CG    CD2    sing Y N 357 
TRP CD1   NE1    sing Y N 358 
TRP CD1   HD1    sing N N 359 
TRP CD2   CE2    doub Y N 360 
TRP CD2   CE3    sing Y N 361 
TRP NE1   CE2    sing Y N 362 
TRP NE1   HE1    sing N N 363 
TRP CE2   CZ2    sing Y N 364 
TRP CE3   CZ3    doub Y N 365 
TRP CE3   HE3    sing N N 366 
TRP CZ2   CH2    doub Y N 367 
TRP CZ2   HZ2    sing N N 368 
TRP CZ3   CH2    sing Y N 369 
TRP CZ3   HZ3    sing N N 370 
TRP CH2   HH2    sing N N 371 
TRP OXT   HXT    sing N N 372 
TYR N     CA     sing N N 373 
TYR N     H      sing N N 374 
TYR N     H2     sing N N 375 
TYR CA    C      sing N N 376 
TYR CA    CB     sing N N 377 
TYR CA    HA     sing N N 378 
TYR C     O      doub N N 379 
TYR C     OXT    sing N N 380 
TYR CB    CG     sing N N 381 
TYR CB    HB2    sing N N 382 
TYR CB    HB3    sing N N 383 
TYR CG    CD1    doub Y N 384 
TYR CG    CD2    sing Y N 385 
TYR CD1   CE1    sing Y N 386 
TYR CD1   HD1    sing N N 387 
TYR CD2   CE2    doub Y N 388 
TYR CD2   HD2    sing N N 389 
TYR CE1   CZ     doub Y N 390 
TYR CE1   HE1    sing N N 391 
TYR CE2   CZ     sing Y N 392 
TYR CE2   HE2    sing N N 393 
TYR CZ    OH     sing N N 394 
TYR OH    HH     sing N N 395 
TYR OXT   HXT    sing N N 396 
VAL N     CA     sing N N 397 
VAL N     H      sing N N 398 
VAL N     H2     sing N N 399 
VAL CA    C      sing N N 400 
VAL CA    CB     sing N N 401 
VAL CA    HA     sing N N 402 
VAL C     O      doub N N 403 
VAL C     OXT    sing N N 404 
VAL CB    CG1    sing N N 405 
VAL CB    CG2    sing N N 406 
VAL CB    HB     sing N N 407 
VAL CG1   HG11   sing N N 408 
VAL CG1   HG12   sing N N 409 
VAL CG1   HG13   sing N N 410 
VAL CG2   HG21   sing N N 411 
VAL CG2   HG22   sing N N 412 
VAL CG2   HG23   sing N N 413 
VAL OXT   HXT    sing N N 414 
# 
_atom_sites.entry_id                    6FIT 
_atom_sites.fract_transf_matrix[1][1]   -0.01457044 
_atom_sites.fract_transf_matrix[1][2]   0.00357666 
_atom_sites.fract_transf_matrix[1][3]   0.01713571 
_atom_sites.fract_transf_matrix[2][1]   -0.00727740 
_atom_sites.fract_transf_matrix[2][2]   -0.01751782 
_atom_sites.fract_transf_matrix[2][3]   0.01260421 
_atom_sites.fract_transf_matrix[3][1]   0.00287837 
_atom_sites.fract_transf_matrix[3][2]   0.00049141 
_atom_sites.fract_transf_matrix[3][3]   0.00234490 
_atom_sites.fract_transf_vector[1]      0.563840 
_atom_sites.fract_transf_vector[2]      0.471155 
_atom_sites.fract_transf_vector[3]      0.107482 
# 
loop_
_atom_type.symbol 
C 
N 
O 
S 
W 
# 
loop_
_atom_site.group_PDB 
_atom_site.id 
_atom_site.type_symbol 
_atom_site.label_atom_id 
_atom_site.label_alt_id 
_atom_site.label_comp_id 
_atom_site.label_asym_id 
_atom_site.label_entity_id 
_atom_site.label_seq_id 
_atom_site.pdbx_PDB_ins_code 
_atom_site.Cartn_x 
_atom_site.Cartn_y 
_atom_site.Cartn_z 
_atom_site.occupancy 
_atom_site.B_iso_or_equiv 
_atom_site.pdbx_formal_charge 
_atom_site.auth_seq_id 
_atom_site.auth_comp_id 
_atom_site.auth_asym_id 
_atom_site.auth_atom_id 
_atom_site.pdbx_PDB_model_num 
ATOM   1    N N     . SER A 1 2   ? -3.821  -13.486 7.117   1.00 62.67  ? 2   SER A N     1 
ATOM   2    C CA    . SER A 1 2   ? -5.179  -13.127 7.642   1.00 68.19  ? 2   SER A CA    1 
ATOM   3    C C     . SER A 1 2   ? -5.715  -11.885 6.915   1.00 66.86  ? 2   SER A C     1 
ATOM   4    O O     . SER A 1 2   ? -6.739  -11.294 7.312   1.00 65.47  ? 2   SER A O     1 
ATOM   5    C CB    . SER A 1 2   ? -5.151  -12.883 9.171   1.00 70.81  ? 2   SER A CB    1 
ATOM   6    O OG    . SER A 1 2   ? -5.016  -14.101 9.898   1.00 57.42  ? 2   SER A OG    1 
ATOM   7    N N     . PHE A 1 3   ? -4.969  -11.437 5.908   1.00 57.16  ? 3   PHE A N     1 
ATOM   8    C CA    . PHE A 1 3   ? -5.410  -10.304 5.116   1.00 41.92  ? 3   PHE A CA    1 
ATOM   9    C C     . PHE A 1 3   ? -5.473  -10.880 3.726   1.00 36.85  ? 3   PHE A C     1 
ATOM   10   O O     . PHE A 1 3   ? -4.813  -11.889 3.453   1.00 33.70  ? 3   PHE A O     1 
ATOM   11   C CB    . PHE A 1 3   ? -4.406  -9.161  5.207   1.00 36.33  ? 3   PHE A CB    1 
ATOM   12   C CG    . PHE A 1 3   ? -4.367  -8.506  6.553   1.00 40.03  ? 3   PHE A CG    1 
ATOM   13   C CD1   . PHE A 1 3   ? -5.295  -7.523  6.881   1.00 41.02  ? 3   PHE A CD1   1 
ATOM   14   C CD2   . PHE A 1 3   ? -3.420  -8.887  7.497   1.00 38.22  ? 3   PHE A CD2   1 
ATOM   15   C CE1   . PHE A 1 3   ? -5.286  -6.923  8.133   1.00 34.54  ? 3   PHE A CE1   1 
ATOM   16   C CE2   . PHE A 1 3   ? -3.403  -8.294  8.757   1.00 36.65  ? 3   PHE A CE2   1 
ATOM   17   C CZ    . PHE A 1 3   ? -4.347  -7.307  9.071   1.00 40.06  ? 3   PHE A CZ    1 
ATOM   18   N N     . ARG A 1 4   ? -6.377  -10.361 2.898   1.00 40.23  ? 4   ARG A N     1 
ATOM   19   C CA    . ARG A 1 4   ? -6.491  -10.837 1.515   1.00 40.19  ? 4   ARG A CA    1 
ATOM   20   C C     . ARG A 1 4   ? -6.394  -9.694  0.521   1.00 32.09  ? 4   ARG A C     1 
ATOM   21   O O     . ARG A 1 4   ? -7.006  -8.651  0.688   1.00 36.98  ? 4   ARG A O     1 
ATOM   22   C CB    . ARG A 1 4   ? -7.758  -11.675 1.289   1.00 45.16  ? 4   ARG A CB    1 
ATOM   23   C CG    . ARG A 1 4   ? -9.037  -11.141 1.902   1.00 56.02  ? 4   ARG A CG    1 
ATOM   24   C CD    . ARG A 1 4   ? -10.246 -11.865 1.300   1.00 70.25  ? 4   ARG A CD    1 
ATOM   25   N NE    . ARG A 1 4   ? -10.193 -11.808 -0.166  1.00 74.11  ? 4   ARG A NE    1 
ATOM   26   C CZ    . ARG A 1 4   ? -11.084 -12.361 -0.993  1.00 72.70  ? 4   ARG A CZ    1 
ATOM   27   N NH1   . ARG A 1 4   ? -12.134 -13.033 -0.523  1.00 64.24  ? 4   ARG A NH1   1 
ATOM   28   N NH2   . ARG A 1 4   ? -10.911 -12.248 -2.307  1.00 76.94  ? 4   ARG A NH2   1 
ATOM   29   N N     . PHE A 1 5   ? -5.581  -9.886  -0.496  1.00 25.16  ? 5   PHE A N     1 
ATOM   30   C CA    . PHE A 1 5   ? -5.375  -8.893  -1.504  1.00 25.27  ? 5   PHE A CA    1 
ATOM   31   C C     . PHE A 1 5   ? -5.717  -9.625  -2.791  1.00 43.26  ? 5   PHE A C     1 
ATOM   32   O O     . PHE A 1 5   ? -4.876  -10.305 -3.391  1.00 45.72  ? 5   PHE A O     1 
ATOM   33   C CB    . PHE A 1 5   ? -3.912  -8.484  -1.451  1.00 19.55  ? 5   PHE A CB    1 
ATOM   34   C CG    . PHE A 1 5   ? -3.492  -7.553  -2.516  1.00 13.95  ? 5   PHE A CG    1 
ATOM   35   C CD1   . PHE A 1 5   ? -4.183  -6.390  -2.756  1.00 13.51  ? 5   PHE A CD1   1 
ATOM   36   C CD2   . PHE A 1 5   ? -2.351  -7.830  -3.247  1.00 22.28  ? 5   PHE A CD2   1 
ATOM   37   C CE1   . PHE A 1 5   ? -3.737  -5.492  -3.732  1.00 27.25  ? 5   PHE A CE1   1 
ATOM   38   C CE2   . PHE A 1 5   ? -1.890  -6.952  -4.220  1.00 25.05  ? 5   PHE A CE2   1 
ATOM   39   C CZ    . PHE A 1 5   ? -2.585  -5.780  -4.462  1.00 19.95  ? 5   PHE A CZ    1 
ATOM   40   N N     . GLY A 1 6   ? -6.992  -9.545  -3.157  1.00 47.91  ? 6   GLY A N     1 
ATOM   41   C CA    . GLY A 1 6   ? -7.471  -10.203 -4.354  1.00 49.97  ? 6   GLY A CA    1 
ATOM   42   C C     . GLY A 1 6   ? -7.500  -11.685 -4.072  1.00 52.76  ? 6   GLY A C     1 
ATOM   43   O O     . GLY A 1 6   ? -8.114  -12.151 -3.098  1.00 50.16  ? 6   GLY A O     1 
ATOM   44   N N     . GLN A 1 7   ? -6.832  -12.427 -4.945  1.00 55.81  ? 7   GLN A N     1 
ATOM   45   C CA    . GLN A 1 7   ? -6.731  -13.869 -4.801  1.00 57.23  ? 7   GLN A CA    1 
ATOM   46   C C     . GLN A 1 7   ? -5.742  -14.182 -3.668  1.00 61.31  ? 7   GLN A C     1 
ATOM   47   O O     . GLN A 1 7   ? -5.999  -15.044 -2.814  1.00 53.85  ? 7   GLN A O     1 
ATOM   48   C CB    . GLN A 1 7   ? -6.294  -14.535 -6.125  1.00 50.64  ? 7   GLN A CB    1 
ATOM   49   C CG    . GLN A 1 7   ? -4.893  -14.168 -6.691  1.00 45.78  ? 7   GLN A CG    1 
ATOM   50   C CD    . GLN A 1 7   ? -4.854  -12.828 -7.436  1.00 49.93  ? 7   GLN A CD    1 
ATOM   51   O OE1   . GLN A 1 7   ? -5.766  -12.011 -7.308  1.00 50.93  ? 7   GLN A OE1   1 
ATOM   52   N NE2   . GLN A 1 7   ? -3.779  -12.589 -8.194  1.00 38.61  ? 7   GLN A NE2   1 
ATOM   53   N N     . HIS A 1 8   ? -4.631  -13.442 -3.614  1.00 63.33  ? 8   HIS A N     1 
ATOM   54   C CA    . HIS A 1 8   ? -3.650  -13.736 -2.582  1.00 62.50  ? 8   HIS A CA    1 
ATOM   55   C C     . HIS A 1 8   ? -4.058  -13.395 -1.167  1.00 57.32  ? 8   HIS A C     1 
ATOM   56   O O     . HIS A 1 8   ? -4.732  -12.393 -0.910  1.00 55.36  ? 8   HIS A O     1 
ATOM   57   C CB    . HIS A 1 8   ? -2.246  -13.147 -2.826  1.00 62.62  ? 8   HIS A CB    1 
ATOM   58   C CG    . HIS A 1 8   ? -2.067  -12.423 -4.121  1.00 60.99  ? 8   HIS A CG    1 
ATOM   59   N ND1   . HIS A 1 8   ? -1.646  -13.053 -5.274  1.00 64.95  ? 8   HIS A ND1   1 
ATOM   60   C CD2   . HIS A 1 8   ? -2.088  -11.097 -4.404  1.00 68.96  ? 8   HIS A CD2   1 
ATOM   61   C CE1   . HIS A 1 8   ? -1.404  -12.148 -6.210  1.00 68.09  ? 8   HIS A CE1   1 
ATOM   62   N NE2   . HIS A 1 8   ? -1.664  -10.952 -5.703  1.00 69.94  ? 8   HIS A NE2   1 
ATOM   63   N N     . LEU A 1 9   ? -3.622  -14.248 -0.250  1.00 54.00  ? 9   LEU A N     1 
ATOM   64   C CA    . LEU A 1 9   ? -3.864  -14.056 1.161   1.00 55.57  ? 9   LEU A CA    1 
ATOM   65   C C     . LEU A 1 9   ? -2.482  -13.599 1.621   1.00 58.48  ? 9   LEU A C     1 
ATOM   66   O O     . LEU A 1 9   ? -1.450  -14.161 1.200   1.00 59.94  ? 9   LEU A O     1 
ATOM   67   C CB    . LEU A 1 9   ? -4.280  -15.374 1.816   1.00 49.73  ? 9   LEU A CB    1 
ATOM   68   C CG    . LEU A 1 9   ? -5.053  -15.090 3.103   1.00 45.93  ? 9   LEU A CG    1 
ATOM   69   C CD1   . LEU A 1 9   ? -6.164  -16.111 3.305   1.00 43.06  ? 9   LEU A CD1   1 
ATOM   70   C CD2   . LEU A 1 9   ? -4.096  -15.012 4.281   1.00 53.14  ? 9   LEU A CD2   1 
ATOM   71   N N     . ILE A 1 10  ? -2.474  -12.518 2.393   1.00 57.29  ? 10  ILE A N     1 
ATOM   72   C CA    . ILE A 1 10  ? -1.264  -11.903 2.875   1.00 50.04  ? 10  ILE A CA    1 
ATOM   73   C C     . ILE A 1 10  ? -1.122  -12.025 4.365   1.00 51.67  ? 10  ILE A C     1 
ATOM   74   O O     . ILE A 1 10  ? -2.129  -11.989 5.116   1.00 49.42  ? 10  ILE A O     1 
ATOM   75   C CB    . ILE A 1 10  ? -1.216  -10.457 2.394   1.00 43.77  ? 10  ILE A CB    1 
ATOM   76   C CG1   . ILE A 1 10  ? -0.849  -10.489 0.907   1.00 29.00  ? 10  ILE A CG1   1 
ATOM   77   C CG2   . ILE A 1 10  ? -0.258  -9.625  3.223   1.00 52.20  ? 10  ILE A CG2   1 
ATOM   78   C CD1   . ILE A 1 10  ? -0.967  -9.211  0.230   1.00 38.91  ? 10  ILE A CD1   1 
ATOM   79   N N     . LYS A 1 11  ? 0.119   -12.325 4.757   1.00 51.94  ? 11  LYS A N     1 
ATOM   80   C CA    . LYS A 1 11  ? 0.512   -12.559 6.151   1.00 43.32  ? 11  LYS A CA    1 
ATOM   81   C C     . LYS A 1 11  ? 0.681   -11.288 6.944   1.00 33.51  ? 11  LYS A C     1 
ATOM   82   O O     . LYS A 1 11  ? 1.520   -10.465 6.635   1.00 39.46  ? 11  LYS A O     1 
ATOM   83   C CB    . LYS A 1 11  ? 1.820   -13.346 6.186   1.00 50.05  ? 11  LYS A CB    1 
ATOM   84   C CG    . LYS A 1 11  ? 1.801   -14.637 5.399   1.00 51.87  ? 11  LYS A CG    1 
ATOM   85   C CD    . LYS A 1 11  ? 3.171   -15.258 5.413   1.00 60.79  ? 11  LYS A CD    1 
ATOM   86   C CE    . LYS A 1 11  ? 3.221   -16.450 4.496   1.00 75.41  ? 11  LYS A CE    1 
ATOM   87   N NZ    . LYS A 1 11  ? 4.600   -16.829 4.053   1.00 90.65  ? 11  LYS A NZ    1 
ATOM   88   N N     . PRO A 1 12  ? 0.000   -11.203 8.075   1.00 27.81  ? 12  PRO A N     1 
ATOM   89   C CA    . PRO A 1 12  ? -0.002  -10.072 8.999   1.00 34.07  ? 12  PRO A CA    1 
ATOM   90   C C     . PRO A 1 12  ? 1.364   -9.441  9.131   1.00 36.67  ? 12  PRO A C     1 
ATOM   91   O O     . PRO A 1 12  ? 1.530   -8.227  9.014   1.00 38.79  ? 12  PRO A O     1 
ATOM   92   C CB    . PRO A 1 12  ? -0.412  -10.722 10.312  1.00 38.69  ? 12  PRO A CB    1 
ATOM   93   C CG    . PRO A 1 12  ? -1.299  -11.845 9.864   1.00 30.90  ? 12  PRO A CG    1 
ATOM   94   C CD    . PRO A 1 12  ? -0.535  -12.404 8.712   1.00 29.11  ? 12  PRO A CD    1 
ATOM   95   N N     . SER A 1 13  ? 2.352   -10.302 9.315   1.00 39.17  ? 13  SER A N     1 
ATOM   96   C CA    . SER A 1 13  ? 3.725   -9.875  9.471   1.00 41.31  ? 13  SER A CA    1 
ATOM   97   C C     . SER A 1 13  ? 4.265   -9.523  8.100   1.00 42.07  ? 13  SER A C     1 
ATOM   98   O O     . SER A 1 13  ? 5.074   -10.261 7.552   1.00 46.33  ? 13  SER A O     1 
ATOM   99   C CB    . SER A 1 13  ? 4.542   -11.009 10.106  1.00 50.29  ? 13  SER A CB    1 
ATOM   100  O OG    . SER A 1 13  ? 4.259   -12.277 9.510   1.00 41.73  ? 13  SER A OG    1 
ATOM   101  N N     . VAL A 1 14  ? 3.713   -8.456  7.533   1.00 39.10  ? 14  VAL A N     1 
ATOM   102  C CA    . VAL A 1 14  ? 4.044   -7.900  6.218   1.00 37.13  ? 14  VAL A CA    1 
ATOM   103  C C     . VAL A 1 14  ? 3.133   -6.657  6.103   1.00 38.10  ? 14  VAL A C     1 
ATOM   104  O O     . VAL A 1 14  ? 3.458   -5.690  5.401   1.00 35.01  ? 14  VAL A O     1 
ATOM   105  C CB    . VAL A 1 14  ? 3.706   -8.873  5.043   1.00 28.40  ? 14  VAL A CB    1 
ATOM   106  C CG1   . VAL A 1 14  ? 3.627   -8.126  3.740   1.00 41.17  ? 14  VAL A CG1   1 
ATOM   107  C CG2   . VAL A 1 14  ? 4.754   -9.939  4.895   1.00 39.31  ? 14  VAL A CG2   1 
ATOM   108  N N     . VAL A 1 15  ? 1.979   -6.723  6.772   1.00 30.72  ? 15  VAL A N     1 
ATOM   109  C CA    . VAL A 1 15  ? 0.989   -5.651  6.799   1.00 29.14  ? 15  VAL A CA    1 
ATOM   110  C C     . VAL A 1 15  ? 1.441   -4.707  7.880   1.00 32.76  ? 15  VAL A C     1 
ATOM   111  O O     . VAL A 1 15  ? 1.474   -5.100  9.043   1.00 36.01  ? 15  VAL A O     1 
ATOM   112  C CB    . VAL A 1 15  ? -0.387  -6.200  7.188   1.00 23.20  ? 15  VAL A CB    1 
ATOM   113  C CG1   . VAL A 1 15  ? -1.336  -5.094  7.554   1.00 12.35  ? 15  VAL A CG1   1 
ATOM   114  C CG2   . VAL A 1 15  ? -0.931  -7.000  6.066   1.00 21.26  ? 15  VAL A CG2   1 
ATOM   115  N N     . PHE A 1 16  ? 1.751   -3.462  7.512   1.00 29.74  ? 16  PHE A N     1 
ATOM   116  C CA    . PHE A 1 16  ? 2.261   -2.500  8.470   1.00 21.60  ? 16  PHE A CA    1 
ATOM   117  C C     . PHE A 1 16  ? 1.337   -1.443  9.028   1.00 29.99  ? 16  PHE A C     1 
ATOM   118  O O     . PHE A 1 16  ? 1.806   -0.400  9.496   1.00 34.58  ? 16  PHE A O     1 
ATOM   119  C CB    . PHE A 1 16  ? 3.491   -1.809  7.925   1.00 14.45  ? 16  PHE A CB    1 
ATOM   120  C CG    . PHE A 1 16  ? 3.232   -0.922  6.762   1.00 12.21  ? 16  PHE A CG    1 
ATOM   121  C CD1   . PHE A 1 16  ? 2.718   0.353   6.942   1.00 15.71  ? 16  PHE A CD1   1 
ATOM   122  C CD2   . PHE A 1 16  ? 3.614   -1.316  5.504   1.00 18.21  ? 16  PHE A CD2   1 
ATOM   123  C CE1   . PHE A 1 16  ? 2.605   1.223   5.884   1.00 20.50  ? 16  PHE A CE1   1 
ATOM   124  C CE2   . PHE A 1 16  ? 3.505   -0.454  4.443   1.00 22.22  ? 16  PHE A CE2   1 
ATOM   125  C CZ    . PHE A 1 16  ? 3.003   0.823   4.628   1.00 16.35  ? 16  PHE A CZ    1 
ATOM   126  N N     . LEU A 1 17  ? 0.035   -1.650  8.868   1.00 29.95  ? 17  LEU A N     1 
ATOM   127  C CA    . LEU A 1 17  ? -0.989  -0.731  9.366   1.00 28.77  ? 17  LEU A CA    1 
ATOM   128  C C     . LEU A 1 17  ? -2.302  -1.377  9.027   1.00 33.60  ? 17  LEU A C     1 
ATOM   129  O O     . LEU A 1 17  ? -2.465  -1.968  7.962   1.00 39.57  ? 17  LEU A O     1 
ATOM   130  C CB    . LEU A 1 17  ? -0.901  0.641   8.679   1.00 20.07  ? 17  LEU A CB    1 
ATOM   131  C CG    . LEU A 1 17  ? -1.977  1.687   9.016   1.00 25.00  ? 17  LEU A CG    1 
ATOM   132  C CD1   . LEU A 1 17  ? -2.099  1.865   10.489  1.00 21.99  ? 17  LEU A CD1   1 
ATOM   133  C CD2   . LEU A 1 17  ? -1.674  3.007   8.369   1.00 22.62  ? 17  LEU A CD2   1 
ATOM   134  N N     . LYS A 1 18  ? -3.242  -1.258  9.933   1.00 32.41  ? 18  LYS A N     1 
ATOM   135  C CA    . LYS A 1 18  ? -4.545  -1.824  9.733   1.00 33.97  ? 18  LYS A CA    1 
ATOM   136  C C     . LYS A 1 18  ? -5.477  -0.893  10.447  1.00 36.74  ? 18  LYS A C     1 
ATOM   137  O O     . LYS A 1 18  ? -5.370  -0.695  11.652  1.00 40.75  ? 18  LYS A O     1 
ATOM   138  C CB    . LYS A 1 18  ? -4.623  -3.203  10.363  1.00 37.86  ? 18  LYS A CB    1 
ATOM   139  C CG    . LYS A 1 18  ? -6.004  -3.809  10.373  1.00 36.90  ? 18  LYS A CG    1 
ATOM   140  C CD    . LYS A 1 18  ? -6.019  -4.876  11.441  1.00 61.68  ? 18  LYS A CD    1 
ATOM   141  C CE    . LYS A 1 18  ? -7.321  -5.686  11.526  1.00 77.53  ? 18  LYS A CE    1 
ATOM   142  N NZ    . LYS A 1 18  ? -7.327  -6.909  10.634  1.00 85.72  ? 18  LYS A NZ    1 
ATOM   143  N N     . THR A 1 19  ? -6.312  -0.228  9.675   1.00 38.43  ? 19  THR A N     1 
ATOM   144  C CA    . THR A 1 19  ? -7.274  0.691   10.216  1.00 39.03  ? 19  THR A CA    1 
ATOM   145  C C     . THR A 1 19  ? -8.596  -0.033  10.302  1.00 43.88  ? 19  THR A C     1 
ATOM   146  O O     . THR A 1 19  ? -8.682  -1.222  10.002  1.00 49.00  ? 19  THR A O     1 
ATOM   147  C CB    . THR A 1 19  ? -7.401  1.867   9.304   1.00 30.14  ? 19  THR A CB    1 
ATOM   148  O OG1   . THR A 1 19  ? -7.565  1.397   7.962   1.00 39.57  ? 19  THR A OG1   1 
ATOM   149  C CG2   . THR A 1 19  ? -6.158  2.717   9.398   1.00 32.58  ? 19  THR A CG2   1 
ATOM   150  N N     . GLU A 1 20  ? -9.625  0.718   10.683  1.00 54.25  ? 20  GLU A N     1 
ATOM   151  C CA    . GLU A 1 20  ? -11.013 0.251   10.832  1.00 55.85  ? 20  GLU A CA    1 
ATOM   152  C C     . GLU A 1 20  ? -11.561 -0.413  9.534   1.00 50.12  ? 20  GLU A C     1 
ATOM   153  O O     . GLU A 1 20  ? -12.307 -1.393  9.602   1.00 49.93  ? 20  GLU A O     1 
ATOM   154  C CB    . GLU A 1 20  ? -11.872 1.470   11.249  1.00 61.83  ? 20  GLU A CB    1 
ATOM   155  C CG    . GLU A 1 20  ? -13.383 1.252   11.384  1.00 73.02  ? 20  GLU A CG    1 
ATOM   156  C CD    . GLU A 1 20  ? -14.212 2.550   11.206  1.00 74.32  ? 20  GLU A CD    1 
ATOM   157  O OE1   . GLU A 1 20  ? -13.824 3.423   10.384  1.00 74.92  ? 20  GLU A OE1   1 
ATOM   158  O OE2   . GLU A 1 20  ? -15.268 2.686   11.871  1.00 80.13  ? 20  GLU A OE2   1 
ATOM   159  N N     . LEU A 1 21  ? -11.143 0.086   8.364   1.00 45.88  ? 21  LEU A N     1 
ATOM   160  C CA    . LEU A 1 21  ? -11.624 -0.446  7.083   1.00 45.27  ? 21  LEU A CA    1 
ATOM   161  C C     . LEU A 1 21  ? -10.525 -0.637  6.044   1.00 40.47  ? 21  LEU A C     1 
ATOM   162  O O     . LEU A 1 21  ? -10.781 -1.159  4.951   1.00 32.71  ? 21  LEU A O     1 
ATOM   163  C CB    . LEU A 1 21  ? -12.662 0.510   6.476   1.00 34.25  ? 21  LEU A CB    1 
ATOM   164  C CG    . LEU A 1 21  ? -13.823 0.949   7.354   1.00 32.20  ? 21  LEU A CG    1 
ATOM   165  C CD1   . LEU A 1 21  ? -14.317 2.313   6.969   1.00 33.57  ? 21  LEU A CD1   1 
ATOM   166  C CD2   . LEU A 1 21  ? -14.905 -0.075  7.290   1.00 33.67  ? 21  LEU A CD2   1 
ATOM   167  N N     . SER A 1 22  ? -9.300  -0.242  6.370   1.00 39.00  ? 22  SER A N     1 
ATOM   168  C CA    . SER A 1 22  ? -8.204  -0.329  5.399   1.00 35.01  ? 22  SER A CA    1 
ATOM   169  C C     . SER A 1 22  ? -6.924  -0.898  5.958   1.00 32.52  ? 22  SER A C     1 
ATOM   170  O O     . SER A 1 22  ? -6.733  -0.955  7.165   1.00 32.63  ? 22  SER A O     1 
ATOM   171  C CB    . SER A 1 22  ? -7.928  1.055   4.862   1.00 30.56  ? 22  SER A CB    1 
ATOM   172  O OG    . SER A 1 22  ? -8.992  1.924   5.203   1.00 35.12  ? 22  SER A OG    1 
ATOM   173  N N     . PHE A 1 23  ? -6.010  -1.266  5.071   1.00 31.65  ? 23  PHE A N     1 
ATOM   174  C CA    . PHE A 1 23  ? -4.747  -1.824  5.509   1.00 28.90  ? 23  PHE A CA    1 
ATOM   175  C C     . PHE A 1 23  ? -3.647  -1.587  4.499   1.00 29.47  ? 23  PHE A C     1 
ATOM   176  O O     . PHE A 1 23  ? -3.901  -1.400  3.304   1.00 29.43  ? 23  PHE A O     1 
ATOM   177  C CB    . PHE A 1 23  ? -4.915  -3.309  5.817   1.00 34.81  ? 23  PHE A CB    1 
ATOM   178  C CG    . PHE A 1 23  ? -4.901  -4.208  4.612   1.00 36.77  ? 23  PHE A CG    1 
ATOM   179  C CD1   . PHE A 1 23  ? -6.060  -4.418  3.887   1.00 45.93  ? 23  PHE A CD1   1 
ATOM   180  C CD2   . PHE A 1 23  ? -3.750  -4.919  4.257   1.00 41.20  ? 23  PHE A CD2   1 
ATOM   181  C CE1   . PHE A 1 23  ? -6.090  -5.327  2.831   1.00 40.49  ? 23  PHE A CE1   1 
ATOM   182  C CE2   . PHE A 1 23  ? -3.764  -5.840  3.192   1.00 38.07  ? 23  PHE A CE2   1 
ATOM   183  C CZ    . PHE A 1 23  ? -4.938  -6.042  2.479   1.00 31.26  ? 23  PHE A CZ    1 
ATOM   184  N N     . ALA A 1 24  ? -2.418  -1.523  4.986   1.00 30.00  ? 24  ALA A N     1 
ATOM   185  C CA    . ALA A 1 24  ? -1.301  -1.290  4.094   1.00 34.67  ? 24  ALA A CA    1 
ATOM   186  C C     . ALA A 1 24  ? -0.334  -2.425  4.189   1.00 37.92  ? 24  ALA A C     1 
ATOM   187  O O     . ALA A 1 24  ? -0.250  -3.078  5.219   1.00 36.20  ? 24  ALA A O     1 
ATOM   188  C CB    . ALA A 1 24  ? -0.635  -0.019  4.455   1.00 32.97  ? 24  ALA A CB    1 
ATOM   189  N N     . LEU A 1 25  ? 0.428   -2.644  3.131   1.00 37.87  ? 25  LEU A N     1 
ATOM   190  C CA    . LEU A 1 25  ? 1.390   -3.733  3.126   1.00 36.86  ? 25  LEU A CA    1 
ATOM   191  C C     . LEU A 1 25  ? 2.627   -3.404  2.306   1.00 34.55  ? 25  LEU A C     1 
ATOM   192  O O     . LEU A 1 25  ? 2.605   -2.494  1.478   1.00 33.76  ? 25  LEU A O     1 
ATOM   193  C CB    . LEU A 1 25  ? 0.736   -5.015  2.595   1.00 38.76  ? 25  LEU A CB    1 
ATOM   194  C CG    . LEU A 1 25  ? 0.445   -5.153  1.105   1.00 33.12  ? 25  LEU A CG    1 
ATOM   195  C CD1   . LEU A 1 25  ? 1.062   -6.416  0.550   1.00 32.84  ? 25  LEU A CD1   1 
ATOM   196  C CD2   . LEU A 1 25  ? -1.024  -5.122  0.897   1.00 45.71  ? 25  LEU A CD2   1 
ATOM   197  N N     . VAL A 1 26  ? 3.720   -4.100  2.575   1.00 39.25  ? 26  VAL A N     1 
ATOM   198  C CA    . VAL A 1 26  ? 4.937   -3.867  1.827   1.00 44.34  ? 26  VAL A CA    1 
ATOM   199  C C     . VAL A 1 26  ? 4.853   -4.642  0.534   1.00 42.18  ? 26  VAL A C     1 
ATOM   200  O O     . VAL A 1 26  ? 4.296   -5.744  0.508   1.00 47.23  ? 26  VAL A O     1 
ATOM   201  C CB    . VAL A 1 26  ? 6.177   -4.274  2.622   1.00 45.81  ? 26  VAL A CB    1 
ATOM   202  C CG1   . VAL A 1 26  ? 7.426   -4.006  1.789   1.00 43.62  ? 26  VAL A CG1   1 
ATOM   203  C CG2   . VAL A 1 26  ? 6.215   -3.480  3.920   1.00 37.50  ? 26  VAL A CG2   1 
ATOM   204  N N     . ASN A 1 27  ? 5.368   -4.067  -0.529  1.00 44.65  ? 27  ASN A N     1 
ATOM   205  C CA    . ASN A 1 27  ? 5.291   -4.696  -1.835  1.00 48.18  ? 27  ASN A CA    1 
ATOM   206  C C     . ASN A 1 27  ? 6.262   -5.823  -1.968  1.00 50.75  ? 27  ASN A C     1 
ATOM   207  O O     . ASN A 1 27  ? 7.359   -5.755  -1.437  1.00 51.00  ? 27  ASN A O     1 
ATOM   208  C CB    . ASN A 1 27  ? 5.606   -3.679  -2.917  1.00 45.30  ? 27  ASN A CB    1 
ATOM   209  C CG    . ASN A 1 27  ? 4.875   -3.961  -4.195  1.00 51.16  ? 27  ASN A CG    1 
ATOM   210  O OD1   . ASN A 1 27  ? 5.082   -3.274  -5.200  1.00 56.97  ? 27  ASN A OD1   1 
ATOM   211  N ND2   . ASN A 1 27  ? 3.944   -4.916  -4.152  1.00 62.34  ? 27  ASN A ND2   1 
ATOM   212  N N     . ARG A 1 28  ? 5.880   -6.859  -2.698  1.00 54.09  ? 28  ARG A N     1 
ATOM   213  C CA    . ARG A 1 28  ? 6.801   -7.961  -2.867  1.00 53.71  ? 28  ARG A CA    1 
ATOM   214  C C     . ARG A 1 28  ? 7.390   -7.894  -4.258  1.00 48.71  ? 28  ARG A C     1 
ATOM   215  O O     . ARG A 1 28  ? 7.497   -8.888  -4.953  1.00 54.72  ? 28  ARG A O     1 
ATOM   216  C CB    . ARG A 1 28  ? 6.181   -9.324  -2.534  1.00 48.43  ? 28  ARG A CB    1 
ATOM   217  C CG    . ARG A 1 28  ? 5.296   -9.918  -3.583  1.00 62.96  ? 28  ARG A CG    1 
ATOM   218  C CD    . ARG A 1 28  ? 5.095   -11.415 -3.303  1.00 79.58  ? 28  ARG A CD    1 
ATOM   219  N NE    . ARG A 1 28  ? 4.475   -12.113 -4.438  1.00 104.72 ? 28  ARG A NE    1 
ATOM   220  C CZ    . ARG A 1 28  ? 3.177   -12.442 -4.532  1.00 111.59 ? 28  ARG A CZ    1 
ATOM   221  N NH1   . ARG A 1 28  ? 2.326   -12.144 -3.549  1.00 113.03 ? 28  ARG A NH1   1 
ATOM   222  N NH2   . ARG A 1 28  ? 2.732   -13.096 -5.613  1.00 119.25 ? 28  ARG A NH2   1 
ATOM   223  N N     . LYS A 1 29  ? 7.670   -6.667  -4.673  1.00 42.11  ? 29  LYS A N     1 
ATOM   224  C CA    . LYS A 1 29  ? 8.315   -6.355  -5.945  1.00 49.78  ? 29  LYS A CA    1 
ATOM   225  C C     . LYS A 1 29  ? 8.219   -4.846  -6.153  1.00 54.31  ? 29  LYS A C     1 
ATOM   226  O O     . LYS A 1 29  ? 7.538   -4.364  -7.062  1.00 60.21  ? 29  LYS A O     1 
ATOM   227  C CB    . LYS A 1 29  ? 7.732   -7.126  -7.143  1.00 58.88  ? 29  LYS A CB    1 
ATOM   228  C CG    . LYS A 1 29  ? 8.538   -6.884  -8.453  1.00 76.88  ? 29  LYS A CG    1 
ATOM   229  C CD    . LYS A 1 29  ? 8.492   -8.018  -9.519  1.00 90.54  ? 29  LYS A CD    1 
ATOM   230  C CE    . LYS A 1 29  ? 7.110   -8.166  -10.167 1.00 101.66 ? 29  LYS A CE    1 
ATOM   231  N NZ    . LYS A 1 29  ? 7.140   -9.071  -11.386 1.00 94.08  ? 29  LYS A NZ    1 
ATOM   232  N N     . PRO A 1 30  ? 8.860   -4.075  -5.257  1.00 47.19  ? 30  PRO A N     1 
ATOM   233  C CA    . PRO A 1 30  ? 8.850   -2.612  -5.329  1.00 42.27  ? 30  PRO A CA    1 
ATOM   234  C C     . PRO A 1 30  ? 9.553   -2.051  -6.555  1.00 40.59  ? 30  PRO A C     1 
ATOM   235  O O     . PRO A 1 30  ? 10.512  -2.622  -7.037  1.00 48.86  ? 30  PRO A O     1 
ATOM   236  C CB    . PRO A 1 30  ? 9.546   -2.193  -4.039  1.00 46.15  ? 30  PRO A CB    1 
ATOM   237  C CG    . PRO A 1 30  ? 10.346  -3.407  -3.654  1.00 51.28  ? 30  PRO A CG    1 
ATOM   238  C CD    . PRO A 1 30  ? 9.488   -4.540  -4.014  1.00 43.08  ? 30  PRO A CD    1 
ATOM   239  N N     . VAL A 1 31  ? 9.023   -0.949  -7.066  1.00 42.68  ? 31  VAL A N     1 
ATOM   240  C CA    . VAL A 1 31  ? 9.570   -0.278  -8.216  1.00 41.44  ? 31  VAL A CA    1 
ATOM   241  C C     . VAL A 1 31  ? 10.678  0.614   -7.760  1.00 38.68  ? 31  VAL A C     1 
ATOM   242  O O     . VAL A 1 31  ? 11.652  0.800   -8.469  1.00 40.87  ? 31  VAL A O     1 
ATOM   243  C CB    . VAL A 1 31  ? 8.484   0.528   -8.909  1.00 39.74  ? 31  VAL A CB    1 
ATOM   244  C CG1   . VAL A 1 31  ? 9.055   1.722   -9.614  1.00 43.59  ? 31  VAL A CG1   1 
ATOM   245  C CG2   . VAL A 1 31  ? 7.811   -0.359  -9.908  1.00 62.24  ? 31  VAL A CG2   1 
ATOM   246  N N     . VAL A 1 32  ? 10.444  1.266   -6.634  1.00 40.25  ? 32  VAL A N     1 
ATOM   247  C CA    . VAL A 1 32  ? 11.410  2.128   -5.976  1.00 42.61  ? 32  VAL A CA    1 
ATOM   248  C C     . VAL A 1 32  ? 11.266  1.810   -4.493  1.00 47.71  ? 32  VAL A C     1 
ATOM   249  O O     . VAL A 1 32  ? 10.166  1.500   -4.028  1.00 46.26  ? 32  VAL A O     1 
ATOM   250  C CB    . VAL A 1 32  ? 11.135  3.624   -6.213  1.00 38.53  ? 32  VAL A CB    1 
ATOM   251  C CG1   . VAL A 1 32  ? 11.485  4.019   -7.638  1.00 31.54  ? 32  VAL A CG1   1 
ATOM   252  C CG2   . VAL A 1 32  ? 9.716   3.939   -5.881  1.00 30.10  ? 32  VAL A CG2   1 
ATOM   253  N N     . PRO A 1 33  ? 12.377  1.831   -3.745  1.00 49.80  ? 33  PRO A N     1 
ATOM   254  C CA    . PRO A 1 33  ? 12.332  1.528   -2.320  1.00 45.31  ? 33  PRO A CA    1 
ATOM   255  C C     . PRO A 1 33  ? 11.246  2.301   -1.627  1.00 38.91  ? 33  PRO A C     1 
ATOM   256  O O     . PRO A 1 33  ? 11.118  3.506   -1.831  1.00 36.59  ? 33  PRO A O     1 
ATOM   257  C CB    . PRO A 1 33  ? 13.697  1.998   -1.837  1.00 50.43  ? 33  PRO A CB    1 
ATOM   258  C CG    . PRO A 1 33  ? 14.040  3.097   -2.805  1.00 48.62  ? 33  PRO A CG    1 
ATOM   259  C CD    . PRO A 1 33  ? 13.662  2.448   -4.091  1.00 57.11  ? 33  PRO A CD    1 
ATOM   260  N N     . GLY A 1 34  ? 10.473  1.581   -0.818  1.00 34.97  ? 34  GLY A N     1 
ATOM   261  C CA    . GLY A 1 34  ? 9.399   2.196   -0.063  1.00 38.41  ? 34  GLY A CA    1 
ATOM   262  C C     . GLY A 1 34  ? 8.106   2.216   -0.842  1.00 40.27  ? 34  GLY A C     1 
ATOM   263  O O     . GLY A 1 34  ? 7.182   2.967   -0.526  1.00 38.97  ? 34  GLY A O     1 
ATOM   264  N N     . HIS A 1 35  ? 8.070   1.407   -1.895  1.00 41.82  ? 35  HIS A N     1 
ATOM   265  C CA    . HIS A 1 35  ? 6.893   1.278   -2.734  1.00 30.59  ? 35  HIS A CA    1 
ATOM   266  C C     . HIS A 1 35  ? 5.960   0.469   -1.903  1.00 25.87  ? 35  HIS A C     1 
ATOM   267  O O     . HIS A 1 35  ? 6.140   -0.737  -1.775  1.00 26.22  ? 35  HIS A O     1 
ATOM   268  C CB    . HIS A 1 35  ? 7.249   0.489   -3.985  1.00 33.03  ? 35  HIS A CB    1 
ATOM   269  C CG    . HIS A 1 35  ? 6.119   0.327   -4.943  1.00 43.23  ? 35  HIS A CG    1 
ATOM   270  N ND1   . HIS A 1 35  ? 5.307   -0.783  -4.945  1.00 33.42  ? 35  HIS A ND1   1 
ATOM   271  C CD2   . HIS A 1 35  ? 5.707   1.098   -5.980  1.00 33.19  ? 35  HIS A CD2   1 
ATOM   272  C CE1   . HIS A 1 35  ? 4.442   -0.693  -5.939  1.00 45.22  ? 35  HIS A CE1   1 
ATOM   273  N NE2   . HIS A 1 35  ? 4.669   0.442   -6.581  1.00 46.94  ? 35  HIS A NE2   1 
ATOM   274  N N     . VAL A 1 36  ? 5.018   1.130   -1.275  1.00 27.73  ? 36  VAL A N     1 
ATOM   275  C CA    . VAL A 1 36  ? 4.075   0.416   -0.462  1.00 37.84  ? 36  VAL A CA    1 
ATOM   276  C C     . VAL A 1 36  ? 2.692   0.559   -1.090  1.00 41.55  ? 36  VAL A C     1 
ATOM   277  O O     . VAL A 1 36  ? 2.507   1.340   -2.054  1.00 42.35  ? 36  VAL A O     1 
ATOM   278  C CB    . VAL A 1 36  ? 4.091   0.928   1.013   1.00 38.27  ? 36  VAL A CB    1 
ATOM   279  C CG1   . VAL A 1 36  ? 5.504   0.810   1.582   1.00 30.29  ? 36  VAL A CG1   1 
ATOM   280  C CG2   . VAL A 1 36  ? 3.615   2.350   1.086   1.00 28.29  ? 36  VAL A CG2   1 
ATOM   281  N N     . LEU A 1 37  ? 1.744   -0.257  -0.645  1.00 33.13  ? 37  LEU A N     1 
ATOM   282  C CA    . LEU A 1 37  ? 0.398   -0.143  -1.187  1.00 32.13  ? 37  LEU A CA    1 
ATOM   283  C C     . LEU A 1 37  ? -0.683  -0.277  -0.156  1.00 30.14  ? 37  LEU A C     1 
ATOM   284  O O     . LEU A 1 37  ? -0.638  -1.133  0.716   1.00 32.81  ? 37  LEU A O     1 
ATOM   285  C CB    . LEU A 1 37  ? 0.189   -1.062  -2.383  1.00 30.53  ? 37  LEU A CB    1 
ATOM   286  C CG    . LEU A 1 37  ? 0.865   -2.397  -2.458  1.00 36.72  ? 37  LEU A CG    1 
ATOM   287  C CD1   . LEU A 1 37  ? -0.088  -3.458  -2.004  1.00 41.89  ? 37  LEU A CD1   1 
ATOM   288  C CD2   . LEU A 1 37  ? 1.278   -2.645  -3.879  1.00 42.61  ? 37  LEU A CD2   1 
ATOM   289  N N     . VAL A 1 38  ? -1.624  0.640   -0.234  1.00 25.74  ? 38  VAL A N     1 
ATOM   290  C CA    . VAL A 1 38  ? -2.725  0.686   0.693   1.00 28.41  ? 38  VAL A CA    1 
ATOM   291  C C     . VAL A 1 38  ? -3.933  0.164   -0.023  1.00 29.03  ? 38  VAL A C     1 
ATOM   292  O O     . VAL A 1 38  ? -4.139  0.510   -1.173  1.00 32.60  ? 38  VAL A O     1 
ATOM   293  C CB    . VAL A 1 38  ? -3.052  2.137   1.030   1.00 30.18  ? 38  VAL A CB    1 
ATOM   294  C CG1   . VAL A 1 38  ? -3.911  2.193   2.249   1.00 35.47  ? 38  VAL A CG1   1 
ATOM   295  C CG2   . VAL A 1 38  ? -1.792  2.952   1.208   1.00 35.74  ? 38  VAL A CG2   1 
ATOM   296  N N     . CYS A 1 39  ? -4.757  -0.626  0.649   1.00 21.08  ? 39  CYS A N     1 
ATOM   297  C CA    . CYS A 1 39  ? -5.963  -1.140  0.021   1.00 24.44  ? 39  CYS A CA    1 
ATOM   298  C C     . CYS A 1 39  ? -7.068  -1.385  1.046   1.00 30.07  ? 39  CYS A C     1 
ATOM   299  O O     . CYS A 1 39  ? -6.770  -1.574  2.227   1.00 39.34  ? 39  CYS A O     1 
ATOM   300  C CB    . CYS A 1 39  ? -5.656  -2.372  -0.809  1.00 35.72  ? 39  CYS A CB    1 
ATOM   301  S SG    . CYS A 1 39  ? -4.414  -3.424  -0.160  1.00 42.24  ? 39  CYS A SG    1 
ATOM   302  N N     . PRO A 1 40  ? -8.357  -1.330  0.638   1.00 29.03  ? 40  PRO A N     1 
ATOM   303  C CA    . PRO A 1 40  ? -9.458  -1.549  1.580   1.00 27.01  ? 40  PRO A CA    1 
ATOM   304  C C     . PRO A 1 40  ? -9.544  -2.987  2.032   1.00 32.82  ? 40  PRO A C     1 
ATOM   305  O O     . PRO A 1 40  ? -9.200  -3.900  1.287   1.00 33.38  ? 40  PRO A O     1 
ATOM   306  C CB    . PRO A 1 40  ? -10.682 -1.194  0.754   1.00 20.57  ? 40  PRO A CB    1 
ATOM   307  C CG    . PRO A 1 40  ? -10.283 -1.659  -0.597  1.00 23.97  ? 40  PRO A CG    1 
ATOM   308  C CD    . PRO A 1 40  ? -8.884  -1.153  -0.719  1.00 26.67  ? 40  PRO A CD    1 
ATOM   309  N N     . LEU A 1 41  ? -10.018 -3.196  3.252   1.00 38.83  ? 41  LEU A N     1 
ATOM   310  C CA    . LEU A 1 41  ? -10.154 -4.548  3.786   1.00 44.50  ? 41  LEU A CA    1 
ATOM   311  C C     . LEU A 1 41  ? -11.140 -5.382  2.943   1.00 45.31  ? 41  LEU A C     1 
ATOM   312  O O     . LEU A 1 41  ? -10.866 -6.540  2.615   1.00 44.61  ? 41  LEU A O     1 
ATOM   313  C CB    . LEU A 1 41  ? -10.569 -4.496  5.277   1.00 46.89  ? 41  LEU A CB    1 
ATOM   314  C CG    . LEU A 1 41  ? -9.492  -4.194  6.351   1.00 41.59  ? 41  LEU A CG    1 
ATOM   315  C CD1   . LEU A 1 41  ? -10.131 -3.844  7.693   1.00 44.40  ? 41  LEU A CD1   1 
ATOM   316  C CD2   . LEU A 1 41  ? -8.548  -5.388  6.518   1.00 22.36  ? 41  LEU A CD2   1 
ATOM   317  N N     . ARG A 1 42  ? -12.242 -4.762  2.525   1.00 42.54  ? 42  ARG A N     1 
ATOM   318  C CA    . ARG A 1 42  ? -13.248 -5.432  1.713   1.00 38.21  ? 42  ARG A CA    1 
ATOM   319  C C     . ARG A 1 42  ? -12.684 -5.608  0.323   1.00 35.21  ? 42  ARG A C     1 
ATOM   320  O O     . ARG A 1 42  ? -12.172 -4.663  -0.264  1.00 38.71  ? 42  ARG A O     1 
ATOM   321  C CB    . ARG A 1 42  ? -14.524 -4.593  1.665   1.00 44.80  ? 42  ARG A CB    1 
ATOM   322  C CG    . ARG A 1 42  ? -15.696 -5.316  1.060   1.00 47.98  ? 42  ARG A CG    1 
ATOM   323  C CD    . ARG A 1 42  ? -16.986 -4.820  1.668   1.00 46.78  ? 42  ARG A CD    1 
ATOM   324  N NE    . ARG A 1 42  ? -17.328 -3.473  1.235   1.00 47.18  ? 42  ARG A NE    1 
ATOM   325  C CZ    . ARG A 1 42  ? -17.551 -3.133  -0.031  1.00 42.86  ? 42  ARG A CZ    1 
ATOM   326  N NH1   . ARG A 1 42  ? -17.450 -4.044  -0.980  1.00 36.42  ? 42  ARG A NH1   1 
ATOM   327  N NH2   . ARG A 1 42  ? -17.966 -1.902  -0.337  1.00 48.88  ? 42  ARG A NH2   1 
ATOM   328  N N     . PRO A 1 43  ? -12.752 -6.830  -0.212  1.00 41.33  ? 43  PRO A N     1 
ATOM   329  C CA    . PRO A 1 43  ? -12.241 -7.174  -1.545  1.00 44.92  ? 43  PRO A CA    1 
ATOM   330  C C     . PRO A 1 43  ? -12.988 -6.728  -2.807  1.00 46.97  ? 43  PRO A C     1 
ATOM   331  O O     . PRO A 1 43  ? -13.323 -7.549  -3.661  1.00 57.87  ? 43  PRO A O     1 
ATOM   332  C CB    . PRO A 1 43  ? -12.100 -8.701  -1.473  1.00 42.50  ? 43  PRO A CB    1 
ATOM   333  C CG    . PRO A 1 43  ? -13.132 -9.104  -0.471  1.00 39.45  ? 43  PRO A CG    1 
ATOM   334  C CD    . PRO A 1 43  ? -13.066 -8.039  0.574   1.00 39.77  ? 43  PRO A CD    1 
ATOM   335  N N     . VAL A 1 44  ? -13.215 -5.433  -2.942  1.00 39.84  ? 44  VAL A N     1 
ATOM   336  C CA    . VAL A 1 44  ? -13.876 -4.893  -4.117  1.00 30.92  ? 44  VAL A CA    1 
ATOM   337  C C     . VAL A 1 44  ? -12.873 -4.854  -5.261  1.00 33.66  ? 44  VAL A C     1 
ATOM   338  O O     . VAL A 1 44  ? -11.665 -4.861  -5.024  1.00 35.30  ? 44  VAL A O     1 
ATOM   339  C CB    . VAL A 1 44  ? -14.362 -3.498  -3.838  1.00 25.85  ? 44  VAL A CB    1 
ATOM   340  C CG1   . VAL A 1 44  ? -15.345 -3.533  -2.695  1.00 38.91  ? 44  VAL A CG1   1 
ATOM   341  C CG2   . VAL A 1 44  ? -13.190 -2.628  -3.476  1.00 25.88  ? 44  VAL A CG2   1 
ATOM   342  N N     . GLU A 1 45  ? -13.355 -4.773  -6.500  1.00 39.78  ? 45  GLU A N     1 
ATOM   343  C CA    . GLU A 1 45  ? -12.458 -4.759  -7.670  1.00 39.33  ? 45  GLU A CA    1 
ATOM   344  C C     . GLU A 1 45  ? -12.381 -3.398  -8.350  1.00 39.73  ? 45  GLU A C     1 
ATOM   345  O O     . GLU A 1 45  ? -11.500 -3.152  -9.170  1.00 44.43  ? 45  GLU A O     1 
ATOM   346  C CB    . GLU A 1 45  ? -12.925 -5.769  -8.727  1.00 50.79  ? 45  GLU A CB    1 
ATOM   347  C CG    . GLU A 1 45  ? -11.898 -5.941  -9.866  1.00 59.47  ? 45  GLU A CG    1 
ATOM   348  C CD    . GLU A 1 45  ? -12.489 -6.325  -11.228 1.00 63.03  ? 45  GLU A CD    1 
ATOM   349  O OE1   . GLU A 1 45  ? -13.657 -6.815  -11.266 1.00 59.60  ? 45  GLU A OE1   1 
ATOM   350  O OE2   . GLU A 1 45  ? -11.764 -6.137  -12.241 1.00 59.57  ? 45  GLU A OE2   1 
ATOM   351  N N     . ARG A 1 46  ? -13.345 -2.540  -8.058  1.00 33.14  ? 46  ARG A N     1 
ATOM   352  C CA    . ARG A 1 46  ? -13.400 -1.248  -8.695  1.00 23.71  ? 46  ARG A CA    1 
ATOM   353  C C     . ARG A 1 46  ? -13.704 -0.141  -7.702  1.00 28.93  ? 46  ARG A C     1 
ATOM   354  O O     . ARG A 1 46  ? -14.642 -0.257  -6.917  1.00 27.11  ? 46  ARG A O     1 
ATOM   355  C CB    . ARG A 1 46  ? -14.451 -1.300  -9.776  1.00 23.37  ? 46  ARG A CB    1 
ATOM   356  C CG    . ARG A 1 46  ? -14.156 -2.307  -10.880 1.00 14.68  ? 46  ARG A CG    1 
ATOM   357  C CD    . ARG A 1 46  ? -12.962 -1.847  -11.678 1.00 18.95  ? 46  ARG A CD    1 
ATOM   358  N NE    . ARG A 1 46  ? -13.063 -0.414  -11.911 1.00 42.72  ? 46  ARG A NE    1 
ATOM   359  C CZ    . ARG A 1 46  ? -13.052 0.177   -13.099 1.00 35.33  ? 46  ARG A CZ    1 
ATOM   360  N NH1   . ARG A 1 46  ? -12.931 -0.539  -14.202 1.00 42.51  ? 46  ARG A NH1   1 
ATOM   361  N NH2   . ARG A 1 46  ? -13.235 1.488   -13.169 1.00 53.55  ? 46  ARG A NH2   1 
ATOM   362  N N     . PHE A 1 47  ? -12.994 0.979   -7.848  1.00 28.99  ? 47  PHE A N     1 
ATOM   363  C CA    . PHE A 1 47  ? -13.106 2.143   -6.963  1.00 22.56  ? 47  PHE A CA    1 
ATOM   364  C C     . PHE A 1 47  ? -14.545 2.484   -6.669  1.00 29.55  ? 47  PHE A C     1 
ATOM   365  O O     . PHE A 1 47  ? -14.876 2.728   -5.522  1.00 28.75  ? 47  PHE A O     1 
ATOM   366  C CB    . PHE A 1 47  ? -12.351 3.343   -7.572  1.00 19.05  ? 47  PHE A CB    1 
ATOM   367  C CG    . PHE A 1 47  ? -12.108 4.523   -6.614  1.00 20.04  ? 47  PHE A CG    1 
ATOM   368  C CD1   . PHE A 1 47  ? -12.043 4.341   -5.243  1.00 18.14  ? 47  PHE A CD1   1 
ATOM   369  C CD2   . PHE A 1 47  ? -11.922 5.811   -7.117  1.00 11.69  ? 47  PHE A CD2   1 
ATOM   370  C CE1   . PHE A 1 47  ? -11.794 5.425   -4.393  1.00 17.81  ? 47  PHE A CE1   1 
ATOM   371  C CE2   . PHE A 1 47  ? -11.678 6.898   -6.272  1.00 12.07  ? 47  PHE A CE2   1 
ATOM   372  C CZ    . PHE A 1 47  ? -11.614 6.705   -4.928  1.00 7.94   ? 47  PHE A CZ    1 
ATOM   373  N N     . HIS A 1 48  ? -15.426 2.345   -7.659  1.00 36.36  ? 48  HIS A N     1 
ATOM   374  C CA    . HIS A 1 48  ? -16.831 2.697   -7.461  1.00 40.95  ? 48  HIS A CA    1 
ATOM   375  C C     . HIS A 1 48  ? -17.642 1.740   -6.594  1.00 43.72  ? 48  HIS A C     1 
ATOM   376  O O     . HIS A 1 48  ? -18.728 2.096   -6.135  1.00 44.24  ? 48  HIS A O     1 
ATOM   377  C CB    . HIS A 1 48  ? -17.546 2.929   -8.788  1.00 45.55  ? 48  HIS A CB    1 
ATOM   378  C CG    . HIS A 1 48  ? -17.623 1.712   -9.652  1.00 50.11  ? 48  HIS A CG    1 
ATOM   379  N ND1   . HIS A 1 48  ? -16.891 1.576   -10.813 1.00 55.07  ? 48  HIS A ND1   1 
ATOM   380  C CD2   . HIS A 1 48  ? -18.367 0.588   -9.538  1.00 48.77  ? 48  HIS A CD2   1 
ATOM   381  C CE1   . HIS A 1 48  ? -17.183 0.418   -11.379 1.00 61.12  ? 48  HIS A CE1   1 
ATOM   382  N NE2   . HIS A 1 48  ? -18.076 -0.201  -10.627 1.00 58.56  ? 48  HIS A NE2   1 
ATOM   383  N N     . ASP A 1 49  ? -17.168 0.516   -6.399  1.00 43.53  ? 49  ASP A N     1 
ATOM   384  C CA    . ASP A 1 49  ? -17.910 -0.408  -5.551  1.00 40.79  ? 49  ASP A CA    1 
ATOM   385  C C     . ASP A 1 49  ? -17.705 -0.075  -4.081  1.00 38.42  ? 49  ASP A C     1 
ATOM   386  O O     . ASP A 1 49  ? -18.358 -0.647  -3.207  1.00 42.80  ? 49  ASP A O     1 
ATOM   387  C CB    . ASP A 1 49  ? -17.452 -1.833  -5.806  1.00 46.37  ? 49  ASP A CB    1 
ATOM   388  C CG    . ASP A 1 49  ? -17.975 -2.399  -7.132  1.00 59.23  ? 49  ASP A CG    1 
ATOM   389  O OD1   . ASP A 1 49  ? -19.110 -2.027  -7.534  1.00 54.67  ? 49  ASP A OD1   1 
ATOM   390  O OD2   . ASP A 1 49  ? -17.260 -3.236  -7.750  1.00 55.92  ? 49  ASP A OD2   1 
ATOM   391  N N     . LEU A 1 50  ? -16.761 0.818   -3.813  1.00 35.50  ? 50  LEU A N     1 
ATOM   392  C CA    . LEU A 1 50  ? -16.440 1.199   -2.452  1.00 30.05  ? 50  LEU A CA    1 
ATOM   393  C C     . LEU A 1 50  ? -17.457 2.135   -1.891  1.00 26.63  ? 50  LEU A C     1 
ATOM   394  O O     . LEU A 1 50  ? -17.892 3.048   -2.563  1.00 31.88  ? 50  LEU A O     1 
ATOM   395  C CB    . LEU A 1 50  ? -15.080 1.890   -2.391  1.00 28.21  ? 50  LEU A CB    1 
ATOM   396  C CG    . LEU A 1 50  ? -13.795 1.093   -2.621  1.00 24.31  ? 50  LEU A CG    1 
ATOM   397  C CD1   . LEU A 1 50  ? -12.580 1.992   -2.420  1.00 22.07  ? 50  LEU A CD1   1 
ATOM   398  C CD2   . LEU A 1 50  ? -13.756 -0.070  -1.667  1.00 21.37  ? 50  LEU A CD2   1 
ATOM   399  N N     . ARG A 1 51  ? -17.785 1.944   -0.630  1.00 26.62  ? 51  ARG A N     1 
ATOM   400  C CA    . ARG A 1 51  ? -18.731 2.826   0.004   1.00 27.92  ? 51  ARG A CA    1 
ATOM   401  C C     . ARG A 1 51  ? -18.046 4.183   0.238   1.00 26.63  ? 51  ARG A C     1 
ATOM   402  O O     . ARG A 1 51  ? -16.834 4.294   0.183   1.00 24.85  ? 51  ARG A O     1 
ATOM   403  C CB    . ARG A 1 51  ? -19.174 2.238   1.338   1.00 40.43  ? 51  ARG A CB    1 
ATOM   404  C CG    . ARG A 1 51  ? -19.564 0.768   1.310   1.00 46.45  ? 51  ARG A CG    1 
ATOM   405  C CD    . ARG A 1 51  ? -20.381 0.391   2.561   1.00 58.20  ? 51  ARG A CD    1 
ATOM   406  N NE    . ARG A 1 51  ? -19.714 0.736   3.822   1.00 62.16  ? 51  ARG A NE    1 
ATOM   407  C CZ    . ARG A 1 51  ? -18.802 -0.028  4.441   1.00 71.89  ? 51  ARG A CZ    1 
ATOM   408  N NH1   . ARG A 1 51  ? -18.423 -1.211  3.933   1.00 65.08  ? 51  ARG A NH1   1 
ATOM   409  N NH2   . ARG A 1 51  ? -18.266 0.389   5.589   1.00 60.03  ? 51  ARG A NH2   1 
ATOM   410  N N     . PRO A 1 52  ? -18.821 5.225   0.527   1.00 31.27  ? 52  PRO A N     1 
ATOM   411  C CA    . PRO A 1 52  ? -18.195 6.521   0.758   1.00 34.66  ? 52  PRO A CA    1 
ATOM   412  C C     . PRO A 1 52  ? -17.214 6.488   1.887   1.00 35.54  ? 52  PRO A C     1 
ATOM   413  O O     . PRO A 1 52  ? -16.176 7.130   1.785   1.00 41.37  ? 52  PRO A O     1 
ATOM   414  C CB    . PRO A 1 52  ? -19.372 7.398   1.113   1.00 39.23  ? 52  PRO A CB    1 
ATOM   415  C CG    . PRO A 1 52  ? -20.472 6.803   0.257   1.00 41.77  ? 52  PRO A CG    1 
ATOM   416  C CD    . PRO A 1 52  ? -20.287 5.348   0.478   1.00 37.19  ? 52  PRO A CD    1 
ATOM   417  N N     . ASP A 1 53  ? -17.525 5.755   2.963   1.00 35.03  ? 53  ASP A N     1 
ATOM   418  C CA    . ASP A 1 53  ? -16.616 5.691   4.125   1.00 36.14  ? 53  ASP A CA    1 
ATOM   419  C C     . ASP A 1 53  ? -15.340 4.928   3.819   1.00 29.52  ? 53  ASP A C     1 
ATOM   420  O O     . ASP A 1 53  ? -14.254 5.352   4.196   1.00 21.40  ? 53  ASP A O     1 
ATOM   421  C CB    . ASP A 1 53  ? -17.301 5.166   5.409   1.00 30.11  ? 53  ASP A CB    1 
ATOM   422  C CG    . ASP A 1 53  ? -17.852 3.735   5.274   1.00 43.45  ? 53  ASP A CG    1 
ATOM   423  O OD1   . ASP A 1 53  ? -18.177 3.275   4.163   1.00 51.18  ? 53  ASP A OD1   1 
ATOM   424  O OD2   . ASP A 1 53  ? -17.992 3.040   6.308   1.00 61.18  ? 53  ASP A OD2   1 
ATOM   425  N N     . GLU A 1 54  ? -15.467 3.837   3.082   1.00 16.86  ? 54  GLU A N     1 
ATOM   426  C CA    . GLU A 1 54  ? -14.310 3.058   2.717   1.00 17.19  ? 54  GLU A CA    1 
ATOM   427  C C     . GLU A 1 54  ? -13.404 3.966   1.924   1.00 27.67  ? 54  GLU A C     1 
ATOM   428  O O     . GLU A 1 54  ? -12.189 3.914   2.068   1.00 29.61  ? 54  GLU A O     1 
ATOM   429  C CB    . GLU A 1 54  ? -14.713 1.884   1.846   1.00 19.46  ? 54  GLU A CB    1 
ATOM   430  C CG    . GLU A 1 54  ? -15.684 0.938   2.508   1.00 34.61  ? 54  GLU A CG    1 
ATOM   431  C CD    . GLU A 1 54  ? -15.839 -0.376  1.760   1.00 38.89  ? 54  GLU A CD    1 
ATOM   432  O OE1   . GLU A 1 54  ? -15.848 -0.362  0.521   1.00 37.19  ? 54  GLU A OE1   1 
ATOM   433  O OE2   . GLU A 1 54  ? -15.966 -1.437  2.412   1.00 45.22  ? 54  GLU A OE2   1 
ATOM   434  N N     . VAL A 1 55  ? -13.988 4.806   1.084   1.00 27.09  ? 55  VAL A N     1 
ATOM   435  C CA    . VAL A 1 55  ? -13.180 5.713   0.283   1.00 28.35  ? 55  VAL A CA    1 
ATOM   436  C C     . VAL A 1 55  ? -12.430 6.686   1.171   1.00 26.90  ? 55  VAL A C     1 
ATOM   437  O O     . VAL A 1 55  ? -11.249 6.900   0.998   1.00 23.62  ? 55  VAL A O     1 
ATOM   438  C CB    . VAL A 1 55  ? -14.023 6.593   -0.652  1.00 25.55  ? 55  VAL A CB    1 
ATOM   439  C CG1   . VAL A 1 55  ? -13.103 7.502   -1.462  1.00 21.40  ? 55  VAL A CG1   1 
ATOM   440  C CG2   . VAL A 1 55  ? -14.887 5.754   -1.562  1.00 25.97  ? 55  VAL A CG2   1 
ATOM   441  N N     . ALA A 1 56  ? -13.138 7.308   2.097   1.00 26.81  ? 56  ALA A N     1 
ATOM   442  C CA    . ALA A 1 56  ? -12.530 8.275   2.993   1.00 30.79  ? 56  ALA A CA    1 
ATOM   443  C C     . ALA A 1 56  ? -11.450 7.659   3.865   1.00 36.11  ? 56  ALA A C     1 
ATOM   444  O O     . ALA A 1 56  ? -10.454 8.304   4.188   1.00 36.19  ? 56  ALA A O     1 
ATOM   445  C CB    . ALA A 1 56  ? -13.598 8.919   3.853   1.00 35.47  ? 56  ALA A CB    1 
ATOM   446  N N     . ASP A 1 57  ? -11.647 6.408   4.251   1.00 41.34  ? 57  ASP A N     1 
ATOM   447  C CA    . ASP A 1 57  ? -10.694 5.710   5.106   1.00 40.88  ? 57  ASP A CA    1 
ATOM   448  C C     . ASP A 1 57  ? -9.478  5.293   4.298   1.00 32.41  ? 57  ASP A C     1 
ATOM   449  O O     . ASP A 1 57  ? -8.358  5.332   4.777   1.00 33.11  ? 57  ASP A O     1 
ATOM   450  C CB    . ASP A 1 57  ? -11.357 4.486   5.740   1.00 40.10  ? 57  ASP A CB    1 
ATOM   451  C CG    . ASP A 1 57  ? -10.764 4.120   7.087   1.00 38.37  ? 57  ASP A CG    1 
ATOM   452  O OD1   . ASP A 1 57  ? -11.135 4.745   8.106   1.00 40.51  ? 57  ASP A OD1   1 
ATOM   453  O OD2   . ASP A 1 57  ? -9.938  3.193   7.122   1.00 31.28  ? 57  ASP A OD2   1 
ATOM   454  N N     . LEU A 1 58  ? -9.706  4.860   3.073   1.00 24.96  ? 58  LEU A N     1 
ATOM   455  C CA    . LEU A 1 58  ? -8.623  4.452   2.206   1.00 23.45  ? 58  LEU A CA    1 
ATOM   456  C C     . LEU A 1 58  ? -7.656  5.588   1.982   1.00 23.57  ? 58  LEU A C     1 
ATOM   457  O O     . LEU A 1 58  ? -6.469  5.458   2.199   1.00 24.13  ? 58  LEU A O     1 
ATOM   458  C CB    . LEU A 1 58  ? -9.161  3.994   0.851   1.00 16.27  ? 58  LEU A CB    1 
ATOM   459  C CG    . LEU A 1 58  ? -8.141  3.682   -0.243  1.00 19.59  ? 58  LEU A CG    1 
ATOM   460  C CD1   . LEU A 1 58  ? -7.203  2.631   0.236   1.00 34.49  ? 58  LEU A CD1   1 
ATOM   461  C CD2   . LEU A 1 58  ? -8.796  3.222   -1.497  1.00 20.82  ? 58  LEU A CD2   1 
ATOM   462  N N     . PHE A 1 59  ? -8.152  6.723   1.532   1.00 29.32  ? 59  PHE A N     1 
ATOM   463  C CA    . PHE A 1 59  ? -7.250  7.820   1.259   1.00 32.26  ? 59  PHE A CA    1 
ATOM   464  C C     . PHE A 1 59  ? -6.748  8.591   2.448   1.00 35.11  ? 59  PHE A C     1 
ATOM   465  O O     . PHE A 1 59  ? -5.790  9.340   2.338   1.00 36.28  ? 59  PHE A O     1 
ATOM   466  C CB    . PHE A 1 59  ? -7.781  8.690   0.145   1.00 23.70  ? 59  PHE A CB    1 
ATOM   467  C CG    . PHE A 1 59  ? -7.656  8.050   -1.180  1.00 18.82  ? 59  PHE A CG    1 
ATOM   468  C CD1   . PHE A 1 59  ? -8.633  7.181   -1.637  1.00 31.94  ? 59  PHE A CD1   1 
ATOM   469  C CD2   . PHE A 1 59  ? -6.525  8.241   -1.926  1.00 23.12  ? 59  PHE A CD2   1 
ATOM   470  C CE1   . PHE A 1 59  ? -8.480  6.509   -2.824  1.00 18.47  ? 59  PHE A CE1   1 
ATOM   471  C CE2   . PHE A 1 59  ? -6.356  7.583   -3.107  1.00 33.50  ? 59  PHE A CE2   1 
ATOM   472  C CZ    . PHE A 1 59  ? -7.345  6.711   -3.560  1.00 35.68  ? 59  PHE A CZ    1 
ATOM   473  N N     . GLN A 1 60  ? -7.373  8.427   3.595   1.00 35.24  ? 60  GLN A N     1 
ATOM   474  C CA    . GLN A 1 60  ? -6.845  9.103   4.768   1.00 34.89  ? 60  GLN A CA    1 
ATOM   475  C C     . GLN A 1 60  ? -5.599  8.306   5.126   1.00 33.74  ? 60  GLN A C     1 
ATOM   476  O O     . GLN A 1 60  ? -4.496  8.841   5.172   1.00 38.45  ? 60  GLN A O     1 
ATOM   477  C CB    . GLN A 1 60  ? -7.845  9.061   5.895   1.00 41.28  ? 60  GLN A CB    1 
ATOM   478  C CG    . GLN A 1 60  ? -8.540  10.365  6.068   1.00 25.83  ? 60  GLN A CG    1 
ATOM   479  C CD    . GLN A 1 60  ? -9.851  10.222  6.755   1.00 35.92  ? 60  GLN A CD    1 
ATOM   480  O OE1   . GLN A 1 60  ? -10.193 9.158   7.299   1.00 34.24  ? 60  GLN A OE1   1 
ATOM   481  N NE2   . GLN A 1 60  ? -10.621 11.300  6.735   1.00 43.12  ? 60  GLN A NE2   1 
ATOM   482  N N     . THR A 1 61  ? -5.782  6.998   5.242   1.00 27.05  ? 61  THR A N     1 
ATOM   483  C CA    . THR A 1 61  ? -4.716  6.077   5.528   1.00 23.91  ? 61  THR A CA    1 
ATOM   484  C C     . THR A 1 61  ? -3.598  6.223   4.513   1.00 25.41  ? 61  THR A C     1 
ATOM   485  O O     . THR A 1 61  ? -2.435  6.046   4.841   1.00 33.87  ? 61  THR A O     1 
ATOM   486  C CB    . THR A 1 61  ? -5.268  4.688   5.454   1.00 19.35  ? 61  THR A CB    1 
ATOM   487  O OG1   . THR A 1 61  ? -6.372  4.611   6.348   1.00 25.78  ? 61  THR A OG1   1 
ATOM   488  C CG2   . THR A 1 61  ? -4.228  3.660   5.807   1.00 23.93  ? 61  THR A CG2   1 
ATOM   489  N N     . THR A 1 62  ? -3.949  6.549   3.278   1.00 26.85  ? 62  THR A N     1 
ATOM   490  C CA    . THR A 1 62  ? -2.959  6.723   2.232   1.00 22.85  ? 62  THR A CA    1 
ATOM   491  C C     . THR A 1 62  ? -2.191  7.992   2.483   1.00 25.16  ? 62  THR A C     1 
ATOM   492  O O     . THR A 1 62  ? -1.049  8.095   2.077   1.00 27.94  ? 62  THR A O     1 
ATOM   493  C CB    . THR A 1 62  ? -3.604  6.722   0.844   1.00 22.06  ? 62  THR A CB    1 
ATOM   494  O OG1   . THR A 1 62  ? -4.110  5.413   0.595   1.00 34.09  ? 62  THR A OG1   1 
ATOM   495  C CG2   . THR A 1 62  ? -2.610  7.065   -0.231  1.00 2.52   ? 62  THR A CG2   1 
ATOM   496  N N     . GLN A 1 63  ? -2.793  8.960   3.162   1.00 25.46  ? 63  GLN A N     1 
ATOM   497  C CA    . GLN A 1 63  ? -2.076  10.191  3.476   1.00 28.48  ? 63  GLN A CA    1 
ATOM   498  C C     . GLN A 1 63  ? -0.949  9.864   4.477   1.00 29.79  ? 63  GLN A C     1 
ATOM   499  O O     . GLN A 1 63  ? 0.217   10.164  4.242   1.00 28.24  ? 63  GLN A O     1 
ATOM   500  C CB    . GLN A 1 63  ? -3.029  11.233  4.068   1.00 26.86  ? 63  GLN A CB    1 
ATOM   501  C CG    . GLN A 1 63  ? -2.474  12.653  4.082   1.00 24.47  ? 63  GLN A CG    1 
ATOM   502  C CD    . GLN A 1 63  ? -3.387  13.644  4.774   1.00 23.43  ? 63  GLN A CD    1 
ATOM   503  O OE1   . GLN A 1 63  ? -4.034  13.327  5.765   1.00 33.52  ? 63  GLN A OE1   1 
ATOM   504  N NE2   . GLN A 1 63  ? -3.433  14.852  4.260   1.00 14.65  ? 63  GLN A NE2   1 
ATOM   505  N N     . ARG A 1 64  ? -1.307  9.189   5.561   1.00 23.86  ? 64  ARG A N     1 
ATOM   506  C CA    . ARG A 1 64  ? -0.369  8.802   6.602   1.00 24.08  ? 64  ARG A CA    1 
ATOM   507  C C     . ARG A 1 64  ? 0.727   7.953   6.012   1.00 22.40  ? 64  ARG A C     1 
ATOM   508  O O     . ARG A 1 64  ? 1.879   8.361   5.972   1.00 37.67  ? 64  ARG A O     1 
ATOM   509  C CB    . ARG A 1 64  ? -1.100  8.012   7.669   1.00 24.74  ? 64  ARG A CB    1 
ATOM   510  C CG    . ARG A 1 64  ? -2.387  8.690   8.065   1.00 31.50  ? 64  ARG A CG    1 
ATOM   511  C CD    . ARG A 1 64  ? -3.220  7.828   8.958   1.00 40.78  ? 64  ARG A CD    1 
ATOM   512  N NE    . ARG A 1 64  ? -2.549  7.666   10.227  1.00 50.96  ? 64  ARG A NE    1 
ATOM   513  C CZ    . ARG A 1 64  ? -2.798  6.677   11.062  1.00 60.19  ? 64  ARG A CZ    1 
ATOM   514  N NH1   . ARG A 1 64  ? -3.720  5.757   10.751  1.00 50.79  ? 64  ARG A NH1   1 
ATOM   515  N NH2   . ARG A 1 64  ? -2.103  6.602   12.192  1.00 58.01  ? 64  ARG A NH2   1 
ATOM   516  N N     . VAL A 1 65  ? 0.350   6.792   5.502   1.00 13.56  ? 65  VAL A N     1 
ATOM   517  C CA    . VAL A 1 65  ? 1.294   5.868   4.907   1.00 17.42  ? 65  VAL A CA    1 
ATOM   518  C C     . VAL A 1 65  ? 2.244   6.592   3.976   1.00 20.54  ? 65  VAL A C     1 
ATOM   519  O O     . VAL A 1 65  ? 3.417   6.291   3.916   1.00 26.31  ? 65  VAL A O     1 
ATOM   520  C CB    . VAL A 1 65  ? 0.554   4.774   4.131   1.00 10.32  ? 65  VAL A CB    1 
ATOM   521  C CG1   . VAL A 1 65  ? 1.503   3.924   3.349   1.00 14.34  ? 65  VAL A CG1   1 
ATOM   522  C CG2   . VAL A 1 65  ? -0.241  3.936   5.075   1.00 2.68   ? 65  VAL A CG2   1 
ATOM   523  N N     . GLY A 1 66  ? 1.736   7.585   3.278   1.00 24.96  ? 66  GLY A N     1 
ATOM   524  C CA    . GLY A 1 66  ? 2.560   8.323   2.358   1.00 21.67  ? 66  GLY A CA    1 
ATOM   525  C C     . GLY A 1 66  ? 3.624   9.099   3.069   1.00 23.89  ? 66  GLY A C     1 
ATOM   526  O O     . GLY A 1 66  ? 4.796   9.031   2.701   1.00 26.01  ? 66  GLY A O     1 
ATOM   527  N N     . THR A 1 67  ? 3.221   9.841   4.087   1.00 26.96  ? 67  THR A N     1 
ATOM   528  C CA    . THR A 1 67  ? 4.148   10.649  4.843   1.00 28.84  ? 67  THR A CA    1 
ATOM   529  C C     . THR A 1 67  ? 5.284   9.813   5.389   1.00 31.62  ? 67  THR A C     1 
ATOM   530  O O     . THR A 1 67  ? 6.447   10.107  5.139   1.00 35.33  ? 67  THR A O     1 
ATOM   531  C CB    . THR A 1 67  ? 3.435   11.378  5.975   1.00 27.12  ? 67  THR A CB    1 
ATOM   532  O OG1   . THR A 1 67  ? 2.769   12.537  5.447   1.00 32.25  ? 67  THR A OG1   1 
ATOM   533  C CG2   . THR A 1 67  ? 4.425   11.791  7.046   1.00 26.76  ? 67  THR A CG2   1 
ATOM   534  N N     . VAL A 1 68  ? 4.929   8.734   6.074   1.00 31.07  ? 68  VAL A N     1 
ATOM   535  C CA    . VAL A 1 68  ? 5.860   7.795   6.693   1.00 26.70  ? 68  VAL A CA    1 
ATOM   536  C C     . VAL A 1 68  ? 6.916   7.222   5.776   1.00 29.92  ? 68  VAL A C     1 
ATOM   537  O O     . VAL A 1 68  ? 8.101   7.236   6.096   1.00 39.22  ? 68  VAL A O     1 
ATOM   538  C CB    . VAL A 1 68  ? 5.090   6.637   7.319   1.00 22.51  ? 68  VAL A CB    1 
ATOM   539  C CG1   . VAL A 1 68  ? 5.983   5.470   7.573   1.00 13.25  ? 68  VAL A CG1   1 
ATOM   540  C CG2   . VAL A 1 68  ? 4.462   7.103   8.578   1.00 9.80   ? 68  VAL A CG2   1 
ATOM   541  N N     . VAL A 1 69  ? 6.499   6.668   4.652   1.00 36.26  ? 69  VAL A N     1 
ATOM   542  C CA    . VAL A 1 69  ? 7.459   6.096   3.730   1.00 35.38  ? 69  VAL A CA    1 
ATOM   543  C C     . VAL A 1 69  ? 8.262   7.186   3.034   1.00 36.32  ? 69  VAL A C     1 
ATOM   544  O O     . VAL A 1 69  ? 9.284   6.904   2.417   1.00 43.41  ? 69  VAL A O     1 
ATOM   545  C CB    . VAL A 1 69  ? 6.793   5.184   2.701   1.00 31.27  ? 69  VAL A CB    1 
ATOM   546  C CG1   . VAL A 1 69  ? 6.027   4.087   3.408   1.00 25.88  ? 69  VAL A CG1   1 
ATOM   547  C CG2   . VAL A 1 69  ? 5.889   5.996   1.829   1.00 37.50  ? 69  VAL A CG2   1 
ATOM   548  N N     . GLU A 1 70  ? 7.798   8.426   3.109   1.00 34.32  ? 70  GLU A N     1 
ATOM   549  C CA    . GLU A 1 70  ? 8.549   9.524   2.515   1.00 44.56  ? 70  GLU A CA    1 
ATOM   550  C C     . GLU A 1 70  ? 9.731   9.856   3.460   1.00 53.28  ? 70  GLU A C     1 
ATOM   551  O O     . GLU A 1 70  ? 10.869  10.089  3.026   1.00 57.55  ? 70  GLU A O     1 
ATOM   552  C CB    . GLU A 1 70  ? 7.662   10.746  2.332   1.00 44.07  ? 70  GLU A CB    1 
ATOM   553  C CG    . GLU A 1 70  ? 8.274   11.800  1.430   1.00 35.20  ? 70  GLU A CG    1 
ATOM   554  C CD    . GLU A 1 70  ? 7.427   13.061  1.315   1.00 47.65  ? 70  GLU A CD    1 
ATOM   555  O OE1   . GLU A 1 70  ? 6.602   13.312  2.220   1.00 61.42  ? 70  GLU A OE1   1 
ATOM   556  O OE2   . GLU A 1 70  ? 7.586   13.828  0.342   1.00 56.48  ? 70  GLU A OE2   1 
ATOM   557  N N     . LYS A 1 71  ? 9.454   9.821   4.761   1.00 50.40  ? 71  LYS A N     1 
ATOM   558  C CA    . LYS A 1 71  ? 10.436  10.090  5.806   1.00 44.65  ? 71  LYS A CA    1 
ATOM   559  C C     . LYS A 1 71  ? 11.507  8.978   5.783   1.00 41.48  ? 71  LYS A C     1 
ATOM   560  O O     . LYS A 1 71  ? 12.661  9.203   5.442   1.00 42.12  ? 71  LYS A O     1 
ATOM   561  C CB    . LYS A 1 71  ? 9.711   10.087  7.156   1.00 45.82  ? 71  LYS A CB    1 
ATOM   562  C CG    . LYS A 1 71  ? 10.460  10.690  8.350   1.00 52.19  ? 71  LYS A CG    1 
ATOM   563  C CD    . LYS A 1 71  ? 9.739   10.390  9.687   1.00 52.79  ? 71  LYS A CD    1 
ATOM   564  C CE    . LYS A 1 71  ? 8.320   10.952  9.686   1.00 57.52  ? 71  LYS A CE    1 
ATOM   565  N NZ    . LYS A 1 71  ? 7.492   10.610  10.904  1.00 65.01  ? 71  LYS A NZ    1 
ATOM   566  N N     . HIS A 1 72  ? 11.087  7.760   6.092   1.00 32.92  ? 72  HIS A N     1 
ATOM   567  C CA    . HIS A 1 72  ? 11.950  6.589   6.144   1.00 27.07  ? 72  HIS A CA    1 
ATOM   568  C C     . HIS A 1 72  ? 12.815  6.253   4.933   1.00 29.67  ? 72  HIS A C     1 
ATOM   569  O O     . HIS A 1 72  ? 13.846  5.608   5.118   1.00 38.67  ? 72  HIS A O     1 
ATOM   570  C CB    . HIS A 1 72  ? 11.103  5.387   6.508   1.00 27.99  ? 72  HIS A CB    1 
ATOM   571  C CG    . HIS A 1 72  ? 11.886  4.148   6.785   1.00 24.25  ? 72  HIS A CG    1 
ATOM   572  N ND1   . HIS A 1 72  ? 11.986  3.618   8.052   1.00 35.93  ? 72  HIS A ND1   1 
ATOM   573  C CD2   . HIS A 1 72  ? 12.523  3.290   5.962   1.00 36.42  ? 72  HIS A CD2   1 
ATOM   574  C CE1   . HIS A 1 72  ? 12.652  2.478   7.993   1.00 41.06  ? 72  HIS A CE1   1 
ATOM   575  N NE2   . HIS A 1 72  ? 12.990  2.252   6.739   1.00 32.01  ? 72  HIS A NE2   1 
ATOM   576  N N     . PHE A 1 73  ? 12.375  6.565   3.708   1.00 31.67  ? 73  PHE A N     1 
ATOM   577  C CA    . PHE A 1 73  ? 13.160  6.272   2.488   1.00 30.96  ? 73  PHE A CA    1 
ATOM   578  C C     . PHE A 1 73  ? 13.709  7.547   1.845   1.00 36.04  ? 73  PHE A C     1 
ATOM   579  O O     . PHE A 1 73  ? 14.057  7.608   0.662   1.00 34.56  ? 73  PHE A O     1 
ATOM   580  C CB    . PHE A 1 73  ? 12.357  5.442   1.498   1.00 26.25  ? 73  PHE A CB    1 
ATOM   581  C CG    . PHE A 1 73  ? 11.910  4.136   2.061   1.00 39.34  ? 73  PHE A CG    1 
ATOM   582  C CD1   . PHE A 1 73  ? 12.721  3.019   1.969   1.00 24.75  ? 73  PHE A CD1   1 
ATOM   583  C CD2   . PHE A 1 73  ? 10.679  4.031   2.709   1.00 42.69  ? 73  PHE A CD2   1 
ATOM   584  C CE1   . PHE A 1 73  ? 12.321  1.807   2.513   1.00 36.08  ? 73  PHE A CE1   1 
ATOM   585  C CE2   . PHE A 1 73  ? 10.257  2.812   3.267   1.00 34.27  ? 73  PHE A CE2   1 
ATOM   586  C CZ    . PHE A 1 73  ? 11.084  1.701   3.167   1.00 24.49  ? 73  PHE A CZ    1 
ATOM   587  N N     . HIS A 1 74  ? 13.776  8.578   2.669   1.00 39.88  ? 74  HIS A N     1 
ATOM   588  C CA    . HIS A 1 74  ? 14.326  9.864   2.287   1.00 45.50  ? 74  HIS A CA    1 
ATOM   589  C C     . HIS A 1 74  ? 13.925  10.351  0.922   1.00 40.34  ? 74  HIS A C     1 
ATOM   590  O O     . HIS A 1 74  ? 14.739  10.852  0.154   1.00 42.76  ? 74  HIS A O     1 
ATOM   591  C CB    . HIS A 1 74  ? 15.862  9.862   2.449   1.00 57.73  ? 74  HIS A CB    1 
ATOM   592  C CG    . HIS A 1 74  ? 16.307  9.480   3.828   1.00 49.91  ? 74  HIS A CG    1 
ATOM   593  N ND1   . HIS A 1 74  ? 16.853  8.246   4.113   1.00 51.53  ? 74  HIS A ND1   1 
ATOM   594  C CD2   . HIS A 1 74  ? 16.136  10.100  5.021   1.00 52.16  ? 74  HIS A CD2   1 
ATOM   595  C CE1   . HIS A 1 74  ? 16.978  8.114   5.422   1.00 57.70  ? 74  HIS A CE1   1 
ATOM   596  N NE2   . HIS A 1 74  ? 16.548  9.224   5.997   1.00 54.21  ? 74  HIS A NE2   1 
ATOM   597  N N     . GLY A 1 75  ? 12.655  10.207  0.611   1.00 40.44  ? 75  GLY A N     1 
ATOM   598  C CA    . GLY A 1 75  ? 12.187  10.707  -0.656  1.00 42.03  ? 75  GLY A CA    1 
ATOM   599  C C     . GLY A 1 75  ? 11.838  12.155  -0.403  1.00 42.46  ? 75  GLY A C     1 
ATOM   600  O O     . GLY A 1 75  ? 11.409  12.513  0.688   1.00 44.68  ? 75  GLY A O     1 
ATOM   601  N N     . THR A 1 76  ? 12.045  12.997  -1.401  1.00 47.98  ? 76  THR A N     1 
ATOM   602  C CA    . THR A 1 76  ? 11.724  14.420  -1.295  1.00 53.58  ? 76  THR A CA    1 
ATOM   603  C C     . THR A 1 76  ? 10.233  14.678  -1.535  1.00 59.02  ? 76  THR A C     1 
ATOM   604  O O     . THR A 1 76  ? 9.687   15.668  -1.053  1.00 59.72  ? 76  THR A O     1 
ATOM   605  C CB    . THR A 1 76  ? 12.527  15.221  -2.347  1.00 58.06  ? 76  THR A CB    1 
ATOM   606  O OG1   . THR A 1 76  ? 12.537  14.501  -3.589  1.00 54.97  ? 76  THR A OG1   1 
ATOM   607  C CG2   . THR A 1 76  ? 13.991  15.462  -1.895  1.00 69.91  ? 76  THR A CG2   1 
ATOM   608  N N     . SER A 1 77  ? 9.585   13.781  -2.285  1.00 60.01  ? 77  SER A N     1 
ATOM   609  C CA    . SER A 1 77  ? 8.150   13.906  -2.618  1.00 51.35  ? 77  SER A CA    1 
ATOM   610  C C     . SER A 1 77  ? 7.507   12.536  -2.837  1.00 46.94  ? 77  SER A C     1 
ATOM   611  O O     . SER A 1 77  ? 8.172   11.519  -2.686  1.00 48.56  ? 77  SER A O     1 
ATOM   612  C CB    . SER A 1 77  ? 7.989   14.794  -3.829  1.00 49.94  ? 77  SER A CB    1 
ATOM   613  O OG    . SER A 1 77  ? 8.655   16.036  -3.613  1.00 56.48  ? 77  SER A OG    1 
ATOM   614  N N     . LEU A 1 78  ? 6.225   12.490  -3.175  1.00 41.15  ? 78  LEU A N     1 
ATOM   615  C CA    . LEU A 1 78  ? 5.527   11.209  -3.371  1.00 33.20  ? 78  LEU A CA    1 
ATOM   616  C C     . LEU A 1 78  ? 4.718   11.109  -4.661  1.00 30.93  ? 78  LEU A C     1 
ATOM   617  O O     . LEU A 1 78  ? 4.366   12.123  -5.274  1.00 37.07  ? 78  LEU A O     1 
ATOM   618  C CB    . LEU A 1 78  ? 4.556   10.964  -2.222  1.00 31.52  ? 78  LEU A CB    1 
ATOM   619  C CG    . LEU A 1 78  ? 5.047   10.582  -0.840  1.00 21.34  ? 78  LEU A CG    1 
ATOM   620  C CD1   . LEU A 1 78  ? 4.053   11.089  0.147   1.00 36.37  ? 78  LEU A CD1   1 
ATOM   621  C CD2   . LEU A 1 78  ? 5.215   9.101   -0.715  1.00 32.44  ? 78  LEU A CD2   1 
ATOM   622  N N     . THR A 1 79  ? 4.390   9.876   -5.027  1.00 27.61  ? 79  THR A N     1 
ATOM   623  C CA    . THR A 1 79  ? 3.596   9.616   -6.201  1.00 23.87  ? 79  THR A CA    1 
ATOM   624  C C     . THR A 1 79  ? 2.594   8.568   -5.877  1.00 27.35  ? 79  THR A C     1 
ATOM   625  O O     . THR A 1 79  ? 2.936   7.470   -5.454  1.00 26.56  ? 79  THR A O     1 
ATOM   626  C CB    . THR A 1 79  ? 4.435   9.118   -7.329  1.00 33.84  ? 79  THR A CB    1 
ATOM   627  O OG1   . THR A 1 79  ? 5.145   10.226  -7.889  1.00 49.16  ? 79  THR A OG1   1 
ATOM   628  C CG2   . THR A 1 79  ? 3.570   8.470   -8.400  1.00 35.43  ? 79  THR A CG2   1 
ATOM   629  N N     . PHE A 1 80  ? 1.341   8.947   -6.030  1.00 30.10  ? 80  PHE A N     1 
ATOM   630  C CA    . PHE A 1 80  ? 0.230   8.064   -5.767  1.00 25.12  ? 80  PHE A CA    1 
ATOM   631  C C     . PHE A 1 80  ? -0.361  7.671   -7.124  1.00 25.88  ? 80  PHE A C     1 
ATOM   632  O O     . PHE A 1 80  ? -0.366  8.456   -8.067  1.00 32.16  ? 80  PHE A O     1 
ATOM   633  C CB    . PHE A 1 80  ? -0.821  8.784   -4.919  1.00 24.49  ? 80  PHE A CB    1 
ATOM   634  C CG    . PHE A 1 80  ? -0.313  9.281   -3.591  1.00 35.16  ? 80  PHE A CG    1 
ATOM   635  C CD1   . PHE A 1 80  ? 0.346   10.500  -3.491  1.00 33.89  ? 80  PHE A CD1   1 
ATOM   636  C CD2   . PHE A 1 80  ? -0.539  8.548   -2.433  1.00 35.21  ? 80  PHE A CD2   1 
ATOM   637  C CE1   . PHE A 1 80  ? 0.768   10.982  -2.261  1.00 21.89  ? 80  PHE A CE1   1 
ATOM   638  C CE2   . PHE A 1 80  ? -0.128  9.016   -1.204  1.00 21.08  ? 80  PHE A CE2   1 
ATOM   639  C CZ    . PHE A 1 80  ? 0.526   10.237  -1.119  1.00 20.63  ? 80  PHE A CZ    1 
ATOM   640  N N     . SER A 1 81  ? -0.866  6.456   -7.225  1.00 25.81  ? 81  SER A N     1 
ATOM   641  C CA    . SER A 1 81  ? -1.425  5.983   -8.476  1.00 23.95  ? 81  SER A CA    1 
ATOM   642  C C     . SER A 1 81  ? -2.334  4.794   -8.281  1.00 24.23  ? 81  SER A C     1 
ATOM   643  O O     . SER A 1 81  ? -1.935  3.805   -7.676  1.00 30.13  ? 81  SER A O     1 
ATOM   644  C CB    . SER A 1 81  ? -0.277  5.605   -9.416  1.00 27.11  ? 81  SER A CB    1 
ATOM   645  O OG    . SER A 1 81  ? -0.702  4.760   -10.468 1.00 38.33  ? 81  SER A OG    1 
ATOM   646  N N     . MET A 1 82  ? -3.559  4.888   -8.783  1.00 30.93  ? 82  MET A N     1 
ATOM   647  C CA    . MET A 1 82  ? -4.522  3.788   -8.678  1.00 29.19  ? 82  MET A CA    1 
ATOM   648  C C     . MET A 1 82  ? -4.874  3.324   -10.081 1.00 27.50  ? 82  MET A C     1 
ATOM   649  O O     . MET A 1 82  ? -5.152  4.135   -10.973 1.00 23.66  ? 82  MET A O     1 
ATOM   650  C CB    . MET A 1 82  ? -5.782  4.216   -7.920  1.00 14.40  ? 82  MET A CB    1 
ATOM   651  C CG    . MET A 1 82  ? -6.798  3.129   -7.774  1.00 14.06  ? 82  MET A CG    1 
ATOM   652  S SD    . MET A 1 82  ? -8.018  3.494   -6.520  1.00 24.05  ? 82  MET A SD    1 
ATOM   653  C CE    . MET A 1 82  ? -8.380  5.122   -6.864  1.00 24.66  ? 82  MET A CE    1 
ATOM   654  N N     . GLN A 1 83  ? -4.727  2.025   -10.303 1.00 32.14  ? 83  GLN A N     1 
ATOM   655  C CA    . GLN A 1 83  ? -5.032  1.428   -11.593 1.00 35.18  ? 83  GLN A CA    1 
ATOM   656  C C     . GLN A 1 83  ? -6.415  0.806   -11.372 1.00 37.77  ? 83  GLN A C     1 
ATOM   657  O O     . GLN A 1 83  ? -6.528  -0.276  -10.781 1.00 36.75  ? 83  GLN A O     1 
ATOM   658  C CB    . GLN A 1 83  ? -3.976  0.363   -11.952 1.00 45.40  ? 83  GLN A CB    1 
ATOM   659  C CG    . GLN A 1 83  ? -2.539  0.758   -11.587 1.00 42.32  ? 83  GLN A CG    1 
ATOM   660  C CD    . GLN A 1 83  ? -1.450  -0.109  -12.220 1.00 43.02  ? 83  GLN A CD    1 
ATOM   661  O OE1   . GLN A 1 83  ? -0.545  0.415   -12.866 1.00 63.38  ? 83  GLN A OE1   1 
ATOM   662  N NE2   . GLN A 1 83  ? -1.537  -1.421  -12.059 1.00 29.02  ? 83  GLN A NE2   1 
ATOM   663  N N     . ASP A 1 84  ? -7.451  1.519   -11.824 1.00 33.33  ? 84  ASP A N     1 
ATOM   664  C CA    . ASP A 1 84  ? -8.853  1.128   -11.652 1.00 34.93  ? 84  ASP A CA    1 
ATOM   665  C C     . ASP A 1 84  ? -9.417  0.288   -12.795 1.00 37.24  ? 84  ASP A C     1 
ATOM   666  O O     . ASP A 1 84  ? -9.913  0.829   -13.780 1.00 40.67  ? 84  ASP A O     1 
ATOM   667  C CB    . ASP A 1 84  ? -9.704  2.400   -11.502 1.00 40.12  ? 84  ASP A CB    1 
ATOM   668  C CG    . ASP A 1 84  ? -11.000 2.167   -10.735 1.00 41.41  ? 84  ASP A CG    1 
ATOM   669  O OD1   . ASP A 1 84  ? -11.063 1.256   -9.889  1.00 37.91  ? 84  ASP A OD1   1 
ATOM   670  O OD2   . ASP A 1 84  ? -11.951 2.937   -10.964 1.00 42.62  ? 84  ASP A OD2   1 
ATOM   671  N N     . GLY A 1 85  ? -9.373  -1.026  -12.625 1.00 40.06  ? 85  GLY A N     1 
ATOM   672  C CA    . GLY A 1 85  ? -9.880  -1.941  -13.630 1.00 41.67  ? 85  GLY A CA    1 
ATOM   673  C C     . GLY A 1 85  ? -8.914  -2.313  -14.755 1.00 45.74  ? 85  GLY A C     1 
ATOM   674  O O     . GLY A 1 85  ? -7.859  -1.664  -14.930 1.00 45.73  ? 85  GLY A O     1 
ATOM   675  N N     . PRO A 1 86  ? -9.221  -3.392  -15.509 1.00 42.05  ? 86  PRO A N     1 
ATOM   676  C CA    . PRO A 1 86  ? -8.318  -3.764  -16.601 1.00 40.45  ? 86  PRO A CA    1 
ATOM   677  C C     . PRO A 1 86  ? -8.265  -2.560  -17.532 1.00 45.41  ? 86  PRO A C     1 
ATOM   678  O O     . PRO A 1 86  ? -8.972  -1.603  -17.299 1.00 40.08  ? 86  PRO A O     1 
ATOM   679  C CB    . PRO A 1 86  ? -9.010  -4.972  -17.214 1.00 44.78  ? 86  PRO A CB    1 
ATOM   680  C CG    . PRO A 1 86  ? -9.700  -5.614  -15.993 1.00 36.69  ? 86  PRO A CG    1 
ATOM   681  C CD    . PRO A 1 86  ? -10.284 -4.398  -15.322 1.00 31.44  ? 86  PRO A CD    1 
ATOM   682  N N     . GLU A 1 87  ? -7.391  -2.546  -18.527 1.00 52.82  ? 87  GLU A N     1 
ATOM   683  C CA    . GLU A 1 87  ? -7.290  -1.367  -19.426 1.00 55.22  ? 87  GLU A CA    1 
ATOM   684  C C     . GLU A 1 87  ? -6.697  -0.146  -18.705 1.00 55.20  ? 87  GLU A C     1 
ATOM   685  O O     . GLU A 1 87  ? -6.294  0.837   -19.341 1.00 54.15  ? 87  GLU A O     1 
ATOM   686  C CB    . GLU A 1 87  ? -8.637  -0.974  -20.047 1.00 52.76  ? 87  GLU A CB    1 
ATOM   687  C CG    . GLU A 1 87  ? -9.250  -1.989  -21.020 1.00 51.84  ? 87  GLU A CG    1 
ATOM   688  C CD    . GLU A 1 87  ? -10.133 -3.002  -20.315 1.00 50.29  ? 87  GLU A CD    1 
ATOM   689  O OE1   . GLU A 1 87  ? -11.192 -2.593  -19.765 1.00 42.23  ? 87  GLU A OE1   1 
ATOM   690  O OE2   . GLU A 1 87  ? -9.751  -4.203  -20.297 1.00 50.20  ? 87  GLU A OE2   1 
ATOM   691  N N     . ALA A 1 88  ? -6.750  -0.166  -17.377 1.00 57.34  ? 88  ALA A N     1 
ATOM   692  C CA    . ALA A 1 88  ? -6.151  0.892   -16.578 1.00 57.83  ? 88  ALA A CA    1 
ATOM   693  C C     . ALA A 1 88  ? -4.718  0.362   -16.361 1.00 63.11  ? 88  ALA A C     1 
ATOM   694  O O     . ALA A 1 88  ? -3.711  1.078   -16.510 1.00 68.39  ? 88  ALA A O     1 
ATOM   695  C CB    . ALA A 1 88  ? -6.884  1.020   -15.240 1.00 42.22  ? 88  ALA A CB    1 
ATOM   696  N N     . GLY A 1 89  ? -4.659  -0.937  -16.069 1.00 61.20  ? 89  GLY A N     1 
ATOM   697  C CA    . GLY A 1 89  ? -3.393  -1.608  -15.855 1.00 47.46  ? 89  GLY A CA    1 
ATOM   698  C C     . GLY A 1 89  ? -3.508  -2.572  -14.696 1.00 37.16  ? 89  GLY A C     1 
ATOM   699  O O     . GLY A 1 89  ? -2.572  -3.285  -14.377 1.00 38.56  ? 89  GLY A O     1 
ATOM   700  N N     . GLN A 1 90  ? -4.678  -2.644  -14.087 1.00 33.14  ? 90  GLN A N     1 
ATOM   701  C CA    . GLN A 1 90  ? -4.823  -3.515  -12.952 1.00 37.96  ? 90  GLN A CA    1 
ATOM   702  C C     . GLN A 1 90  ? -4.499  -4.969  -13.270 1.00 44.66  ? 90  GLN A C     1 
ATOM   703  O O     . GLN A 1 90  ? -4.731  -5.428  -14.383 1.00 57.59  ? 90  GLN A O     1 
ATOM   704  C CB    . GLN A 1 90  ? -6.204  -3.373  -12.346 1.00 30.46  ? 90  GLN A CB    1 
ATOM   705  C CG    . GLN A 1 90  ? -6.240  -3.845  -10.928 1.00 25.20  ? 90  GLN A CG    1 
ATOM   706  C CD    . GLN A 1 90  ? -7.610  -3.731  -10.335 1.00 40.66  ? 90  GLN A CD    1 
ATOM   707  O OE1   . GLN A 1 90  ? -8.588  -3.446  -11.033 1.00 39.45  ? 90  GLN A OE1   1 
ATOM   708  N NE2   . GLN A 1 90  ? -7.706  -3.968  -9.039  1.00 49.53  ? 90  GLN A NE2   1 
ATOM   709  N N     . THR A 1 91  ? -3.890  -5.658  -12.313 1.00 43.41  ? 91  THR A N     1 
ATOM   710  C CA    . THR A 1 91  ? -3.527  -7.053  -12.441 1.00 42.11  ? 91  THR A CA    1 
ATOM   711  C C     . THR A 1 91  ? -4.260  -7.809  -11.353 1.00 46.07  ? 91  THR A C     1 
ATOM   712  O O     . THR A 1 91  ? -5.083  -8.670  -11.640 1.00 56.27  ? 91  THR A O     1 
ATOM   713  C CB    . THR A 1 91  ? -2.014  -7.223  -12.332 1.00 44.11  ? 91  THR A CB    1 
ATOM   714  O OG1   . THR A 1 91  ? -1.516  -7.586  -13.619 1.00 54.76  ? 91  THR A OG1   1 
ATOM   715  C CG2   . THR A 1 91  ? -1.625  -8.273  -11.306 1.00 48.18  ? 91  THR A CG2   1 
ATOM   716  N N     . VAL A 1 92  ? -4.004  -7.492  -10.095 1.00 41.03  ? 92  VAL A N     1 
ATOM   717  C CA    . VAL A 1 92  ? -4.740  -8.178  -9.052  1.00 42.41  ? 92  VAL A CA    1 
ATOM   718  C C     . VAL A 1 92  ? -5.990  -7.355  -8.887  1.00 43.77  ? 92  VAL A C     1 
ATOM   719  O O     . VAL A 1 92  ? -5.963  -6.123  -8.947  1.00 43.60  ? 92  VAL A O     1 
ATOM   720  C CB    . VAL A 1 92  ? -3.911  -8.381  -7.765  1.00 38.24  ? 92  VAL A CB    1 
ATOM   721  C CG1   . VAL A 1 92  ? -3.062  -7.183  -7.526  1.00 42.82  ? 92  VAL A CG1   1 
ATOM   722  C CG2   . VAL A 1 92  ? -4.815  -8.704  -6.579  1.00 29.36  ? 92  VAL A CG2   1 
ATOM   723  N N     . LYS A 1 93  ? -7.113  -8.045  -8.863  1.00 47.89  ? 93  LYS A N     1 
ATOM   724  C CA    . LYS A 1 93  ? -8.405  -7.386  -8.775  1.00 48.25  ? 93  LYS A CA    1 
ATOM   725  C C     . LYS A 1 93  ? -8.886  -6.971  -7.380  1.00 41.20  ? 93  LYS A C     1 
ATOM   726  O O     . LYS A 1 93  ? -9.858  -7.526  -6.855  1.00 30.48  ? 93  LYS A O     1 
ATOM   727  C CB    . LYS A 1 93  ? -9.454  -8.254  -9.490  1.00 58.18  ? 93  LYS A CB    1 
ATOM   728  C CG    . LYS A 1 93  ? -9.137  -8.517  -10.986 1.00 61.60  ? 93  LYS A CG    1 
ATOM   729  C CD    . LYS A 1 93  ? -10.163 -9.488  -11.597 1.00 71.00  ? 93  LYS A CD    1 
ATOM   730  C CE    . LYS A 1 93  ? -9.674  -10.133 -12.901 1.00 63.05  ? 93  LYS A CE    1 
ATOM   731  N NZ    . LYS A 1 93  ? -9.654  -9.197  -14.058 1.00 60.10  ? 93  LYS A NZ    1 
ATOM   732  N N     . HIS A 1 94  ? -8.232  -5.942  -6.832  1.00 38.83  ? 94  HIS A N     1 
ATOM   733  C CA    . HIS A 1 94  ? -8.555  -5.374  -5.516  1.00 32.46  ? 94  HIS A CA    1 
ATOM   734  C C     . HIS A 1 94  ? -8.163  -3.901  -5.581  1.00 33.57  ? 94  HIS A C     1 
ATOM   735  O O     . HIS A 1 94  ? -7.083  -3.588  -6.086  1.00 35.36  ? 94  HIS A O     1 
ATOM   736  C CB    . HIS A 1 94  ? -7.735  -6.074  -4.434  1.00 29.45  ? 94  HIS A CB    1 
ATOM   737  C CG    . HIS A 1 94  ? -8.187  -5.776  -3.041  1.00 15.78  ? 94  HIS A CG    1 
ATOM   738  N ND1   . HIS A 1 94  ? -8.442  -6.767  -2.117  1.00 26.18  ? 94  HIS A ND1   1 
ATOM   739  C CD2   . HIS A 1 94  ? -8.411  -4.609  -2.404  1.00 38.33  ? 94  HIS A CD2   1 
ATOM   740  C CE1   . HIS A 1 94  ? -8.805  -6.222  -0.972  1.00 26.98  ? 94  HIS A CE1   1 
ATOM   741  N NE2   . HIS A 1 94  ? -8.794  -4.914  -1.120  1.00 35.09  ? 94  HIS A NE2   1 
ATOM   742  N N     . VAL A 1 95  ? -9.029  -2.993  -5.124  1.00 34.64  ? 95  VAL A N     1 
ATOM   743  C CA    . VAL A 1 95  ? -8.679  -1.563  -5.150  1.00 35.61  ? 95  VAL A CA    1 
ATOM   744  C C     . VAL A 1 95  ? -7.389  -1.447  -4.357  1.00 38.98  ? 95  VAL A C     1 
ATOM   745  O O     . VAL A 1 95  ? -7.343  -1.863  -3.205  1.00 42.42  ? 95  VAL A O     1 
ATOM   746  C CB    . VAL A 1 95  ? -9.712  -0.634  -4.403  1.00 39.44  ? 95  VAL A CB    1 
ATOM   747  C CG1   . VAL A 1 95  ? -9.268  0.818   -4.495  1.00 28.51  ? 95  VAL A CG1   1 
ATOM   748  C CG2   . VAL A 1 95  ? -11.095 -0.774  -4.953  1.00 36.00  ? 95  VAL A CG2   1 
ATOM   749  N N     . HIS A 1 96  ? -6.352  -0.889  -4.933  1.00 35.76  ? 96  HIS A N     1 
ATOM   750  C CA    . HIS A 1 96  ? -5.172  -0.595  -4.180  1.00 31.06  ? 96  HIS A CA    1 
ATOM   751  C C     . HIS A 1 96  ? -4.504  0.645   -4.641  1.00 34.53  ? 96  HIS A C     1 
ATOM   752  O O     . HIS A 1 96  ? -4.282  0.921   -5.820  1.00 37.09  ? 96  HIS A O     1 
ATOM   753  C CB    . HIS A 1 96  ? -4.207  -1.729  -4.211  1.00 28.41  ? 96  HIS A CB    1 
ATOM   754  C CG    . HIS A 1 96  ? -3.910  -2.302  -5.551  1.00 28.96  ? 96  HIS A CG    1 
ATOM   755  N ND1   . HIS A 1 96  ? -4.443  -3.475  -5.996  1.00 34.33  ? 96  HIS A ND1   1 
ATOM   756  C CD2   . HIS A 1 96  ? -3.132  -1.834  -6.564  1.00 33.86  ? 96  HIS A CD2   1 
ATOM   757  C CE1   . HIS A 1 96  ? -3.868  -3.803  -7.184  1.00 51.31  ? 96  HIS A CE1   1 
ATOM   758  N NE2   . HIS A 1 96  ? -2.924  -2.909  -7.428  1.00 51.79  ? 96  HIS A NE2   1 
ATOM   759  N N     . VAL A 1 97  ? -4.109  1.541   -3.686  1.00 31.29  ? 97  VAL A N     1 
ATOM   760  C CA    . VAL A 1 97  ? -3.301  2.736   -3.969  1.00 24.11  ? 97  VAL A CA    1 
ATOM   761  C C     . VAL A 1 97  ? -1.805  2.475   -3.936  1.00 23.58  ? 97  VAL A C     1 
ATOM   762  O O     . VAL A 1 97  ? -1.275  1.959   -2.962  1.00 23.84  ? 97  VAL A O     1 
ATOM   763  C CB    . VAL A 1 97  ? -3.519  3.857   -2.964  1.00 22.99  ? 97  VAL A CB    1 
ATOM   764  C CG1   . VAL A 1 97  ? -3.066  5.149   -3.562  1.00 16.08  ? 97  VAL A CG1   1 
ATOM   765  C CG2   . VAL A 1 97  ? -4.942  3.928   -2.516  1.00 8.42   ? 97  VAL A CG2   1 
ATOM   766  N N     . HIS A 1 98  ? -1.104  2.856   -4.979  1.00 21.01  ? 98  HIS A N     1 
ATOM   767  C CA    . HIS A 1 98  ? 0.317   2.663   -4.983  1.00 23.18  ? 98  HIS A CA    1 
ATOM   768  C C     . HIS A 1 98  ? 0.927   3.903   -4.373  1.00 25.68  ? 98  HIS A C     1 
ATOM   769  O O     . HIS A 1 98  ? 0.479   4.993   -4.682  1.00 29.58  ? 98  HIS A O     1 
ATOM   770  C CB    . HIS A 1 98  ? 0.821   2.536   -6.426  1.00 31.75  ? 98  HIS A CB    1 
ATOM   771  C CG    . HIS A 1 98  ? 0.633   1.180   -7.030  1.00 31.89  ? 98  HIS A CG    1 
ATOM   772  N ND1   . HIS A 1 98  ? 0.910   0.909   -8.354  1.00 34.63  ? 98  HIS A ND1   1 
ATOM   773  C CD2   . HIS A 1 98  ? 0.252   0.006   -6.480  1.00 34.37  ? 98  HIS A CD2   1 
ATOM   774  C CE1   . HIS A 1 98  ? 0.714   -0.374  -8.588  1.00 29.18  ? 98  HIS A CE1   1 
ATOM   775  N NE2   . HIS A 1 98  ? 0.314   -0.946  -7.468  1.00 26.32  ? 98  HIS A NE2   1 
ATOM   776  N N     . VAL A 1 99  ? 1.897   3.747   -3.472  1.00 28.46  ? 99  VAL A N     1 
ATOM   777  C CA    . VAL A 1 99  ? 2.610   4.891   -2.875  1.00 25.14  ? 99  VAL A CA    1 
ATOM   778  C C     . VAL A 1 99  ? 4.113   4.773   -3.153  1.00 32.80  ? 99  VAL A C     1 
ATOM   779  O O     . VAL A 1 99  ? 4.747   3.776   -2.814  1.00 31.46  ? 99  VAL A O     1 
ATOM   780  C CB    . VAL A 1 99  ? 2.440   4.974   -1.382  1.00 23.50  ? 99  VAL A CB    1 
ATOM   781  C CG1   . VAL A 1 99  ? 3.035   6.247   -0.898  1.00 18.13  ? 99  VAL A CG1   1 
ATOM   782  C CG2   . VAL A 1 99  ? 0.989   4.890   -1.008  1.00 19.09  ? 99  VAL A CG2   1 
ATOM   783  N N     . LEU A 1 100 ? 4.677   5.797   -3.767  1.00 36.47  ? 100 LEU A N     1 
ATOM   784  C CA    . LEU A 1 100 ? 6.085   5.810   -4.126  1.00 33.21  ? 100 LEU A CA    1 
ATOM   785  C C     . LEU A 1 100 ? 6.837   7.020   -3.604  1.00 42.05  ? 100 LEU A C     1 
ATOM   786  O O     . LEU A 1 100 ? 6.559   8.155   -4.015  1.00 42.27  ? 100 LEU A O     1 
ATOM   787  C CB    . LEU A 1 100 ? 6.244   5.861   -5.628  1.00 35.28  ? 100 LEU A CB    1 
ATOM   788  C CG    . LEU A 1 100 ? 6.096   4.643   -6.521  1.00 46.46  ? 100 LEU A CG    1 
ATOM   789  C CD1   . LEU A 1 100 ? 4.655   4.157   -6.587  1.00 39.94  ? 100 LEU A CD1   1 
ATOM   790  C CD2   . LEU A 1 100 ? 6.619   5.074   -7.900  1.00 62.27  ? 100 LEU A CD2   1 
ATOM   791  N N     . PRO A 1 101 ? 7.795   6.799   -2.685  1.00 49.64  ? 101 PRO A N     1 
ATOM   792  C CA    . PRO A 1 101 ? 8.577   7.910   -2.142  1.00 47.50  ? 101 PRO A CA    1 
ATOM   793  C C     . PRO A 1 101 ? 9.501   8.279   -3.291  1.00 44.38  ? 101 PRO A C     1 
ATOM   794  O O     . PRO A 1 101 ? 10.105  7.397   -3.895  1.00 42.63  ? 101 PRO A O     1 
ATOM   795  C CB    . PRO A 1 101 ? 9.356   7.256   -0.998  1.00 43.98  ? 101 PRO A CB    1 
ATOM   796  C CG    . PRO A 1 101 ? 8.525   6.016   -0.667  1.00 46.80  ? 101 PRO A CG    1 
ATOM   797  C CD    . PRO A 1 101 ? 8.139   5.538   -2.011  1.00 46.39  ? 101 PRO A CD    1 
ATOM   798  N N     . ARG A 1 102 ? 9.564   9.562   -3.634  1.00 47.62  ? 102 ARG A N     1 
ATOM   799  C CA    . ARG A 1 102 ? 10.382  10.022  -4.749  1.00 57.13  ? 102 ARG A CA    1 
ATOM   800  C C     . ARG A 1 102 ? 11.533  10.976  -4.404  1.00 61.04  ? 102 ARG A C     1 
ATOM   801  O O     . ARG A 1 102 ? 11.351  11.952  -3.671  1.00 57.94  ? 102 ARG A O     1 
ATOM   802  C CB    . ARG A 1 102 ? 9.496   10.690  -5.830  1.00 66.55  ? 102 ARG A CB    1 
ATOM   803  C CG    . ARG A 1 102 ? 8.293   9.866   -6.380  1.00 71.30  ? 102 ARG A CG    1 
ATOM   804  C CD    . ARG A 1 102 ? 8.647   8.554   -7.124  1.00 78.43  ? 102 ARG A CD    1 
ATOM   805  N NE    . ARG A 1 102 ? 9.465   8.738   -8.328  1.00 90.30  ? 102 ARG A NE    1 
ATOM   806  C CZ    . ARG A 1 102 ? 9.133   9.484   -9.388  1.00 99.55  ? 102 ARG A CZ    1 
ATOM   807  N NH1   . ARG A 1 102 ? 7.969   10.156  -9.427  1.00 111.04 ? 102 ARG A NH1   1 
ATOM   808  N NH2   . ARG A 1 102 ? 9.972   9.553   -10.435 1.00 103.64 ? 102 ARG A NH2   1 
ATOM   809  N N     . LYS A 1 103 ? 12.703  10.697  -4.987  1.00 69.06  ? 103 LYS A N     1 
ATOM   810  C CA    . LYS A 1 103 ? 13.922  11.512  -4.835  1.00 70.57  ? 103 LYS A CA    1 
ATOM   811  C C     . LYS A 1 103 ? 14.240  12.133  -6.180  1.00 73.11  ? 103 LYS A C     1 
ATOM   812  O O     . LYS A 1 103 ? 13.577  11.849  -7.192  1.00 75.97  ? 103 LYS A O     1 
ATOM   813  C CB    . LYS A 1 103 ? 15.112  10.638  -4.475  1.00 66.01  ? 103 LYS A CB    1 
ATOM   814  C CG    . LYS A 1 103 ? 15.167  10.250  -3.036  1.00 71.95  ? 103 LYS A CG    1 
ATOM   815  C CD    . LYS A 1 103 ? 16.001  9.024   -2.901  1.00 72.65  ? 103 LYS A CD    1 
ATOM   816  C CE    . LYS A 1 103 ? 15.961  8.512   -1.484  1.00 81.98  ? 103 LYS A CE    1 
ATOM   817  N NZ    . LYS A 1 103 ? 16.808  7.286   -1.367  1.00 105.80 ? 103 LYS A NZ    1 
ATOM   818  N N     . ALA A 1 104 ? 15.308  12.915  -6.229  1.00 74.31  ? 104 ALA A N     1 
ATOM   819  C CA    . ALA A 1 104 ? 15.691  13.529  -7.503  1.00 73.51  ? 104 ALA A CA    1 
ATOM   820  C C     . ALA A 1 104 ? 16.260  12.459  -8.449  1.00 70.55  ? 104 ALA A C     1 
ATOM   821  O O     . ALA A 1 104 ? 16.548  11.327  -8.033  1.00 64.19  ? 104 ALA A O     1 
ATOM   822  C CB    . ALA A 1 104 ? 16.708  14.676  -7.281  1.00 78.70  ? 104 ALA A CB    1 
ATOM   823  N N     . GLY A 1 105 ? 16.368  12.830  -9.728  1.00 71.84  ? 105 GLY A N     1 
ATOM   824  C CA    . GLY A 1 105 ? 16.907  11.950  -10.760 1.00 74.41  ? 105 GLY A CA    1 
ATOM   825  C C     . GLY A 1 105 ? 16.767  10.469  -10.467 1.00 77.17  ? 105 GLY A C     1 
ATOM   826  O O     . GLY A 1 105 ? 17.718  9.695   -10.583 1.00 79.44  ? 105 GLY A O     1 
ATOM   827  N N     . ASP A 1 106 ? 15.558  10.062  -10.122 1.00 78.89  ? 106 ASP A N     1 
ATOM   828  C CA    . ASP A 1 106 ? 15.377  8.674   -9.789  1.00 80.48  ? 106 ASP A CA    1 
ATOM   829  C C     . ASP A 1 106 ? 14.788  7.823   -10.882 1.00 84.66  ? 106 ASP A C     1 
ATOM   830  O O     . ASP A 1 106 ? 14.764  6.595   -10.735 1.00 87.36  ? 106 ASP A O     1 
ATOM   831  C CB    . ASP A 1 106 ? 14.586  8.515   -8.475  1.00 78.21  ? 106 ASP A CB    1 
ATOM   832  C CG    . ASP A 1 106 ? 13.186  9.121   -8.528  1.00 62.24  ? 106 ASP A CG    1 
ATOM   833  O OD1   . ASP A 1 106 ? 12.891  9.974   -9.410  1.00 55.91  ? 106 ASP A OD1   1 
ATOM   834  O OD2   . ASP A 1 106 ? 12.396  8.752   -7.625  1.00 44.26  ? 106 ASP A OD2   1 
ATOM   835  N N     . PHE A 1 107 ? 14.364  8.455   -11.981 1.00 89.34  ? 107 PHE A N     1 
ATOM   836  C CA    . PHE A 1 107 ? 13.744  7.726   -13.103 1.00 93.71  ? 107 PHE A CA    1 
ATOM   837  C C     . PHE A 1 107 ? 12.557  6.910   -12.555 1.00 92.54  ? 107 PHE A C     1 
ATOM   838  O O     . PHE A 1 107 ? 11.415  7.359   -12.646 1.00 89.34  ? 107 PHE A O     1 
ATOM   839  C CB    . PHE A 1 107 ? 14.782  6.796   -13.804 1.00 99.57  ? 107 PHE A CB    1 
ATOM   840  N N     . TRP A 1 129 ? 11.169  -10.824 -7.165  1.00 66.86  ? 129 TRP A N     1 
ATOM   841  C CA    . TRP A 1 129 ? 10.510  -11.036 -5.819  1.00 63.41  ? 129 TRP A CA    1 
ATOM   842  C C     . TRP A 1 129 ? 11.453  -10.614 -4.684  1.00 61.78  ? 129 TRP A C     1 
ATOM   843  O O     . TRP A 1 129 ? 12.502  -10.022 -4.947  1.00 66.56  ? 129 TRP A O     1 
ATOM   844  C CB    . TRP A 1 129 ? 10.090  -12.507 -5.661  1.00 55.60  ? 129 TRP A CB    1 
ATOM   845  N N     . ARG A 1 130 ? 11.051  -10.870 -3.436  1.00 60.35  ? 130 ARG A N     1 
ATOM   846  C CA    . ARG A 1 130 ? 11.859  -10.561 -2.220  1.00 55.72  ? 130 ARG A CA    1 
ATOM   847  C C     . ARG A 1 130 ? 11.476  -11.555 -1.113  1.00 52.66  ? 130 ARG A C     1 
ATOM   848  O O     . ARG A 1 130 ? 10.332  -11.979 -1.015  1.00 51.71  ? 130 ARG A O     1 
ATOM   849  C CB    . ARG A 1 130 ? 11.600  -9.155  -1.665  1.00 54.33  ? 130 ARG A CB    1 
ATOM   850  C CG    . ARG A 1 130 ? 11.432  -8.030  -2.656  1.00 55.27  ? 130 ARG A CG    1 
ATOM   851  C CD    . ARG A 1 130 ? 11.498  -6.664  -1.953  1.00 40.75  ? 130 ARG A CD    1 
ATOM   852  N NE    . ARG A 1 130 ? 10.765  -6.571  -0.682  1.00 55.18  ? 130 ARG A NE    1 
ATOM   853  C CZ    . ARG A 1 130 ? 10.747  -5.479  0.082   1.00 61.92  ? 130 ARG A CZ    1 
ATOM   854  N NH1   . ARG A 1 130 ? 11.417  -4.401  -0.301  1.00 61.49  ? 130 ARG A NH1   1 
ATOM   855  N NH2   . ARG A 1 130 ? 10.075  -5.460  1.231   1.00 68.96  ? 130 ARG A NH2   1 
ATOM   856  N N     . SER A 1 131 ? 12.405  -11.829 -0.213  1.00 52.65  ? 131 SER A N     1 
ATOM   857  C CA    . SER A 1 131 ? 12.167  -12.774 0.876   1.00 52.94  ? 131 SER A CA    1 
ATOM   858  C C     . SER A 1 131 ? 11.077  -12.390 1.859   1.00 50.54  ? 131 SER A C     1 
ATOM   859  O O     . SER A 1 131 ? 11.056  -11.271 2.384   1.00 49.28  ? 131 SER A O     1 
ATOM   860  C CB    . SER A 1 131 ? 13.453  -12.976 1.640   1.00 59.61  ? 131 SER A CB    1 
ATOM   861  O OG    . SER A 1 131 ? 14.110  -11.723 1.755   1.00 74.70  ? 131 SER A OG    1 
ATOM   862  N N     . GLU A 1 132 ? 10.310  -13.399 2.250   1.00 54.25  ? 132 GLU A N     1 
ATOM   863  C CA    . GLU A 1 132 ? 9.218   -13.216 3.196   1.00 67.24  ? 132 GLU A CA    1 
ATOM   864  C C     . GLU A 1 132 ? 9.732   -12.970 4.622   1.00 68.74  ? 132 GLU A C     1 
ATOM   865  O O     . GLU A 1 132 ? 8.959   -13.050 5.573   1.00 73.88  ? 132 GLU A O     1 
ATOM   866  C CB    . GLU A 1 132 ? 8.316   -14.457 3.209   1.00 90.20  ? 132 GLU A CB    1 
ATOM   867  C CG    . GLU A 1 132 ? 8.281   -15.278 1.900   1.00 119.13 ? 132 GLU A CG    1 
ATOM   868  C CD    . GLU A 1 132 ? 7.051   -15.004 1.007   1.00 134.86 ? 132 GLU A CD    1 
ATOM   869  O OE1   . GLU A 1 132 ? 6.020   -14.489 1.494   1.00 136.39 ? 132 GLU A OE1   1 
ATOM   870  O OE2   . GLU A 1 132 ? 7.107   -15.346 -0.192  1.00 147.32 ? 132 GLU A OE2   1 
ATOM   871  N N     . GLU A 1 133 ? 11.046  -12.765 4.766   1.00 68.15  ? 133 GLU A N     1 
ATOM   872  C CA    . GLU A 1 133 ? 11.680  -12.501 6.075   1.00 61.56  ? 133 GLU A CA    1 
ATOM   873  C C     . GLU A 1 133 ? 12.235  -11.083 5.936   1.00 57.62  ? 133 GLU A C     1 
ATOM   874  O O     . GLU A 1 133 ? 12.426  -10.376 6.909   1.00 62.28  ? 133 GLU A O     1 
ATOM   875  C CB    . GLU A 1 133 ? 12.827  -13.494 6.339   1.00 58.20  ? 133 GLU A CB    1 
ATOM   876  C CG    . GLU A 1 133 ? 13.737  -13.189 7.534   1.00 54.64  ? 133 GLU A CG    1 
ATOM   877  C CD    . GLU A 1 133 ? 14.818  -14.280 7.757   1.00 71.15  ? 133 GLU A CD    1 
ATOM   878  O OE1   . GLU A 1 133 ? 15.875  -14.247 7.076   1.00 80.19  ? 133 GLU A OE1   1 
ATOM   879  O OE2   . GLU A 1 133 ? 14.613  -15.179 8.615   1.00 81.07  ? 133 GLU A OE2   1 
ATOM   880  N N     . GLU A 1 134 ? 12.498  -10.688 4.699   1.00 47.20  ? 134 GLU A N     1 
ATOM   881  C CA    . GLU A 1 134 ? 13.012  -9.371  4.425   1.00 38.61  ? 134 GLU A CA    1 
ATOM   882  C C     . GLU A 1 134 ? 11.817  -8.463  4.405   1.00 40.25  ? 134 GLU A C     1 
ATOM   883  O O     . GLU A 1 134 ? 11.853  -7.358  4.932   1.00 43.33  ? 134 GLU A O     1 
ATOM   884  C CB    . GLU A 1 134 ? 13.644  -9.368  3.067   1.00 35.57  ? 134 GLU A CB    1 
ATOM   885  C CG    . GLU A 1 134 ? 14.259  -8.076  2.702   1.00 56.57  ? 134 GLU A CG    1 
ATOM   886  C CD    . GLU A 1 134 ? 14.174  -7.846  1.218   1.00 63.10  ? 134 GLU A CD    1 
ATOM   887  O OE1   . GLU A 1 134 ? 14.771  -8.663  0.466   1.00 52.74  ? 134 GLU A OE1   1 
ATOM   888  O OE2   . GLU A 1 134 ? 13.496  -6.867  0.813   1.00 76.80  ? 134 GLU A OE2   1 
ATOM   889  N N     . MET A 1 135 ? 10.747  -8.942  3.782   1.00 37.66  ? 135 MET A N     1 
ATOM   890  C CA    . MET A 1 135 ? 9.525   -8.188  3.692   1.00 27.53  ? 135 MET A CA    1 
ATOM   891  C C     . MET A 1 135 ? 9.069   -7.896  5.106   1.00 26.84  ? 135 MET A C     1 
ATOM   892  O O     . MET A 1 135 ? 8.886   -6.752  5.465   1.00 26.13  ? 135 MET A O     1 
ATOM   893  C CB    . MET A 1 135 ? 8.472   -9.005  2.971   1.00 23.24  ? 135 MET A CB    1 
ATOM   894  C CG    . MET A 1 135 ? 8.275   -8.600  1.542   1.00 32.43  ? 135 MET A CG    1 
ATOM   895  S SD    . MET A 1 135 ? 7.273   -9.798  0.664   1.00 39.67  ? 135 MET A SD    1 
ATOM   896  C CE    . MET A 1 135 ? 5.639   -9.365  1.311   1.00 39.70  ? 135 MET A CE    1 
ATOM   897  N N     . ALA A 1 136 ? 9.006   -8.930  5.934   1.00 24.11  ? 136 ALA A N     1 
ATOM   898  C CA    . ALA A 1 136 ? 8.567   -8.786  7.308   1.00 29.08  ? 136 ALA A CA    1 
ATOM   899  C C     . ALA A 1 136 ? 9.445   -7.821  8.096   1.00 35.08  ? 136 ALA A C     1 
ATOM   900  O O     . ALA A 1 136 ? 9.039   -7.290  9.128   1.00 35.99  ? 136 ALA A O     1 
ATOM   901  C CB    . ALA A 1 136 ? 8.541   -10.116 7.973   1.00 30.76  ? 136 ALA A CB    1 
ATOM   902  N N     . ALA A 1 137 ? 10.664  -7.609  7.625   1.00 36.68  ? 137 ALA A N     1 
ATOM   903  C CA    . ALA A 1 137 ? 11.565  -6.693  8.298   1.00 29.74  ? 137 ALA A CA    1 
ATOM   904  C C     . ALA A 1 137 ? 11.127  -5.291  7.929   1.00 32.46  ? 137 ALA A C     1 
ATOM   905  O O     . ALA A 1 137 ? 10.748  -4.500  8.798   1.00 36.38  ? 137 ALA A O     1 
ATOM   906  C CB    . ALA A 1 137 ? 13.004  -6.932  7.855   1.00 32.13  ? 137 ALA A CB    1 
ATOM   907  N N     . GLU A 1 138 ? 11.112  -5.002  6.630   1.00 30.69  ? 138 GLU A N     1 
ATOM   908  C CA    . GLU A 1 138 ? 10.728  -3.679  6.175   1.00 26.61  ? 138 GLU A CA    1 
ATOM   909  C C     . GLU A 1 138 ? 9.415   -3.236  6.774   1.00 28.90  ? 138 GLU A C     1 
ATOM   910  O O     . GLU A 1 138 ? 9.150   -2.051  6.901   1.00 36.36  ? 138 GLU A O     1 
ATOM   911  C CB    . GLU A 1 138 ? 10.620  -3.612  4.679   1.00 18.42  ? 138 GLU A CB    1 
ATOM   912  C CG    . GLU A 1 138 ? 10.502  -2.181  4.219   1.00 28.41  ? 138 GLU A CG    1 
ATOM   913  C CD    . GLU A 1 138 ? 10.153  -2.025  2.755   1.00 25.52  ? 138 GLU A CD    1 
ATOM   914  O OE1   . GLU A 1 138 ? 10.522  -2.874  1.946   1.00 42.47  ? 138 GLU A OE1   1 
ATOM   915  O OE2   . GLU A 1 138 ? 9.515   -1.037  2.399   1.00 41.67  ? 138 GLU A OE2   1 
ATOM   916  N N     . ALA A 1 139 ? 8.584   -4.194  7.136   1.00 32.45  ? 139 ALA A N     1 
ATOM   917  C CA    . ALA A 1 139 ? 7.292   -3.899  7.733   1.00 33.67  ? 139 ALA A CA    1 
ATOM   918  C C     . ALA A 1 139 ? 7.443   -3.483  9.178   1.00 32.85  ? 139 ALA A C     1 
ATOM   919  O O     . ALA A 1 139 ? 7.083   -2.365  9.547   1.00 34.86  ? 139 ALA A O     1 
ATOM   920  C CB    . ALA A 1 139 ? 6.387   -5.116  7.646   1.00 36.25  ? 139 ALA A CB    1 
ATOM   921  N N     . ALA A 1 140 ? 7.965   -4.375  10.009  1.00 35.99  ? 140 ALA A N     1 
ATOM   922  C CA    . ALA A 1 140 ? 8.128   -4.047  11.419  1.00 37.15  ? 140 ALA A CA    1 
ATOM   923  C C     . ALA A 1 140 ? 8.844   -2.704  11.519  1.00 33.36  ? 140 ALA A C     1 
ATOM   924  O O     . ALA A 1 140 ? 8.495   -1.861  12.334  1.00 32.88  ? 140 ALA A O     1 
ATOM   925  C CB    . ALA A 1 140 ? 8.878   -5.155  12.162  1.00 31.94  ? 140 ALA A CB    1 
ATOM   926  N N     . ALA A 1 141 ? 9.761   -2.461  10.602  1.00 25.35  ? 141 ALA A N     1 
ATOM   927  C CA    . ALA A 1 141 ? 10.454  -1.200  10.596  1.00 22.14  ? 141 ALA A CA    1 
ATOM   928  C C     . ALA A 1 141 ? 9.467   -0.041  10.432  1.00 26.39  ? 141 ALA A C     1 
ATOM   929  O O     . ALA A 1 141 ? 9.508   0.925   11.187  1.00 29.49  ? 141 ALA A O     1 
ATOM   930  C CB    . ALA A 1 141 ? 11.439  -1.183  9.506   1.00 29.03  ? 141 ALA A CB    1 
ATOM   931  N N     . LEU A 1 142 ? 8.555   -0.152  9.470   1.00 31.85  ? 142 LEU A N     1 
ATOM   932  C CA    . LEU A 1 142 ? 7.574   0.892   9.208   1.00 24.80  ? 142 LEU A CA    1 
ATOM   933  C C     . LEU A 1 142 ? 6.563   0.959   10.307  1.00 21.52  ? 142 LEU A C     1 
ATOM   934  O O     . LEU A 1 142 ? 6.208   2.017   10.778  1.00 25.70  ? 142 LEU A O     1 
ATOM   935  C CB    . LEU A 1 142 ? 6.853   0.623   7.903   1.00 13.39  ? 142 LEU A CB    1 
ATOM   936  C CG    . LEU A 1 142 ? 7.678   0.832   6.639   1.00 22.70  ? 142 LEU A CG    1 
ATOM   937  C CD1   . LEU A 1 142 ? 6.840   0.564   5.422   1.00 26.21  ? 142 LEU A CD1   1 
ATOM   938  C CD2   . LEU A 1 142 ? 8.217   2.237   6.589   1.00 31.87  ? 142 LEU A CD2   1 
ATOM   939  N N     . ARG A 1 143 ? 6.186   -0.198  10.795  1.00 15.53  ? 143 ARG A N     1 
ATOM   940  C CA    . ARG A 1 143 ? 5.196   -0.284  11.827  1.00 15.95  ? 143 ARG A CA    1 
ATOM   941  C C     . ARG A 1 143 ? 5.521   0.629   12.993  1.00 22.99  ? 143 ARG A C     1 
ATOM   942  O O     . ARG A 1 143 ? 4.624   1.103   13.689  1.00 24.53  ? 143 ARG A O     1 
ATOM   943  C CB    . ARG A 1 143 ? 5.085   -1.728  12.300  1.00 21.34  ? 143 ARG A CB    1 
ATOM   944  C CG    . ARG A 1 143 ? 3.657   -2.212  12.484  1.00 32.12  ? 143 ARG A CG    1 
ATOM   945  C CD    . ARG A 1 143 ? 3.556   -3.691  12.716  1.00 23.79  ? 143 ARG A CD    1 
ATOM   946  N NE    . ARG A 1 143 ? 4.307   -4.430  11.718  1.00 27.54  ? 143 ARG A NE    1 
ATOM   947  C CZ    . ARG A 1 143 ? 4.350   -5.756  11.664  1.00 47.32  ? 143 ARG A CZ    1 
ATOM   948  N NH1   . ARG A 1 143 ? 3.672   -6.476  12.552  1.00 57.37  ? 143 ARG A NH1   1 
ATOM   949  N NH2   . ARG A 1 143 ? 5.110   -6.367  10.762  1.00 49.60  ? 143 ARG A NH2   1 
ATOM   950  N N     . VAL A 1 144 ? 6.805   0.904   13.180  1.00 33.44  ? 144 VAL A N     1 
ATOM   951  C CA    . VAL A 1 144 ? 7.276   1.741   14.277  1.00 38.64  ? 144 VAL A CA    1 
ATOM   952  C C     . VAL A 1 144 ? 6.783   3.173   14.253  1.00 38.79  ? 144 VAL A C     1 
ATOM   953  O O     . VAL A 1 144 ? 6.528   3.748   15.302  1.00 42.63  ? 144 VAL A O     1 
ATOM   954  C CB    . VAL A 1 144 ? 8.811   1.737   14.344  1.00 38.60  ? 144 VAL A CB    1 
ATOM   955  C CG1   . VAL A 1 144 ? 9.323   2.907   15.178  1.00 43.91  ? 144 VAL A CG1   1 
ATOM   956  C CG2   . VAL A 1 144 ? 9.271   0.433   14.944  1.00 27.55  ? 144 VAL A CG2   1 
ATOM   957  N N     . TYR A 1 145 ? 6.596   3.725   13.065  1.00 38.16  ? 145 TYR A N     1 
ATOM   958  C CA    . TYR A 1 145 ? 6.138   5.095   12.945  1.00 34.72  ? 145 TYR A CA    1 
ATOM   959  C C     . TYR A 1 145 ? 4.658   5.337   13.281  1.00 31.50  ? 145 TYR A C     1 
ATOM   960  O O     . TYR A 1 145 ? 4.256   6.454   13.558  1.00 28.73  ? 145 TYR A O     1 
ATOM   961  C CB    . TYR A 1 145 ? 6.437   5.595   11.556  1.00 24.94  ? 145 TYR A CB    1 
ATOM   962  C CG    . TYR A 1 145 ? 7.897   5.691   11.182  1.00 24.77  ? 145 TYR A CG    1 
ATOM   963  C CD1   . TYR A 1 145 ? 8.607   4.576   10.733  1.00 23.23  ? 145 TYR A CD1   1 
ATOM   964  C CD2   . TYR A 1 145 ? 8.541   6.932   11.165  1.00 37.96  ? 145 TYR A CD2   1 
ATOM   965  C CE1   . TYR A 1 145 ? 9.897   4.704   10.265  1.00 25.19  ? 145 TYR A CE1   1 
ATOM   966  C CE2   . TYR A 1 145 ? 9.825   7.061   10.702  1.00 32.82  ? 145 TYR A CE2   1 
ATOM   967  C CZ    . TYR A 1 145 ? 10.494  5.949   10.250  1.00 27.97  ? 145 TYR A CZ    1 
ATOM   968  O OH    . TYR A 1 145 ? 11.727  6.112   9.713   1.00 47.52  ? 145 TYR A OH    1 
ATOM   969  N N     . PHE A 1 146 ? 3.848   4.292   13.262  1.00 38.31  ? 146 PHE A N     1 
ATOM   970  C CA    . PHE A 1 146 ? 2.423   4.460   13.531  1.00 42.82  ? 146 PHE A CA    1 
ATOM   971  C C     . PHE A 1 146 ? 2.074   4.219   14.993  1.00 54.61  ? 146 PHE A C     1 
ATOM   972  O O     . PHE A 1 146 ? 0.959   4.506   15.414  1.00 64.04  ? 146 PHE A O     1 
ATOM   973  C CB    . PHE A 1 146 ? 1.574   3.526   12.630  1.00 41.44  ? 146 PHE A CB    1 
ATOM   974  C CG    . PHE A 1 146 ? 1.789   3.750   11.159  1.00 27.09  ? 146 PHE A CG    1 
ATOM   975  C CD1   . PHE A 1 146 ? 1.276   4.886   10.549  1.00 25.92  ? 146 PHE A CD1   1 
ATOM   976  C CD2   . PHE A 1 146 ? 2.605   2.907   10.420  1.00 24.72  ? 146 PHE A CD2   1 
ATOM   977  C CE1   . PHE A 1 146 ? 1.579   5.193   9.245   1.00 20.45  ? 146 PHE A CE1   1 
ATOM   978  C CE2   . PHE A 1 146 ? 2.916   3.203   9.105   1.00 17.31  ? 146 PHE A CE2   1 
ATOM   979  C CZ    . PHE A 1 146 ? 2.403   4.355   8.520   1.00 27.57  ? 146 PHE A CZ    1 
ATOM   980  N N     . GLN A 1 147 ? 3.013   3.654   15.747  1.00 65.49  ? 147 GLN A N     1 
ATOM   981  C CA    . GLN A 1 147 ? 2.826   3.308   17.167  1.00 67.48  ? 147 GLN A CA    1 
ATOM   982  C C     . GLN A 1 147 ? 2.004   4.272   18.014  1.00 69.48  ? 147 GLN A C     1 
ATOM   983  O O     . GLN A 1 147 ? 2.456   5.432   18.195  1.00 65.99  ? 147 GLN A O     1 
ATOM   984  C CB    . GLN A 1 147 ? 4.183   3.073   17.843  1.00 67.29  ? 147 GLN A CB    1 
ATOM   985  C CG    . GLN A 1 147 ? 4.877   1.809   17.392  1.00 75.29  ? 147 GLN A CG    1 
ATOM   986  C CD    . GLN A 1 147 ? 6.284   1.632   17.983  1.00 77.46  ? 147 GLN A CD    1 
ATOM   987  O OE1   . GLN A 1 147 ? 6.690   2.333   18.925  1.00 77.00  ? 147 GLN A OE1   1 
ATOM   988  N NE2   . GLN A 1 147 ? 7.029   0.662   17.437  1.00 75.39  ? 147 GLN A NE2   1 
ATOM   989  O OXT   . GLN A 1 147 ? 0.944   3.828   18.533  1.00 73.33  ? 147 GLN A OXT   1 
HETATM 990  W W     . AMW B 2 .   ? -1.748  -3.370  -9.620  0.50 67.03  ? 148 AMW A W     1 
HETATM 991  O O1W   . AMW B 2 .   ? -3.166  -4.129  -10.175 0.50 69.91  ? 148 AMW A O1W   1 
HETATM 992  O O2W   . AMW B 2 .   ? -1.561  -1.676  -9.814  0.50 59.90  ? 148 AMW A O2W   1 
HETATM 993  O O3W   . AMW B 2 .   ? -0.838  -3.651  -11.291 0.50 60.11  ? 148 AMW A O3W   1 
HETATM 994  O "O5'" . AMW B 2 .   ? -0.517  -4.330  -8.892  1.00 54.37  ? 148 AMW A "O5'" 1 
HETATM 995  C "C5'" . AMW B 2 .   ? -0.398  -5.332  -8.089  1.00 38.23  ? 148 AMW A "C5'" 1 
HETATM 996  C "C4'" . AMW B 2 .   ? 0.550   -4.996  -6.900  1.00 43.63  ? 148 AMW A "C4'" 1 
HETATM 997  O "O4'" . AMW B 2 .   ? 0.731   -6.096  -5.905  1.00 37.08  ? 148 AMW A "O4'" 1 
HETATM 998  C "C3'" . AMW B 2 .   ? 1.922   -4.842  -7.657  1.00 41.23  ? 148 AMW A "C3'" 1 
HETATM 999  O "O3'" . AMW B 2 .   ? 2.725   -3.778  -7.177  1.00 44.67  ? 148 AMW A "O3'" 1 
HETATM 1000 C "C2'" . AMW B 2 .   ? 2.582   -6.194  -7.399  1.00 48.60  ? 148 AMW A "C2'" 1 
HETATM 1001 O "O2'" . AMW B 2 .   ? 4.000   -6.142  -7.590  1.00 40.44  ? 148 AMW A "O2'" 1 
HETATM 1002 C "C1'" . AMW B 2 .   ? 2.172   -6.417  -5.916  1.00 46.66  ? 148 AMW A "C1'" 1 
HETATM 1003 N N9    . AMW B 2 .   ? 2.320   -7.785  -5.311  1.00 55.68  ? 148 AMW A N9    1 
HETATM 1004 C C8    . AMW B 2 .   ? 1.815   -8.968  -5.791  1.00 59.16  ? 148 AMW A C8    1 
HETATM 1005 N N7    . AMW B 2 .   ? 1.041   -9.606  -4.912  1.00 60.73  ? 148 AMW A N7    1 
HETATM 1006 C C5    . AMW B 2 .   ? 1.627   -9.166  -3.729  1.00 55.44  ? 148 AMW A C5    1 
HETATM 1007 C C6    . AMW B 2 .   ? 1.555   -9.664  -2.346  1.00 53.52  ? 148 AMW A C6    1 
HETATM 1008 N N6    . AMW B 2 .   ? 0.607   -10.547 -1.964  1.00 42.43  ? 148 AMW A N6    1 
HETATM 1009 N N1    . AMW B 2 .   ? 2.514   -9.156  -1.528  1.00 60.82  ? 148 AMW A N1    1 
HETATM 1010 C C2    . AMW B 2 .   ? 3.163   -8.002  -1.785  1.00 63.16  ? 148 AMW A C2    1 
HETATM 1011 N N3    . AMW B 2 .   ? 3.187   -7.380  -2.992  1.00 60.31  ? 148 AMW A N3    1 
HETATM 1012 C C4    . AMW B 2 .   ? 2.430   -8.057  -3.944  1.00 59.90  ? 148 AMW A C4    1 
HETATM 1013 O O     . HOH C 3 .   ? 8.481   -1.985  -0.536  1.00 56.29  ? 149 HOH A O     1 
HETATM 1014 O O     . HOH C 3 .   ? -3.636  -0.281  -8.690  1.00 43.02  ? 150 HOH A O     1 
HETATM 1015 O O     . HOH C 3 .   ? -12.828 -2.194  3.425   1.00 38.22  ? 151 HOH A O     1 
HETATM 1016 O O     . HOH C 3 .   ? -11.580 1.184   2.801   1.00 53.59  ? 152 HOH A O     1 
HETATM 1017 O O     . HOH C 3 .   ? -7.031  -0.576  -7.763  1.00 48.79  ? 153 HOH A O     1 
HETATM 1018 O O     . HOH C 3 .   ? 7.495   -2.468  15.192  1.00 33.83  ? 154 HOH A O     1 
HETATM 1019 O O     . HOH C 3 .   ? -6.813  6.674   9.152   1.00 62.78  ? 155 HOH A O     1 
HETATM 1020 O O     . HOH C 3 .   ? -0.345  3.798   -13.610 1.00 32.65  ? 156 HOH A O     1 
HETATM 1021 O O     . HOH C 3 .   ? 7.009   -8.018  10.827  1.00 54.42  ? 157 HOH A O     1 
HETATM 1022 O O     . HOH C 3 .   ? 0.379   0.141   12.381  1.00 77.47  ? 158 HOH A O     1 
HETATM 1023 O O     . HOH C 3 .   ? 11.083  -0.873  -0.021  1.00 29.09  ? 159 HOH A O     1 
HETATM 1024 O O     . HOH C 3 .   ? -14.548 3.108   -10.223 1.00 53.49  ? 160 HOH A O     1 
HETATM 1025 O O     . HOH C 3 .   ? -13.811 -3.598  5.507   1.00 33.27  ? 161 HOH A O     1 
HETATM 1026 O O     . HOH C 3 .   ? -7.951  -8.577  7.902   1.00 41.79  ? 162 HOH A O     1 
HETATM 1027 O O     . HOH C 3 .   ? 0.050   -7.155  11.233  1.00 61.53  ? 163 HOH A O     1 
HETATM 1028 O O     . HOH C 3 .   ? -8.344  -11.405 -7.101  1.00 65.02  ? 164 HOH A O     1 
HETATM 1029 O O     . HOH C 3 .   ? 6.246   -4.072  -11.325 1.00 74.31  ? 165 HOH A O     1 
HETATM 1030 O O     . HOH C 3 .   ? 15.904  3.462   5.163   1.00 49.81  ? 166 HOH A O     1 
HETATM 1031 O O     . HOH C 3 .   ? -5.490  11.207  6.639   1.00 38.65  ? 167 HOH A O     1 
HETATM 1032 O O     . HOH C 3 .   ? -13.854 6.249   8.081   1.00 62.48  ? 168 HOH A O     1 
HETATM 1033 O O     . HOH C 3 .   ? 12.840  8.946   10.246  1.00 61.02  ? 169 HOH A O     1 
HETATM 1034 O O     . HOH C 3 .   ? 0.035   8.023   11.323  1.00 38.11  ? 170 HOH A O     1 
HETATM 1035 O O     . HOH C 3 .   ? -13.740 -6.348  5.555   1.00 71.55  ? 171 HOH A O     1 
HETATM 1036 O O     . HOH C 3 .   ? 4.447   -3.395  -9.112  1.00 36.77  ? 172 HOH A O     1 
HETATM 1037 O O     . HOH C 3 .   ? -1.433  -10.296 -14.629 1.00 59.01  ? 173 HOH A O     1 
HETATM 1038 O O     . HOH C 3 .   ? 2.918   -12.644 1.797   1.00 49.65  ? 174 HOH A O     1 
HETATM 1039 O O     . HOH C 3 .   ? -0.614  -4.094  12.227  1.00 73.63  ? 175 HOH A O     1 
HETATM 1040 O O     . HOH C 3 .   ? 13.171  5.618   -1.684  1.00 51.89  ? 176 HOH A O     1 
HETATM 1041 O O     . HOH C 3 .   ? 2.312   -13.472 10.984  1.00 56.87  ? 177 HOH A O     1 
HETATM 1042 O O     . HOH C 3 .   ? -14.302 -10.386 -9.490  1.00 81.83  ? 178 HOH A O     1 
HETATM 1043 O O     . HOH C 3 .   ? -7.799  -8.404  -16.355 1.00 69.66  ? 179 HOH A O     1 
HETATM 1044 O O     . HOH C 3 .   ? -12.472 -5.931  10.287  1.00 75.61  ? 180 HOH A O     1 
HETATM 1045 O O     . HOH C 3 .   ? -21.049 -4.242  1.540   1.00 79.93  ? 181 HOH A O     1 
HETATM 1046 O O     . HOH C 3 .   ? 5.387   13.361  10.287  1.00 76.88  ? 182 HOH A O     1 
HETATM 1047 O O     . HOH C 3 .   ? -13.278 -11.135 3.152   1.00 73.27  ? 183 HOH A O     1 
HETATM 1048 O O     . HOH C 3 .   ? -9.559  -0.758  -9.107  1.00 79.36  ? 184 HOH A O     1 
HETATM 1049 O O     . HOH C 3 .   ? 6.872   12.770  5.639   1.00 69.04  ? 185 HOH A O     1 
HETATM 1050 O O     . HOH C 3 .   ? 3.884   16.466  7.269   1.00 62.52  ? 186 HOH A O     1 
HETATM 1051 O O     . HOH C 3 .   ? -18.975 1.703   11.865  1.00 86.20  ? 187 HOH A O     1 
HETATM 1052 O O     . HOH C 3 .   ? 17.988  0.883   5.382   1.00 58.28  ? 188 HOH A O     1 
HETATM 1053 O O     . HOH C 3 .   ? -13.806 -4.648  -14.529 1.00 68.83  ? 189 HOH A O     1 
HETATM 1054 O O     . HOH C 3 .   ? 6.086   -5.278  15.404  1.00 90.88  ? 190 HOH A O     1 
HETATM 1055 O O     . HOH C 3 .   ? -0.353  12.297  8.590   1.00 88.31  ? 191 HOH A O     1 
HETATM 1056 O O     . HOH C 3 .   ? -6.856  -7.496  -13.749 1.00 87.30  ? 192 HOH A O     1 
HETATM 1057 O O     . HOH C 3 .   ? 5.303   14.887  4.464   1.00 82.02  ? 193 HOH A O     1 
HETATM 1058 O O     . HOH C 3 .   ? -3.600  -4.429  14.543  1.00 78.79  ? 194 HOH A O     1 
HETATM 1059 O O     . HOH C 3 .   ? 8.598   -13.273 -2.153  1.00 85.77  ? 195 HOH A O     1 
HETATM 1060 O O     . HOH C 3 .   ? 0.732   -17.637 3.174   1.00 87.79  ? 196 HOH A O     1 
HETATM 1061 O O     . HOH C 3 .   ? -17.767 4.489   8.849   1.00 80.70  ? 197 HOH A O     1 
HETATM 1062 O O     . HOH C 3 .   ? -20.066 -3.762  -4.674  1.00 76.91  ? 198 HOH A O     1 
HETATM 1063 O O     . HOH C 3 .   ? -17.852 -7.881  -12.526 1.00 85.89  ? 199 HOH A O     1 
HETATM 1064 O O     . HOH C 3 .   ? -21.328 1.795   6.706   1.00 101.25 ? 200 HOH A O     1 
HETATM 1065 O O     . HOH C 3 .   ? 14.995  5.445   -6.084  1.00 60.56  ? 201 HOH A O     1 
HETATM 1066 O O     . HOH C 3 .   ? -20.850 5.986   4.396   1.00 62.90  ? 202 HOH A O     1 
HETATM 1067 O O     . HOH C 3 .   ? -21.089 0.041   -6.726  1.00 71.07  ? 203 HOH A O     1 
HETATM 1068 O O     . HOH C 3 .   ? 16.153  12.988  -0.374  1.00 73.34  ? 204 HOH A O     1 
HETATM 1069 O O     . HOH C 3 .   ? 19.437  3.283   5.501   1.00 98.74  ? 205 HOH A O     1 
HETATM 1070 O O     . HOH C 3 .   ? -10.616 -9.846  10.764  1.00 86.10  ? 206 HOH A O     1 
HETATM 1071 O O     . HOH C 3 .   ? -15.466 -8.917  8.163   1.00 67.65  ? 207 HOH A O     1 
# 
